data_5UVE
#
_entry.id   5UVE
#
_cell.length_a   82.602
_cell.length_b   92.738
_cell.length_c   95.124
_cell.angle_alpha   95.19
_cell.angle_beta   110.87
_cell.angle_gamma   111.35
#
_symmetry.space_group_name_H-M   'P 1'
#
loop_
_entity.id
_entity.type
_entity.pdbx_description
1 polymer 'Substrate-binding region of ABC-type glycine betaine transport system'
2 non-polymer 'CALCIUM ION'
3 non-polymer GLYCEROL
4 water water
#
_entity_poly.entity_id   1
_entity_poly.type   'polypeptide(L)'
_entity_poly.pdbx_seq_one_letter_code
;SNAVAVSSKIDTEGGVLGNIILTVLNANGIKTTDRIQLGATPVVRKAITAGEIDIYPEYTGNAAFFFNKADDPLWKDPAK
AYETAKKLDYDANKIVWLTPSPANNTWGIAVRKDVANENKLASLSDFGKYIAGGGKVVLAASSEFVNSAAALPAFQTAYG
FTLKPDQLITLSGGDTAATIAAAANQTNGANAA(MSE)VYGTDGGIAPSGLVVLEDDKHVQPVYQPAPIIREEVLKKDPK
IEELLKPVFEKLDLTTLQDLNGRVQLGGEPAKAVAEDFLKKNGFLK
;
_entity_poly.pdbx_strand_id   A,B,C,D,E,F,G,H
#
# COMPACT_ATOMS: atom_id res chain seq x y z
N ASN A 2 28.78 -21.33 12.67
CA ASN A 2 27.63 -21.70 11.86
C ASN A 2 26.58 -22.44 12.69
N ALA A 3 25.60 -21.67 13.16
CA ALA A 3 24.57 -22.17 14.07
C ALA A 3 23.32 -22.60 13.29
N VAL A 4 22.76 -23.74 13.69
CA VAL A 4 21.56 -24.26 13.04
C VAL A 4 20.36 -23.51 13.60
N ALA A 5 19.58 -22.88 12.71
CA ALA A 5 18.44 -22.06 13.11
C ALA A 5 17.22 -22.94 13.33
N VAL A 6 16.85 -23.11 14.60
CA VAL A 6 15.67 -23.89 14.96
C VAL A 6 14.47 -22.97 15.05
N SER A 7 13.39 -23.35 14.37
CA SER A 7 12.17 -22.55 14.36
C SER A 7 10.96 -23.44 14.61
N SER A 8 9.76 -22.86 14.49
CA SER A 8 8.51 -23.60 14.65
C SER A 8 7.36 -22.65 14.29
N LYS A 9 6.16 -23.23 14.25
CA LYS A 9 4.97 -22.44 14.01
C LYS A 9 4.49 -21.78 15.30
N ILE A 10 3.50 -20.89 15.17
CA ILE A 10 3.13 -19.96 16.24
C ILE A 10 2.30 -20.57 17.36
N ASP A 11 1.74 -21.76 17.17
CA ASP A 11 0.88 -22.36 18.18
C ASP A 11 1.69 -23.03 19.30
N THR A 12 0.97 -23.59 20.26
CA THR A 12 1.60 -24.20 21.43
C THR A 12 2.50 -25.37 21.07
N GLU A 13 2.07 -26.23 20.15
CA GLU A 13 2.90 -27.40 19.82
C GLU A 13 4.20 -27.01 19.13
N GLY A 14 4.19 -25.96 18.32
CA GLY A 14 5.43 -25.50 17.73
C GLY A 14 6.46 -25.14 18.78
N GLY A 15 6.03 -24.47 19.85
CA GLY A 15 6.96 -24.13 20.91
C GLY A 15 7.49 -25.36 21.62
N VAL A 16 6.63 -26.33 21.89
CA VAL A 16 7.06 -27.55 22.56
C VAL A 16 7.98 -28.36 21.66
N LEU A 17 7.56 -28.60 20.42
CA LEU A 17 8.38 -29.37 19.49
C LEU A 17 9.63 -28.59 19.11
N GLY A 18 9.51 -27.27 18.94
CA GLY A 18 10.68 -26.48 18.64
C GLY A 18 11.70 -26.47 19.77
N ASN A 19 11.22 -26.39 21.02
CA ASN A 19 12.15 -26.42 22.15
C ASN A 19 12.75 -27.81 22.33
N ILE A 20 12.04 -28.86 21.92
CA ILE A 20 12.60 -30.22 21.97
C ILE A 20 13.76 -30.34 20.99
N ILE A 21 13.57 -29.84 19.76
CA ILE A 21 14.65 -29.90 18.78
C ILE A 21 15.85 -29.10 19.26
N LEU A 22 15.61 -27.97 19.91
CA LEU A 22 16.70 -27.09 20.32
C LEU A 22 17.57 -27.74 21.40
N THR A 23 16.93 -28.35 22.41
CA THR A 23 17.70 -28.92 23.52
C THR A 23 18.41 -30.21 23.14
N VAL A 24 17.79 -31.02 22.27
CA VAL A 24 18.44 -32.25 21.83
C VAL A 24 19.70 -31.90 21.05
N LEU A 25 19.63 -30.84 20.24
CA LEU A 25 20.79 -30.40 19.46
C LEU A 25 21.85 -29.78 20.37
N ASN A 26 21.41 -29.00 21.37
CA ASN A 26 22.34 -28.32 22.26
C ASN A 26 23.07 -29.31 23.16
N ALA A 27 22.38 -30.36 23.60
CA ALA A 27 22.98 -31.37 24.48
C ALA A 27 23.98 -32.25 23.74
N ASN A 28 24.00 -32.19 22.42
CA ASN A 28 24.90 -33.01 21.61
C ASN A 28 25.93 -32.15 20.88
N GLY A 29 26.22 -30.97 21.44
CA GLY A 29 27.30 -30.13 20.96
C GLY A 29 27.03 -29.38 19.67
N ILE A 30 25.79 -29.30 19.22
CA ILE A 30 25.44 -28.57 18.01
C ILE A 30 24.92 -27.20 18.44
N LYS A 31 25.68 -26.16 18.14
CA LYS A 31 25.27 -24.80 18.47
C LYS A 31 24.17 -24.34 17.52
N THR A 32 23.17 -23.67 18.08
CA THR A 32 21.94 -23.35 17.38
C THR A 32 21.60 -21.88 17.55
N THR A 33 20.65 -21.43 16.73
CA THR A 33 20.07 -20.11 16.84
C THR A 33 18.57 -20.28 17.05
N ASP A 34 18.00 -19.50 17.96
CA ASP A 34 16.61 -19.69 18.39
C ASP A 34 15.69 -18.80 17.55
N ARG A 35 14.82 -19.42 16.78
CA ARG A 35 13.80 -18.72 16.00
C ARG A 35 12.44 -19.36 16.23
N ILE A 36 12.17 -19.82 17.45
CA ILE A 36 10.96 -20.60 17.71
C ILE A 36 9.73 -19.70 17.65
N GLN A 37 8.64 -20.25 17.11
CA GLN A 37 7.36 -19.55 16.98
C GLN A 37 7.51 -18.27 16.16
N LEU A 38 8.02 -18.45 14.94
CA LEU A 38 8.25 -17.31 14.05
C LEU A 38 6.93 -16.75 13.52
N GLY A 39 6.01 -17.62 13.14
CA GLY A 39 4.73 -17.17 12.64
C GLY A 39 3.90 -18.35 12.19
N ALA A 40 2.92 -18.05 11.32
CA ALA A 40 2.04 -19.07 10.81
C ALA A 40 2.76 -19.92 9.75
N THR A 41 2.03 -20.91 9.21
CA THR A 41 2.63 -21.83 8.24
C THR A 41 3.19 -21.13 7.00
N PRO A 42 2.47 -20.23 6.32
CA PRO A 42 3.08 -19.59 5.13
C PRO A 42 4.32 -18.78 5.43
N VAL A 43 4.43 -18.22 6.64
CA VAL A 43 5.63 -17.46 6.98
C VAL A 43 6.81 -18.39 7.19
N VAL A 44 6.57 -19.53 7.85
CA VAL A 44 7.63 -20.51 8.08
C VAL A 44 7.99 -21.20 6.77
N ARG A 45 7.02 -21.36 5.86
CA ARG A 45 7.31 -21.93 4.55
C ARG A 45 8.21 -20.99 3.75
N LYS A 46 7.95 -19.67 3.83
CA LYS A 46 8.84 -18.69 3.21
C LYS A 46 10.22 -18.62 3.88
N ALA A 47 10.32 -18.90 5.18
CA ALA A 47 11.62 -18.77 5.82
C ALA A 47 12.55 -19.91 5.44
N ILE A 48 12.06 -21.15 5.44
CA ILE A 48 12.95 -22.27 5.14
C ILE A 48 13.26 -22.35 3.65
N THR A 49 12.33 -21.93 2.79
CA THR A 49 12.59 -21.95 1.36
C THR A 49 13.56 -20.84 0.93
N ALA A 50 13.74 -19.82 1.77
CA ALA A 50 14.67 -18.74 1.52
C ALA A 50 16.00 -18.90 2.26
N GLY A 51 16.14 -19.93 3.09
CA GLY A 51 17.38 -20.21 3.81
C GLY A 51 17.55 -19.48 5.12
N GLU A 52 16.49 -18.84 5.63
CA GLU A 52 16.57 -18.06 6.87
C GLU A 52 16.42 -18.90 8.12
N ILE A 53 15.72 -20.03 8.04
CA ILE A 53 15.66 -20.99 9.13
C ILE A 53 16.14 -22.32 8.59
N ASP A 54 16.50 -23.22 9.49
CA ASP A 54 17.12 -24.48 9.08
C ASP A 54 16.29 -25.70 9.41
N ILE A 55 15.67 -25.74 10.59
CA ILE A 55 14.88 -26.90 10.99
C ILE A 55 13.68 -26.43 11.80
N TYR A 56 12.54 -27.07 11.59
CA TYR A 56 11.31 -26.75 12.30
C TYR A 56 10.36 -27.93 12.16
N PRO A 57 9.37 -28.04 13.05
CA PRO A 57 8.43 -29.18 12.97
C PRO A 57 7.31 -28.88 11.99
N GLU A 58 7.12 -29.78 11.03
CA GLU A 58 6.08 -29.67 10.03
C GLU A 58 5.19 -30.92 10.06
N TYR A 59 3.95 -30.75 9.59
CA TYR A 59 2.97 -31.83 9.56
C TYR A 59 2.86 -32.42 8.16
N THR A 60 2.75 -33.75 8.10
CA THR A 60 2.79 -34.44 6.81
C THR A 60 1.65 -33.99 5.90
N GLY A 61 0.44 -33.89 6.44
CA GLY A 61 -0.70 -33.55 5.61
C GLY A 61 -0.64 -32.16 5.01
N ASN A 62 0.16 -31.26 5.60
CA ASN A 62 0.24 -29.90 5.06
C ASN A 62 0.91 -29.84 3.70
N ALA A 63 1.64 -30.88 3.31
CA ALA A 63 2.23 -30.91 1.97
C ALA A 63 1.17 -30.95 0.88
N ALA A 64 -0.05 -31.36 1.22
CA ALA A 64 -1.15 -31.30 0.25
C ALA A 64 -1.39 -29.87 -0.22
N PHE A 65 -1.23 -28.91 0.69
CA PHE A 65 -1.49 -27.51 0.34
C PHE A 65 -0.25 -26.82 -0.21
N PHE A 66 0.94 -27.32 0.11
CA PHE A 66 2.16 -26.77 -0.47
C PHE A 66 2.29 -27.12 -1.94
N PHE A 67 1.77 -28.27 -2.36
CA PHE A 67 1.99 -28.79 -3.71
C PHE A 67 0.72 -28.97 -4.52
N ASN A 68 -0.37 -28.31 -4.13
CA ASN A 68 -1.61 -28.27 -4.92
C ASN A 68 -2.16 -29.67 -5.17
N LYS A 69 -2.18 -30.49 -4.13
CA LYS A 69 -2.82 -31.81 -4.14
C LYS A 69 -3.71 -31.91 -2.91
N ALA A 70 -4.63 -30.94 -2.79
CA ALA A 70 -5.31 -30.68 -1.53
C ALA A 70 -6.16 -31.86 -1.09
N ASP A 71 -7.00 -32.37 -2.00
CA ASP A 71 -8.01 -33.35 -1.63
C ASP A 71 -7.62 -34.77 -2.05
N ASP A 72 -6.35 -35.00 -2.36
CA ASP A 72 -5.91 -36.30 -2.83
C ASP A 72 -6.09 -37.35 -1.73
N PRO A 73 -6.61 -38.53 -2.04
CA PRO A 73 -6.83 -39.55 -1.01
C PRO A 73 -5.57 -40.08 -0.35
N LEU A 74 -4.38 -39.85 -0.93
CA LEU A 74 -3.16 -40.39 -0.33
C LEU A 74 -2.84 -39.75 1.01
N TRP A 75 -3.31 -38.53 1.26
CA TRP A 75 -3.03 -37.87 2.53
C TRP A 75 -3.81 -38.48 3.68
N LYS A 76 -4.78 -39.35 3.41
CA LYS A 76 -5.49 -40.07 4.46
C LYS A 76 -4.77 -41.34 4.87
N ASP A 77 -3.62 -41.64 4.27
CA ASP A 77 -2.76 -42.76 4.66
C ASP A 77 -1.52 -42.23 5.35
N PRO A 78 -1.25 -42.61 6.61
CA PRO A 78 -0.05 -42.07 7.28
C PRO A 78 1.25 -42.36 6.54
N ALA A 79 1.42 -43.58 6.03
CA ALA A 79 2.68 -43.95 5.37
C ALA A 79 2.86 -43.20 4.05
N LYS A 80 1.82 -43.18 3.20
CA LYS A 80 1.91 -42.51 1.91
C LYS A 80 1.94 -40.99 2.07
N ALA A 81 1.28 -40.46 3.12
CA ALA A 81 1.32 -39.03 3.35
C ALA A 81 2.72 -38.58 3.76
N TYR A 82 3.43 -39.40 4.53
CA TYR A 82 4.78 -39.04 4.93
C TYR A 82 5.76 -39.16 3.77
N GLU A 83 5.71 -40.29 3.03
CA GLU A 83 6.66 -40.47 1.94
C GLU A 83 6.43 -39.49 0.80
N THR A 84 5.17 -39.12 0.55
CA THR A 84 4.91 -38.13 -0.50
C THR A 84 5.37 -36.75 -0.07
N ALA A 85 5.11 -36.38 1.20
CA ALA A 85 5.61 -35.11 1.71
C ALA A 85 7.13 -35.08 1.71
N LYS A 86 7.76 -36.21 2.03
CA LYS A 86 9.22 -36.28 2.08
C LYS A 86 9.83 -36.13 0.70
N LYS A 87 9.26 -36.80 -0.30
CA LYS A 87 9.87 -36.79 -1.63
C LYS A 87 9.59 -35.48 -2.36
N LEU A 88 8.36 -34.94 -2.23
CA LEU A 88 8.04 -33.70 -2.96
C LEU A 88 8.89 -32.54 -2.48
N ASP A 89 9.08 -32.43 -1.16
CA ASP A 89 9.85 -31.33 -0.60
C ASP A 89 11.34 -31.47 -0.88
N TYR A 90 11.82 -32.71 -1.04
CA TYR A 90 13.22 -32.89 -1.41
C TYR A 90 13.46 -32.51 -2.86
N ASP A 91 12.51 -32.84 -3.75
CA ASP A 91 12.65 -32.48 -5.16
C ASP A 91 12.48 -30.99 -5.37
N ALA A 92 11.57 -30.36 -4.62
CA ALA A 92 11.22 -28.97 -4.89
C ALA A 92 12.11 -27.97 -4.17
N ASN A 93 12.52 -28.29 -2.95
CA ASN A 93 13.30 -27.35 -2.14
C ASN A 93 14.54 -27.95 -1.48
N LYS A 94 14.83 -29.23 -1.72
CA LYS A 94 15.94 -29.91 -1.04
C LYS A 94 15.78 -29.86 0.47
N ILE A 95 14.53 -29.95 0.92
CA ILE A 95 14.20 -30.08 2.35
C ILE A 95 14.05 -31.55 2.68
N VAL A 96 14.69 -31.97 3.77
CA VAL A 96 14.73 -33.37 4.17
C VAL A 96 13.78 -33.57 5.33
N TRP A 97 12.78 -34.42 5.14
CA TRP A 97 11.87 -34.79 6.23
C TRP A 97 12.50 -35.91 7.04
N LEU A 98 12.68 -35.68 8.34
CA LEU A 98 13.27 -36.67 9.23
C LEU A 98 12.16 -37.58 9.77
N THR A 99 12.50 -38.41 10.74
CA THR A 99 11.56 -39.39 11.26
C THR A 99 10.37 -38.69 11.94
N PRO A 100 9.14 -39.05 11.59
CA PRO A 100 7.96 -38.40 12.17
C PRO A 100 7.52 -39.02 13.49
N SER A 101 6.63 -38.28 14.18
CA SER A 101 5.93 -38.66 15.40
C SER A 101 4.64 -39.42 15.07
N PRO A 102 4.27 -40.40 15.90
CA PRO A 102 3.04 -41.15 15.63
C PRO A 102 1.76 -40.35 15.85
N ALA A 103 1.84 -39.21 16.53
CA ALA A 103 0.64 -38.45 16.88
C ALA A 103 -0.02 -37.86 15.64
N ASN A 104 -1.34 -38.05 15.54
CA ASN A 104 -2.11 -37.55 14.40
C ASN A 104 -2.91 -36.33 14.87
N ASN A 105 -2.38 -35.14 14.56
CA ASN A 105 -2.98 -33.87 14.98
C ASN A 105 -3.98 -33.42 13.91
N THR A 106 -5.10 -34.14 13.86
CA THR A 106 -6.10 -33.92 12.83
C THR A 106 -7.47 -33.66 13.46
N TRP A 107 -8.43 -33.35 12.59
CA TRP A 107 -9.78 -33.08 12.98
C TRP A 107 -10.42 -34.33 13.56
N GLY A 108 -11.08 -34.20 14.70
CA GLY A 108 -11.69 -35.36 15.32
C GLY A 108 -12.75 -35.00 16.34
N ILE A 109 -13.20 -36.02 17.06
CA ILE A 109 -14.20 -35.88 18.10
C ILE A 109 -13.61 -36.42 19.41
N ALA A 110 -13.68 -35.62 20.45
CA ALA A 110 -13.26 -36.02 21.79
C ALA A 110 -14.47 -36.06 22.71
N VAL A 111 -14.50 -37.06 23.58
CA VAL A 111 -15.57 -37.26 24.53
C VAL A 111 -15.01 -37.10 25.93
N ARG A 112 -15.90 -36.90 26.90
CA ARG A 112 -15.50 -36.87 28.29
C ARG A 112 -15.07 -38.27 28.72
N LYS A 113 -14.15 -38.35 29.69
CA LYS A 113 -13.63 -39.65 30.07
C LYS A 113 -14.73 -40.57 30.57
N ASP A 114 -15.73 -40.01 31.29
CA ASP A 114 -16.77 -40.86 31.85
C ASP A 114 -17.53 -41.59 30.77
N VAL A 115 -17.95 -40.89 29.70
CA VAL A 115 -18.70 -41.54 28.62
C VAL A 115 -17.80 -42.51 27.86
N ALA A 116 -16.52 -42.18 27.71
CA ALA A 116 -15.61 -43.13 27.10
C ALA A 116 -15.42 -44.35 27.98
N ASN A 117 -15.23 -44.14 29.27
CA ASN A 117 -15.01 -45.25 30.18
C ASN A 117 -16.23 -46.13 30.39
N GLU A 118 -17.36 -45.45 30.52
CA GLU A 118 -18.64 -46.07 30.74
C GLU A 118 -19.11 -46.94 29.59
N ASN A 119 -18.87 -46.48 28.38
CA ASN A 119 -19.29 -47.23 27.20
C ASN A 119 -18.16 -47.89 26.41
N LYS A 120 -16.96 -47.88 26.96
CA LYS A 120 -15.80 -48.47 26.31
C LYS A 120 -15.60 -47.91 24.89
N LEU A 121 -15.38 -46.60 24.85
CA LEU A 121 -15.11 -45.85 23.63
C LEU A 121 -13.62 -45.53 23.52
N ALA A 122 -12.98 -46.06 22.48
CA ALA A 122 -11.62 -45.68 22.15
C ALA A 122 -11.45 -45.20 20.71
N SER A 123 -12.36 -45.53 19.80
CA SER A 123 -12.27 -45.16 18.39
C SER A 123 -13.61 -44.63 17.90
N LEU A 124 -13.60 -44.10 16.67
CA LEU A 124 -14.83 -43.60 16.07
C LEU A 124 -15.75 -44.72 15.59
N SER A 125 -15.23 -45.93 15.37
CA SER A 125 -16.12 -47.04 15.04
C SER A 125 -16.92 -47.48 16.26
N ASP A 126 -16.29 -47.51 17.43
CA ASP A 126 -17.04 -47.72 18.67
C ASP A 126 -18.03 -46.58 18.90
N PHE A 127 -17.61 -45.35 18.59
CA PHE A 127 -18.47 -44.18 18.75
C PHE A 127 -19.71 -44.28 17.87
N GLY A 128 -19.55 -44.77 16.64
CA GLY A 128 -20.68 -44.81 15.72
C GLY A 128 -21.76 -45.77 16.14
N LYS A 129 -21.36 -46.98 16.58
CA LYS A 129 -22.34 -47.95 17.04
C LYS A 129 -22.94 -47.58 18.38
N TYR A 130 -22.29 -46.70 19.15
CA TYR A 130 -22.89 -46.21 20.38
C TYR A 130 -24.07 -45.31 20.06
N ILE A 131 -23.94 -44.46 19.04
CA ILE A 131 -25.05 -43.62 18.62
C ILE A 131 -26.11 -44.44 17.91
N ALA A 132 -25.69 -45.44 17.12
CA ALA A 132 -26.65 -46.28 16.41
C ALA A 132 -27.51 -47.07 17.38
N GLY A 133 -27.00 -47.35 18.58
CA GLY A 133 -27.75 -48.07 19.58
C GLY A 133 -28.48 -47.18 20.58
N GLY A 134 -28.78 -45.95 20.19
CA GLY A 134 -29.52 -45.07 21.08
C GLY A 134 -28.68 -44.39 22.14
N GLY A 135 -27.39 -44.21 21.88
CA GLY A 135 -26.49 -43.63 22.87
C GLY A 135 -26.73 -42.16 23.16
N LYS A 136 -26.31 -41.81 24.38
CA LYS A 136 -26.31 -40.45 24.92
C LYS A 136 -25.09 -39.67 24.42
N VAL A 137 -25.34 -38.70 23.53
CA VAL A 137 -24.31 -37.84 22.97
C VAL A 137 -24.95 -36.53 22.54
N VAL A 138 -24.32 -35.42 22.89
CA VAL A 138 -24.62 -34.13 22.29
C VAL A 138 -23.26 -33.49 22.07
N LEU A 139 -22.95 -33.17 20.81
CA LEU A 139 -21.63 -32.77 20.35
C LEU A 139 -21.50 -31.25 20.16
N ALA A 140 -20.45 -30.66 20.73
CA ALA A 140 -20.12 -29.26 20.52
C ALA A 140 -19.14 -29.13 19.36
N ALA A 141 -19.55 -28.41 18.32
CA ALA A 141 -18.74 -28.28 17.12
C ALA A 141 -19.08 -26.97 16.43
N SER A 142 -18.27 -26.62 15.43
CA SER A 142 -18.55 -25.44 14.62
C SER A 142 -19.57 -25.78 13.53
N SER A 143 -20.22 -24.73 13.01
CA SER A 143 -21.16 -24.94 11.91
C SER A 143 -20.48 -25.56 10.70
N GLU A 144 -19.21 -25.20 10.45
CA GLU A 144 -18.47 -25.79 9.34
C GLU A 144 -18.29 -27.30 9.53
N PHE A 145 -17.97 -27.72 10.76
CA PHE A 145 -17.78 -29.15 11.03
C PHE A 145 -19.06 -29.93 10.82
N VAL A 146 -20.21 -29.34 11.17
CA VAL A 146 -21.46 -30.09 11.12
C VAL A 146 -21.96 -30.22 9.68
N ASN A 147 -21.75 -29.20 8.86
CA ASN A 147 -22.35 -29.12 7.53
C ASN A 147 -21.44 -29.56 6.41
N SER A 148 -20.14 -29.25 6.49
CA SER A 148 -19.22 -29.52 5.39
C SER A 148 -19.09 -31.02 5.12
N ALA A 149 -19.08 -31.38 3.83
CA ALA A 149 -19.12 -32.78 3.42
C ALA A 149 -17.90 -33.55 3.91
N ALA A 150 -16.77 -32.87 4.10
CA ALA A 150 -15.54 -33.54 4.49
C ALA A 150 -15.45 -33.81 5.99
N ALA A 151 -16.39 -33.30 6.78
CA ALA A 151 -16.31 -33.45 8.24
C ALA A 151 -17.36 -34.43 8.76
N LEU A 152 -18.39 -33.92 9.45
CA LEU A 152 -19.33 -34.80 10.12
C LEU A 152 -20.10 -35.72 9.18
N PRO A 153 -20.65 -35.26 8.04
CA PRO A 153 -21.27 -36.23 7.12
C PRO A 153 -20.31 -37.32 6.65
N ALA A 154 -19.04 -36.99 6.43
CA ALA A 154 -18.07 -38.00 6.04
C ALA A 154 -17.80 -38.97 7.19
N PHE A 155 -17.74 -38.48 8.43
CA PHE A 155 -17.64 -39.38 9.58
C PHE A 155 -18.88 -40.25 9.69
N GLN A 156 -20.06 -39.66 9.44
CA GLN A 156 -21.31 -40.40 9.60
C GLN A 156 -21.41 -41.51 8.57
N THR A 157 -20.96 -41.27 7.34
CA THR A 157 -21.01 -42.29 6.31
C THR A 157 -20.04 -43.44 6.63
N ALA A 158 -18.84 -43.11 7.09
CA ALA A 158 -17.83 -44.13 7.30
C ALA A 158 -18.13 -44.99 8.53
N TYR A 159 -18.66 -44.37 9.58
CA TYR A 159 -18.87 -45.05 10.85
C TYR A 159 -20.33 -45.37 11.14
N GLY A 160 -21.22 -45.16 10.17
CA GLY A 160 -22.59 -45.64 10.27
C GLY A 160 -23.41 -45.07 11.42
N PHE A 161 -23.56 -43.75 11.46
CA PHE A 161 -24.42 -43.11 12.46
C PHE A 161 -24.92 -41.79 11.91
N THR A 162 -25.93 -41.23 12.57
CA THR A 162 -26.47 -39.92 12.23
C THR A 162 -26.81 -39.19 13.51
N LEU A 163 -26.28 -37.97 13.66
CA LEU A 163 -26.55 -37.14 14.83
C LEU A 163 -27.72 -36.22 14.55
N LYS A 164 -28.71 -36.28 15.44
CA LYS A 164 -29.86 -35.45 15.30
C LYS A 164 -29.57 -34.03 15.75
N PRO A 165 -30.40 -33.09 15.29
CA PRO A 165 -30.23 -31.70 15.76
C PRO A 165 -30.28 -31.62 17.28
N ASP A 166 -31.02 -32.55 17.90
CA ASP A 166 -31.09 -32.63 19.35
C ASP A 166 -29.72 -32.95 19.96
N GLN A 167 -28.81 -33.52 19.18
CA GLN A 167 -27.51 -33.99 19.65
C GLN A 167 -26.35 -33.13 19.18
N LEU A 168 -26.61 -31.89 18.77
CA LEU A 168 -25.58 -31.01 18.23
C LEU A 168 -25.65 -29.64 18.91
N ILE A 169 -24.46 -29.08 19.13
CA ILE A 169 -24.31 -27.71 19.58
C ILE A 169 -23.43 -27.04 18.54
N THR A 170 -23.98 -26.09 17.79
CA THR A 170 -23.25 -25.44 16.71
C THR A 170 -22.73 -24.10 17.20
N LEU A 171 -21.40 -23.98 17.25
CA LEU A 171 -20.73 -22.74 17.62
C LEU A 171 -20.33 -21.94 16.39
N SER A 172 -20.08 -20.65 16.60
CA SER A 172 -19.82 -19.73 15.49
C SER A 172 -18.43 -19.94 14.90
N GLY A 173 -17.40 -19.96 15.75
CA GLY A 173 -16.03 -20.01 15.26
C GLY A 173 -15.48 -21.43 15.17
N GLY A 174 -14.34 -21.53 14.49
CA GLY A 174 -13.60 -22.77 14.36
C GLY A 174 -12.54 -23.00 15.43
N ASP A 175 -12.52 -22.19 16.48
CA ASP A 175 -11.56 -22.37 17.58
C ASP A 175 -12.04 -23.53 18.44
N THR A 176 -11.21 -24.57 18.56
CA THR A 176 -11.59 -25.76 19.29
C THR A 176 -11.64 -25.56 20.80
N ALA A 177 -11.01 -24.49 21.32
CA ALA A 177 -11.04 -24.25 22.75
C ALA A 177 -12.47 -24.04 23.25
N ALA A 178 -13.34 -23.46 22.42
CA ALA A 178 -14.72 -23.24 22.84
C ALA A 178 -15.52 -24.53 22.87
N THR A 179 -15.35 -25.38 21.86
CA THR A 179 -16.02 -26.69 21.88
C THR A 179 -15.54 -27.53 23.04
N ILE A 180 -14.24 -27.49 23.33
CA ILE A 180 -13.70 -28.25 24.46
C ILE A 180 -14.25 -27.72 25.76
N ALA A 181 -14.34 -26.39 25.90
CA ALA A 181 -14.88 -25.78 27.11
C ALA A 181 -16.38 -26.08 27.26
N ALA A 182 -17.09 -26.24 26.15
CA ALA A 182 -18.51 -26.55 26.24
C ALA A 182 -18.72 -27.97 26.78
N ALA A 183 -17.92 -28.93 26.31
CA ALA A 183 -18.03 -30.29 26.82
C ALA A 183 -17.39 -30.43 28.20
N ALA A 184 -16.38 -29.62 28.50
CA ALA A 184 -15.73 -29.69 29.81
C ALA A 184 -16.68 -29.23 30.91
N ASN A 185 -17.53 -28.26 30.63
CA ASN A 185 -18.53 -27.79 31.59
C ASN A 185 -19.91 -28.36 31.30
N GLN A 186 -20.05 -29.17 30.25
CA GLN A 186 -21.30 -29.82 29.90
C GLN A 186 -22.40 -28.80 29.61
N THR A 187 -22.03 -27.71 28.95
CA THR A 187 -22.98 -26.66 28.60
C THR A 187 -24.00 -27.20 27.60
N ASN A 188 -25.29 -26.97 27.88
CA ASN A 188 -26.39 -27.56 27.12
C ASN A 188 -26.25 -29.08 27.04
N GLY A 189 -25.76 -29.68 28.13
CA GLY A 189 -25.64 -31.12 28.23
C GLY A 189 -24.53 -31.71 27.40
N ALA A 190 -23.56 -30.89 26.98
CA ALA A 190 -22.54 -31.36 26.04
C ALA A 190 -21.62 -32.39 26.68
N ASN A 191 -21.33 -33.46 25.91
CA ASN A 191 -20.36 -34.45 26.35
C ASN A 191 -19.35 -34.83 25.26
N ALA A 192 -19.40 -34.20 24.09
CA ALA A 192 -18.43 -34.46 23.03
C ALA A 192 -18.05 -33.14 22.39
N ALA A 193 -16.86 -33.09 21.81
CA ALA A 193 -16.33 -31.85 21.24
C ALA A 193 -15.52 -32.15 19.99
N VAL A 195 -12.31 -31.43 17.90
CA VAL A 195 -10.98 -31.13 18.41
C VAL A 195 -9.97 -31.26 17.27
N TYR A 196 -8.74 -30.84 17.55
CA TYR A 196 -7.57 -31.30 16.84
C TYR A 196 -6.83 -32.26 17.76
N GLY A 197 -6.16 -33.24 17.15
CA GLY A 197 -5.73 -34.42 17.88
C GLY A 197 -5.01 -34.12 19.18
N THR A 198 -4.11 -33.16 19.18
CA THR A 198 -3.25 -32.85 20.32
C THR A 198 -3.52 -31.48 20.91
N ASP A 199 -4.77 -31.03 20.89
CA ASP A 199 -5.10 -29.71 21.44
C ASP A 199 -4.75 -29.63 22.91
N GLY A 200 -4.26 -28.45 23.32
CA GLY A 200 -3.77 -28.25 24.67
C GLY A 200 -4.83 -28.36 25.74
N GLY A 201 -6.10 -28.15 25.40
CA GLY A 201 -7.15 -28.22 26.39
C GLY A 201 -7.70 -29.60 26.66
N ILE A 202 -7.35 -30.60 25.84
CA ILE A 202 -8.00 -31.91 25.92
C ILE A 202 -7.71 -32.56 27.26
N ALA A 203 -6.43 -32.73 27.61
CA ALA A 203 -6.10 -33.45 28.83
C ALA A 203 -6.54 -32.70 30.09
N PRO A 204 -6.25 -31.40 30.26
CA PRO A 204 -6.71 -30.72 31.49
C PRO A 204 -8.23 -30.62 31.59
N SER A 205 -8.97 -30.79 30.50
CA SER A 205 -10.43 -30.78 30.55
C SER A 205 -11.04 -32.17 30.78
N GLY A 206 -10.22 -33.22 30.87
CA GLY A 206 -10.74 -34.55 31.09
C GLY A 206 -11.44 -35.12 29.87
N LEU A 207 -10.82 -34.97 28.71
CA LEU A 207 -11.40 -35.45 27.47
C LEU A 207 -10.52 -36.55 26.86
N VAL A 208 -11.15 -37.43 26.08
CA VAL A 208 -10.44 -38.49 25.37
C VAL A 208 -10.82 -38.41 23.90
N VAL A 209 -9.83 -38.29 23.01
CA VAL A 209 -10.10 -38.30 21.58
C VAL A 209 -10.19 -39.74 21.11
N LEU A 210 -11.24 -40.05 20.36
CA LEU A 210 -11.46 -41.40 19.87
C LEU A 210 -10.83 -41.57 18.49
N GLU A 211 -10.19 -42.73 18.29
CA GLU A 211 -9.34 -42.96 17.13
C GLU A 211 -10.13 -42.90 15.83
N ASP A 212 -9.57 -42.19 14.85
CA ASP A 212 -10.12 -42.14 13.50
C ASP A 212 -9.60 -43.37 12.75
N ASP A 213 -10.21 -44.52 13.05
CA ASP A 213 -9.63 -45.79 12.61
C ASP A 213 -9.77 -46.03 11.11
N LYS A 214 -10.77 -45.45 10.45
CA LYS A 214 -10.88 -45.61 9.00
C LYS A 214 -10.27 -44.44 8.22
N HIS A 215 -9.68 -43.47 8.91
CA HIS A 215 -8.95 -42.37 8.28
C HIS A 215 -9.83 -41.61 7.27
N VAL A 216 -10.85 -40.95 7.82
CA VAL A 216 -11.70 -40.09 7.01
C VAL A 216 -11.00 -38.75 6.74
N GLN A 217 -10.25 -38.24 7.71
CA GLN A 217 -9.59 -36.95 7.64
C GLN A 217 -8.14 -37.11 7.18
N PRO A 218 -7.58 -36.09 6.54
CA PRO A 218 -6.16 -36.14 6.20
C PRO A 218 -5.34 -36.26 7.48
N VAL A 219 -4.20 -36.94 7.37
CA VAL A 219 -3.34 -37.21 8.51
C VAL A 219 -2.30 -36.11 8.64
N TYR A 220 -2.17 -35.55 9.83
CA TYR A 220 -1.21 -34.49 10.12
C TYR A 220 -0.28 -34.96 11.24
N GLN A 221 0.83 -35.62 10.85
CA GLN A 221 1.83 -36.12 11.80
C GLN A 221 3.02 -35.17 11.85
N PRO A 222 3.39 -34.69 13.03
CA PRO A 222 4.51 -33.75 13.12
C PRO A 222 5.84 -34.44 12.89
N ALA A 223 6.73 -33.73 12.19
CA ALA A 223 8.04 -34.24 11.84
C ALA A 223 9.04 -33.09 11.73
N PRO A 224 10.29 -33.28 12.16
CA PRO A 224 11.31 -32.24 11.92
C PRO A 224 11.70 -32.25 10.45
N ILE A 225 11.75 -31.06 9.84
CA ILE A 225 12.24 -30.94 8.48
C ILE A 225 13.42 -29.97 8.49
N ILE A 226 14.46 -30.32 7.74
CA ILE A 226 15.73 -29.62 7.80
C ILE A 226 16.25 -29.43 6.38
N ARG A 227 16.88 -28.28 6.13
CA ARG A 227 17.50 -28.05 4.84
C ARG A 227 18.66 -29.00 4.64
N GLU A 228 18.79 -29.52 3.41
CA GLU A 228 19.82 -30.52 3.13
C GLU A 228 21.21 -29.97 3.41
N GLU A 229 21.42 -28.68 3.10
CA GLU A 229 22.71 -28.05 3.34
C GLU A 229 23.09 -28.06 4.81
N VAL A 230 22.10 -27.88 5.69
CA VAL A 230 22.38 -27.85 7.12
C VAL A 230 22.59 -29.26 7.66
N LEU A 231 21.85 -30.22 7.12
CA LEU A 231 21.89 -31.58 7.65
C LEU A 231 23.19 -32.28 7.30
N LYS A 232 23.78 -31.97 6.15
CA LYS A 232 25.00 -32.63 5.71
C LYS A 232 26.23 -32.20 6.48
N LYS A 233 26.19 -31.04 7.15
CA LYS A 233 27.29 -30.62 8.02
C LYS A 233 27.18 -31.21 9.42
N ASP A 234 25.96 -31.53 9.87
CA ASP A 234 25.72 -32.20 11.15
C ASP A 234 24.77 -33.35 10.87
N PRO A 235 25.28 -34.46 10.33
CA PRO A 235 24.39 -35.55 9.92
C PRO A 235 23.81 -36.36 11.07
N LYS A 236 24.38 -36.25 12.27
CA LYS A 236 23.86 -37.00 13.40
C LYS A 236 22.47 -36.53 13.83
N ILE A 237 22.00 -35.39 13.33
CA ILE A 237 20.70 -34.85 13.74
C ILE A 237 19.57 -35.84 13.46
N GLU A 238 19.67 -36.62 12.38
CA GLU A 238 18.61 -37.59 12.09
C GLU A 238 18.51 -38.66 13.17
N GLU A 239 19.64 -39.26 13.55
CA GLU A 239 19.59 -40.33 14.55
C GLU A 239 19.25 -39.80 15.93
N LEU A 240 19.56 -38.52 16.22
CA LEU A 240 19.24 -37.95 17.52
C LEU A 240 17.74 -37.71 17.67
N LEU A 241 17.09 -37.23 16.61
CA LEU A 241 15.66 -36.90 16.68
C LEU A 241 14.78 -38.07 16.27
N LYS A 242 15.36 -39.18 15.83
CA LYS A 242 14.54 -40.32 15.41
C LYS A 242 13.85 -40.98 16.59
N PRO A 243 14.54 -41.37 17.66
CA PRO A 243 13.82 -41.98 18.80
C PRO A 243 13.04 -40.98 19.64
N VAL A 244 13.42 -39.71 19.62
CA VAL A 244 12.71 -38.69 20.38
C VAL A 244 11.28 -38.53 19.84
N PHE A 245 11.14 -38.40 18.53
CA PHE A 245 9.82 -38.19 17.94
C PHE A 245 8.98 -39.45 17.91
N GLU A 246 9.62 -40.62 17.92
CA GLU A 246 8.88 -41.86 18.01
C GLU A 246 8.23 -42.03 19.38
N LYS A 247 8.73 -41.31 20.39
CA LYS A 247 8.18 -41.28 21.74
C LYS A 247 7.14 -40.19 21.93
N LEU A 248 6.77 -39.47 20.88
CA LEU A 248 5.79 -38.38 20.97
C LEU A 248 4.45 -38.83 20.40
N ASP A 249 3.80 -39.76 21.09
CA ASP A 249 2.47 -40.18 20.67
C ASP A 249 1.45 -39.12 21.07
N LEU A 250 0.17 -39.41 20.80
CA LEU A 250 -0.89 -38.41 20.96
C LEU A 250 -1.04 -37.95 22.40
N THR A 251 -1.07 -38.89 23.35
CA THR A 251 -1.30 -38.52 24.74
C THR A 251 -0.10 -37.78 25.30
N THR A 252 1.11 -38.19 24.91
CA THR A 252 2.29 -37.49 25.39
C THR A 252 2.29 -36.03 24.95
N LEU A 253 1.98 -35.79 23.68
CA LEU A 253 1.92 -34.43 23.17
C LEU A 253 0.77 -33.63 23.77
N GLN A 254 -0.36 -34.28 24.08
CA GLN A 254 -1.47 -33.61 24.73
C GLN A 254 -1.09 -33.06 26.11
N ASP A 255 -0.39 -33.86 26.91
CA ASP A 255 -0.08 -33.43 28.28
C ASP A 255 1.01 -32.37 28.30
N LEU A 256 1.96 -32.43 27.35
CA LEU A 256 2.96 -31.38 27.26
C LEU A 256 2.33 -30.06 26.81
N ASN A 257 1.43 -30.11 25.82
CA ASN A 257 0.72 -28.91 25.40
C ASN A 257 -0.18 -28.38 26.52
N GLY A 258 -0.76 -29.30 27.29
CA GLY A 258 -1.64 -28.87 28.37
C GLY A 258 -0.92 -28.14 29.48
N ARG A 259 0.29 -28.59 29.83
CA ARG A 259 1.04 -27.90 30.87
C ARG A 259 1.49 -26.51 30.42
N VAL A 260 1.63 -26.29 29.11
CA VAL A 260 1.99 -24.97 28.63
C VAL A 260 0.75 -24.09 28.51
N GLN A 261 -0.26 -24.58 27.81
CA GLN A 261 -1.38 -23.73 27.41
C GLN A 261 -2.26 -23.38 28.60
N LEU A 262 -2.48 -24.33 29.52
CA LEU A 262 -3.32 -24.11 30.68
C LEU A 262 -2.57 -24.20 32.01
N GLY A 263 -1.42 -24.87 32.05
CA GLY A 263 -0.65 -24.99 33.28
C GLY A 263 0.32 -23.87 33.53
N GLY A 264 0.60 -23.06 32.50
CA GLY A 264 1.49 -21.93 32.67
C GLY A 264 2.97 -22.24 32.66
N GLU A 265 3.36 -23.51 32.52
CA GLU A 265 4.78 -23.83 32.51
C GLU A 265 5.41 -23.38 31.21
N PRO A 266 6.64 -22.86 31.25
CA PRO A 266 7.29 -22.41 30.01
C PRO A 266 7.55 -23.57 29.06
N ALA A 267 7.44 -23.29 27.77
CA ALA A 267 7.59 -24.34 26.76
C ALA A 267 8.95 -24.99 26.81
N LYS A 268 10.00 -24.25 27.20
CA LYS A 268 11.33 -24.85 27.24
C LYS A 268 11.48 -25.85 28.38
N ALA A 269 10.92 -25.52 29.56
CA ALA A 269 11.03 -26.39 30.71
C ALA A 269 10.22 -27.67 30.52
N VAL A 270 9.09 -27.57 29.82
CA VAL A 270 8.30 -28.76 29.52
C VAL A 270 9.05 -29.65 28.54
N ALA A 271 9.80 -29.06 27.60
CA ALA A 271 10.61 -29.85 26.68
C ALA A 271 11.74 -30.55 27.43
N GLU A 272 12.42 -29.83 28.32
CA GLU A 272 13.53 -30.40 29.06
C GLU A 272 13.05 -31.49 30.00
N ASP A 273 11.83 -31.37 30.52
CA ASP A 273 11.28 -32.40 31.39
C ASP A 273 11.00 -33.67 30.62
N PHE A 274 10.38 -33.55 29.44
CA PHE A 274 10.08 -34.74 28.64
C PHE A 274 11.35 -35.47 28.24
N LEU A 275 12.40 -34.72 27.89
CA LEU A 275 13.62 -35.36 27.41
C LEU A 275 14.39 -36.01 28.56
N LYS A 276 14.45 -35.34 29.72
CA LYS A 276 15.17 -35.90 30.85
C LYS A 276 14.46 -37.12 31.41
N LYS A 277 13.12 -37.07 31.48
CA LYS A 277 12.37 -38.23 31.94
C LYS A 277 12.48 -39.42 30.98
N ASN A 278 12.76 -39.18 29.71
CA ASN A 278 12.82 -40.25 28.73
C ASN A 278 14.24 -40.65 28.37
N GLY A 279 15.25 -40.11 29.05
CA GLY A 279 16.61 -40.54 28.85
C GLY A 279 17.30 -39.95 27.64
N PHE A 280 16.74 -38.91 27.02
CA PHE A 280 17.35 -38.27 25.85
C PHE A 280 18.27 -37.12 26.24
N LEU A 281 18.23 -36.69 27.48
CA LEU A 281 19.01 -35.64 28.13
C LEU A 281 19.73 -36.15 29.36
N LYS A 282 19.09 -37.01 30.14
CA LYS A 282 19.68 -37.58 31.33
C LYS A 282 18.85 -38.78 31.80
N ASN B 2 36.95 -4.99 4.44
CA ASN B 2 35.55 -4.61 4.29
C ASN B 2 35.13 -3.66 5.39
N ALA B 3 34.49 -2.56 5.01
CA ALA B 3 34.08 -1.56 5.98
C ALA B 3 33.03 -2.01 6.99
N VAL B 4 33.17 -1.49 8.21
CA VAL B 4 32.25 -1.76 9.28
C VAL B 4 31.20 -0.67 9.25
N ALA B 5 29.95 -1.07 9.15
CA ALA B 5 28.84 -0.12 9.04
C ALA B 5 28.36 0.24 10.44
N VAL B 6 28.69 1.45 10.89
CA VAL B 6 28.27 1.96 12.19
C VAL B 6 26.97 2.73 12.03
N SER B 7 25.98 2.42 12.87
CA SER B 7 24.71 3.12 12.82
C SER B 7 24.27 3.56 14.21
N SER B 8 23.05 4.09 14.32
CA SER B 8 22.45 4.52 15.57
C SER B 8 21.02 4.99 15.26
N LYS B 9 20.29 5.30 16.33
CA LYS B 9 18.93 5.81 16.24
C LYS B 9 18.93 7.34 16.03
N ILE B 10 17.76 7.89 15.71
CA ILE B 10 17.61 9.28 15.25
C ILE B 10 17.70 10.29 16.38
N ASP B 11 17.76 9.78 17.59
CA ASP B 11 17.89 10.39 18.89
C ASP B 11 19.24 11.13 19.01
N THR B 12 19.32 12.12 19.92
CA THR B 12 20.53 12.95 20.01
C THR B 12 21.71 12.12 20.47
N GLU B 13 21.47 11.20 21.41
CA GLU B 13 22.53 10.33 21.90
C GLU B 13 22.99 9.37 20.81
N GLY B 14 22.10 8.99 19.88
CA GLY B 14 22.52 8.17 18.77
C GLY B 14 23.65 8.80 17.98
N GLY B 15 23.54 10.10 17.72
CA GLY B 15 24.62 10.79 17.03
C GLY B 15 25.90 10.83 17.85
N VAL B 16 25.77 11.11 19.15
CA VAL B 16 26.94 11.22 20.01
C VAL B 16 27.59 9.85 20.20
N LEU B 17 26.80 8.84 20.57
CA LEU B 17 27.35 7.52 20.83
C LEU B 17 27.86 6.84 19.56
N GLY B 18 27.15 7.03 18.45
CA GLY B 18 27.59 6.45 17.19
C GLY B 18 28.91 7.03 16.70
N ASN B 19 29.07 8.36 16.82
CA ASN B 19 30.32 8.97 16.40
C ASN B 19 31.47 8.59 17.33
N ILE B 20 31.17 8.29 18.60
CA ILE B 20 32.21 7.78 19.50
C ILE B 20 32.68 6.42 19.03
N ILE B 21 31.72 5.54 18.71
CA ILE B 21 32.07 4.22 18.19
C ILE B 21 32.83 4.36 16.88
N LEU B 22 32.42 5.34 16.05
CA LEU B 22 33.03 5.52 14.75
C LEU B 22 34.49 5.95 14.86
N THR B 23 34.76 6.91 15.75
CA THR B 23 36.13 7.42 15.87
C THR B 23 37.06 6.44 16.54
N VAL B 24 36.58 5.66 17.50
CA VAL B 24 37.43 4.65 18.12
C VAL B 24 37.80 3.61 17.08
N LEU B 25 36.86 3.27 16.22
CA LEU B 25 37.11 2.32 15.16
C LEU B 25 38.10 2.86 14.14
N ASN B 26 37.99 4.13 13.78
CA ASN B 26 38.91 4.74 12.82
C ASN B 26 40.30 4.93 13.41
N ALA B 27 40.38 5.29 14.70
CA ALA B 27 41.67 5.54 15.32
C ALA B 27 42.50 4.27 15.51
N ASN B 28 41.89 3.09 15.35
CA ASN B 28 42.58 1.82 15.51
C ASN B 28 42.67 1.05 14.19
N GLY B 29 42.64 1.75 13.07
CA GLY B 29 42.88 1.14 11.78
C GLY B 29 41.74 0.32 11.22
N ILE B 30 40.55 0.43 11.79
CA ILE B 30 39.38 -0.29 11.29
C ILE B 30 38.57 0.65 10.40
N LYS B 31 38.42 0.27 9.14
CA LYS B 31 37.68 1.06 8.17
C LYS B 31 36.21 1.06 8.50
N THR B 32 35.55 2.21 8.33
CA THR B 32 34.16 2.37 8.75
C THR B 32 33.31 2.87 7.60
N THR B 33 32.00 2.66 7.73
CA THR B 33 31.02 3.27 6.85
C THR B 33 30.00 3.97 7.74
N ASP B 34 29.63 5.22 7.40
CA ASP B 34 28.82 6.06 8.28
C ASP B 34 27.35 5.97 7.89
N ARG B 35 26.54 5.41 8.78
CA ARG B 35 25.08 5.41 8.65
C ARG B 35 24.42 5.79 9.97
N ILE B 36 24.99 6.77 10.66
CA ILE B 36 24.54 7.16 11.99
C ILE B 36 23.19 7.84 11.89
N GLN B 37 22.33 7.60 12.89
CA GLN B 37 20.98 8.18 12.96
C GLN B 37 20.14 7.72 11.76
N LEU B 38 20.01 6.39 11.65
CA LEU B 38 19.28 5.78 10.54
C LEU B 38 17.77 5.99 10.67
N GLY B 39 17.23 5.79 11.86
CA GLY B 39 15.80 5.94 12.06
C GLY B 39 15.43 5.58 13.49
N ALA B 40 14.16 5.23 13.67
CA ALA B 40 13.68 4.87 15.00
C ALA B 40 14.15 3.46 15.37
N THR B 41 13.78 3.03 16.58
CA THR B 41 14.22 1.73 17.08
C THR B 41 13.78 0.56 16.22
N PRO B 42 12.51 0.44 15.79
CA PRO B 42 12.16 -0.71 14.96
C PRO B 42 12.89 -0.76 13.64
N VAL B 43 13.26 0.40 13.10
CA VAL B 43 13.96 0.46 11.81
C VAL B 43 15.42 0.03 11.96
N VAL B 44 16.10 0.49 13.02
CA VAL B 44 17.50 0.12 13.22
C VAL B 44 17.63 -1.35 13.61
N ARG B 45 16.65 -1.87 14.34
CA ARG B 45 16.65 -3.30 14.69
C ARG B 45 16.42 -4.15 13.46
N LYS B 46 15.52 -3.72 12.57
CA LYS B 46 15.27 -4.43 11.33
C LYS B 46 16.48 -4.38 10.40
N ALA B 47 17.30 -3.34 10.52
CA ALA B 47 18.48 -3.23 9.67
C ALA B 47 19.58 -4.18 10.12
N ILE B 48 19.81 -4.30 11.44
CA ILE B 48 20.88 -5.17 11.92
C ILE B 48 20.49 -6.63 11.80
N THR B 49 19.20 -6.94 11.92
CA THR B 49 18.75 -8.31 11.77
C THR B 49 18.81 -8.78 10.33
N ALA B 50 18.92 -7.85 9.38
CA ALA B 50 19.04 -8.16 7.97
C ALA B 50 20.47 -8.10 7.46
N GLY B 51 21.42 -7.66 8.29
CA GLY B 51 22.81 -7.56 7.89
C GLY B 51 23.19 -6.29 7.18
N GLU B 52 22.32 -5.28 7.18
CA GLU B 52 22.62 -4.01 6.51
C GLU B 52 23.51 -3.11 7.35
N ILE B 53 23.49 -3.25 8.67
CA ILE B 53 24.41 -2.55 9.56
C ILE B 53 25.10 -3.58 10.45
N ASP B 54 26.19 -3.14 11.09
CA ASP B 54 27.04 -4.04 11.85
C ASP B 54 27.09 -3.74 13.34
N ILE B 55 27.19 -2.47 13.73
CA ILE B 55 27.29 -2.11 15.14
C ILE B 55 26.56 -0.80 15.37
N TYR B 56 25.86 -0.70 16.49
CA TYR B 56 25.14 0.50 16.87
C TYR B 56 24.82 0.44 18.37
N PRO B 57 24.58 1.60 19.01
CA PRO B 57 24.31 1.60 20.46
C PRO B 57 22.85 1.33 20.80
N GLU B 58 22.62 0.35 21.67
CA GLU B 58 21.28 -0.01 22.12
C GLU B 58 21.17 0.16 23.63
N TYR B 59 19.94 0.36 24.10
CA TYR B 59 19.66 0.46 25.52
C TYR B 59 19.16 -0.89 26.00
N THR B 60 19.67 -1.32 27.16
CA THR B 60 19.45 -2.70 27.62
C THR B 60 17.96 -3.01 27.80
N GLY B 61 17.21 -2.09 28.40
CA GLY B 61 15.81 -2.36 28.70
C GLY B 61 14.94 -2.56 27.48
N ASN B 62 15.40 -2.09 26.31
CA ASN B 62 14.61 -2.24 25.09
C ASN B 62 14.48 -3.69 24.66
N ALA B 63 15.31 -4.59 25.19
CA ALA B 63 15.15 -6.00 24.90
C ALA B 63 13.85 -6.55 25.46
N ALA B 64 13.23 -5.84 26.42
CA ALA B 64 11.92 -6.26 26.91
C ALA B 64 10.88 -6.28 25.79
N PHE B 65 10.98 -5.33 24.86
CA PHE B 65 10.03 -5.24 23.76
C PHE B 65 10.48 -6.00 22.51
N PHE B 66 11.78 -6.25 22.33
CA PHE B 66 12.21 -7.09 21.21
C PHE B 66 11.81 -8.54 21.41
N PHE B 67 11.76 -9.00 22.67
CA PHE B 67 11.61 -10.41 22.97
C PHE B 67 10.34 -10.69 23.78
N ASN B 68 9.38 -9.76 23.76
CA ASN B 68 8.04 -9.96 24.33
C ASN B 68 8.11 -10.25 25.83
N LYS B 69 8.89 -9.44 26.55
CA LYS B 69 8.94 -9.47 28.01
C LYS B 69 8.77 -8.03 28.55
N ALA B 70 7.64 -7.42 28.18
CA ALA B 70 7.47 -5.97 28.31
C ALA B 70 7.55 -5.51 29.76
N ASP B 71 6.74 -6.13 30.63
CA ASP B 71 6.54 -5.63 31.98
C ASP B 71 7.27 -6.47 33.02
N ASP B 72 8.22 -7.29 32.58
CA ASP B 72 8.90 -8.22 33.46
C ASP B 72 9.72 -7.47 34.50
N PRO B 73 9.69 -7.90 35.77
CA PRO B 73 10.47 -7.21 36.82
C PRO B 73 11.98 -7.29 36.65
N LEU B 74 12.50 -8.21 35.82
CA LEU B 74 13.95 -8.35 35.71
C LEU B 74 14.60 -7.11 35.08
N TRP B 75 13.84 -6.35 34.28
CA TRP B 75 14.41 -5.17 33.64
C TRP B 75 14.63 -4.00 34.60
N LYS B 76 14.15 -4.07 35.83
CA LYS B 76 14.48 -3.03 36.80
C LYS B 76 15.79 -3.28 37.53
N ASP B 77 16.47 -4.38 37.22
CA ASP B 77 17.78 -4.66 37.79
C ASP B 77 18.80 -4.39 36.70
N PRO B 78 19.71 -3.43 36.90
CA PRO B 78 20.66 -3.10 35.81
C PRO B 78 21.52 -4.28 35.35
N ALA B 79 22.05 -5.08 36.28
CA ALA B 79 22.91 -6.18 35.88
C ALA B 79 22.13 -7.26 35.15
N LYS B 80 20.97 -7.66 35.69
CA LYS B 80 20.19 -8.71 35.02
C LYS B 80 19.57 -8.21 33.72
N ALA B 81 19.33 -6.91 33.59
CA ALA B 81 18.81 -6.39 32.33
C ALA B 81 19.85 -6.55 31.22
N TYR B 82 21.12 -6.37 31.56
CA TYR B 82 22.17 -6.55 30.56
C TYR B 82 22.38 -8.03 30.25
N GLU B 83 22.39 -8.89 31.28
CA GLU B 83 22.64 -10.31 31.06
C GLU B 83 21.53 -10.94 30.24
N THR B 84 20.28 -10.51 30.46
CA THR B 84 19.17 -11.05 29.68
C THR B 84 19.17 -10.54 28.25
N ALA B 85 19.47 -9.24 28.07
CA ALA B 85 19.57 -8.69 26.72
C ALA B 85 20.72 -9.32 25.96
N LYS B 86 21.82 -9.61 26.64
CA LYS B 86 22.98 -10.19 25.98
C LYS B 86 22.70 -11.61 25.51
N LYS B 87 22.03 -12.41 26.34
CA LYS B 87 21.75 -13.79 25.95
C LYS B 87 20.62 -13.87 24.92
N LEU B 88 19.53 -13.12 25.13
CA LEU B 88 18.40 -13.23 24.20
C LEU B 88 18.78 -12.77 22.81
N ASP B 89 19.54 -11.68 22.70
CA ASP B 89 19.91 -11.19 21.37
C ASP B 89 20.96 -12.08 20.71
N TYR B 90 21.81 -12.75 21.49
CA TYR B 90 22.76 -13.69 20.91
C TYR B 90 22.10 -14.99 20.48
N ASP B 91 21.15 -15.51 21.25
CA ASP B 91 20.51 -16.75 20.87
C ASP B 91 19.59 -16.56 19.66
N ALA B 92 18.92 -15.41 19.57
CA ALA B 92 17.92 -15.19 18.53
C ALA B 92 18.49 -14.60 17.25
N ASN B 93 19.50 -13.73 17.34
CA ASN B 93 20.03 -13.05 16.16
C ASN B 93 21.56 -13.09 16.06
N LYS B 94 22.23 -13.76 17.00
CA LYS B 94 23.69 -13.79 17.05
C LYS B 94 24.28 -12.39 17.09
N ILE B 95 23.57 -11.48 17.75
CA ILE B 95 24.06 -10.13 18.00
C ILE B 95 24.76 -10.14 19.35
N VAL B 96 25.96 -9.56 19.41
CA VAL B 96 26.77 -9.61 20.61
C VAL B 96 26.70 -8.25 21.29
N TRP B 97 26.19 -8.24 22.51
CA TRP B 97 26.14 -7.03 23.31
C TRP B 97 27.48 -6.83 23.99
N LEU B 98 28.13 -5.69 23.74
CA LEU B 98 29.43 -5.40 24.32
C LEU B 98 29.23 -4.73 25.67
N THR B 99 30.33 -4.25 26.27
CA THR B 99 30.26 -3.69 27.61
C THR B 99 29.38 -2.44 27.65
N PRO B 100 28.42 -2.34 28.54
CA PRO B 100 27.54 -1.18 28.59
C PRO B 100 28.14 -0.03 29.39
N SER B 101 27.54 1.15 29.21
CA SER B 101 27.82 2.38 29.93
C SER B 101 26.98 2.43 31.20
N PRO B 102 27.52 3.00 32.29
CA PRO B 102 26.76 3.08 33.55
C PRO B 102 25.56 4.03 33.53
N ALA B 103 25.45 4.94 32.57
CA ALA B 103 24.38 5.94 32.61
C ALA B 103 23.02 5.30 32.30
N ASN B 104 22.04 5.53 33.18
CA ASN B 104 20.70 4.93 33.07
C ASN B 104 19.76 5.98 32.50
N ASN B 105 19.52 5.88 31.20
CA ASN B 105 18.71 6.85 30.47
C ASN B 105 17.23 6.42 30.49
N THR B 106 16.63 6.58 31.66
CA THR B 106 15.25 6.15 31.87
C THR B 106 14.39 7.33 32.36
N TRP B 107 13.10 7.05 32.51
CA TRP B 107 12.15 8.04 32.97
C TRP B 107 12.49 8.46 34.40
N GLY B 108 12.56 9.76 34.64
CA GLY B 108 12.90 10.24 35.96
C GLY B 108 12.46 11.67 36.19
N ILE B 109 12.88 12.21 37.33
CA ILE B 109 12.55 13.57 37.75
C ILE B 109 13.85 14.32 37.97
N ALA B 110 13.95 15.52 37.38
CA ALA B 110 15.09 16.40 37.59
C ALA B 110 14.62 17.67 38.30
N VAL B 111 15.47 18.16 39.22
CA VAL B 111 15.21 19.35 40.02
C VAL B 111 16.27 20.39 39.68
N ARG B 112 15.98 21.67 39.94
CA ARG B 112 16.96 22.72 39.72
C ARG B 112 18.08 22.56 40.75
N LYS B 113 19.31 22.93 40.36
CA LYS B 113 20.45 22.70 41.25
C LYS B 113 20.32 23.44 42.59
N ASP B 114 19.74 24.66 42.59
CA ASP B 114 19.64 25.37 43.87
C ASP B 114 18.76 24.61 44.87
N VAL B 115 17.61 24.09 44.42
CA VAL B 115 16.74 23.35 45.33
C VAL B 115 17.39 22.02 45.70
N ALA B 116 18.13 21.40 44.77
CA ALA B 116 18.81 20.14 45.07
C ALA B 116 19.97 20.36 46.05
N ASN B 117 20.67 21.48 45.94
CA ASN B 117 21.81 21.74 46.80
C ASN B 117 21.38 22.18 48.20
N GLU B 118 20.36 23.05 48.26
CA GLU B 118 19.90 23.63 49.52
C GLU B 118 19.21 22.60 50.40
N ASN B 119 18.61 21.57 49.81
CA ASN B 119 17.89 20.53 50.55
C ASN B 119 18.55 19.17 50.42
N LYS B 120 19.74 19.13 49.81
CA LYS B 120 20.54 17.94 49.64
C LYS B 120 19.77 16.77 49.06
N LEU B 121 19.26 16.98 47.86
CA LEU B 121 18.51 15.97 47.14
C LEU B 121 19.40 15.38 46.06
N ALA B 122 19.73 14.10 46.19
CA ALA B 122 20.49 13.40 45.16
C ALA B 122 19.79 12.17 44.62
N SER B 123 18.79 11.65 45.33
CA SER B 123 18.02 10.48 44.91
C SER B 123 16.54 10.77 45.12
N LEU B 124 15.69 9.88 44.61
CA LEU B 124 14.25 10.02 44.78
C LEU B 124 13.82 9.66 46.20
N SER B 125 14.65 8.95 46.95
CA SER B 125 14.33 8.71 48.35
C SER B 125 14.46 10.00 49.16
N ASP B 126 15.48 10.80 48.87
CA ASP B 126 15.56 12.13 49.48
C ASP B 126 14.37 12.97 49.05
N PHE B 127 13.97 12.83 47.79
CA PHE B 127 12.85 13.60 47.27
C PHE B 127 11.55 13.27 48.01
N GLY B 128 11.34 11.99 48.34
CA GLY B 128 10.12 11.59 49.00
C GLY B 128 10.00 12.14 50.41
N LYS B 129 11.10 12.10 51.18
CA LYS B 129 11.07 12.64 52.53
C LYS B 129 11.02 14.16 52.52
N TYR B 130 11.49 14.78 51.45
CA TYR B 130 11.42 16.24 51.32
C TYR B 130 10.00 16.71 51.07
N ILE B 131 9.24 16.01 50.21
CA ILE B 131 7.86 16.40 49.95
C ILE B 131 6.96 16.06 51.14
N ALA B 132 7.21 14.91 51.78
CA ALA B 132 6.38 14.51 52.91
C ALA B 132 6.54 15.47 54.08
N GLY B 133 7.68 16.14 54.18
CA GLY B 133 7.91 17.09 55.25
C GLY B 133 7.54 18.50 54.87
N GLY B 134 6.61 18.63 53.92
CA GLY B 134 6.12 19.92 53.52
C GLY B 134 6.99 20.69 52.55
N GLY B 135 7.85 20.00 51.80
CA GLY B 135 8.71 20.69 50.86
C GLY B 135 7.91 21.28 49.72
N LYS B 136 8.40 22.42 49.23
CA LYS B 136 7.77 23.14 48.13
C LYS B 136 8.22 22.52 46.81
N VAL B 137 7.28 21.97 46.06
CA VAL B 137 7.60 21.36 44.76
C VAL B 137 6.47 21.66 43.80
N VAL B 138 6.85 22.00 42.56
CA VAL B 138 5.94 22.07 41.43
C VAL B 138 6.59 21.29 40.30
N LEU B 139 5.99 20.17 39.95
CA LEU B 139 6.56 19.25 38.98
C LEU B 139 5.84 19.45 37.65
N ALA B 140 6.61 19.68 36.59
CA ALA B 140 6.07 19.78 35.24
C ALA B 140 6.18 18.42 34.58
N ALA B 141 5.05 17.86 34.18
CA ALA B 141 5.03 16.52 33.61
C ALA B 141 3.85 16.39 32.66
N SER B 142 3.83 15.28 31.92
CA SER B 142 2.72 14.98 31.04
C SER B 142 1.58 14.34 31.82
N SER B 143 0.38 14.40 31.24
CA SER B 143 -0.74 13.67 31.82
C SER B 143 -0.44 12.19 31.89
N GLU B 144 0.29 11.67 30.89
CA GLU B 144 0.71 10.27 30.90
C GLU B 144 1.60 9.97 32.10
N PHE B 145 2.57 10.84 32.37
CA PHE B 145 3.46 10.61 33.50
C PHE B 145 2.70 10.68 34.82
N VAL B 146 1.76 11.61 34.93
CA VAL B 146 1.10 11.81 36.20
C VAL B 146 0.08 10.71 36.45
N ASN B 147 -0.60 10.25 35.40
CA ASN B 147 -1.76 9.39 35.55
C ASN B 147 -1.48 7.91 35.39
N SER B 148 -0.61 7.53 34.45
CA SER B 148 -0.37 6.11 34.19
C SER B 148 0.29 5.44 35.40
N ALA B 149 -0.15 4.22 35.69
CA ALA B 149 0.25 3.54 36.92
C ALA B 149 1.74 3.28 36.99
N ALA B 150 2.41 3.17 35.84
CA ALA B 150 3.83 2.84 35.84
C ALA B 150 4.74 4.03 36.10
N ALA B 151 4.21 5.24 36.18
CA ALA B 151 5.04 6.42 36.35
C ALA B 151 4.93 7.02 37.74
N LEU B 152 4.28 8.17 37.86
CA LEU B 152 4.23 8.87 39.14
C LEU B 152 3.53 8.07 40.23
N PRO B 153 2.39 7.40 40.00
CA PRO B 153 1.83 6.55 41.07
C PRO B 153 2.82 5.51 41.59
N ALA B 154 3.64 4.94 40.71
CA ALA B 154 4.64 3.97 41.16
C ALA B 154 5.76 4.65 41.95
N PHE B 155 6.18 5.85 41.52
CA PHE B 155 7.15 6.61 42.29
C PHE B 155 6.59 7.00 43.64
N GLN B 156 5.32 7.43 43.67
CA GLN B 156 4.71 7.86 44.92
C GLN B 156 4.58 6.68 45.88
N THR B 157 4.24 5.49 45.35
CA THR B 157 4.10 4.32 46.20
C THR B 157 5.45 3.89 46.77
N ALA B 158 6.50 3.91 45.95
CA ALA B 158 7.79 3.38 46.37
C ALA B 158 8.52 4.31 47.32
N TYR B 159 8.40 5.63 47.13
CA TYR B 159 9.16 6.60 47.90
C TYR B 159 8.32 7.37 48.91
N GLY B 160 7.06 6.99 49.12
CA GLY B 160 6.27 7.57 50.20
C GLY B 160 6.04 9.06 50.12
N PHE B 161 5.40 9.52 49.05
CA PHE B 161 5.02 10.93 48.93
C PHE B 161 3.78 11.03 48.06
N THR B 162 3.14 12.19 48.11
CA THR B 162 1.99 12.46 47.25
C THR B 162 2.03 13.93 46.84
N LEU B 163 1.92 14.17 45.54
CA LEU B 163 1.89 15.52 45.00
C LEU B 163 0.45 15.97 44.85
N LYS B 164 0.11 17.10 45.47
CA LYS B 164 -1.21 17.68 45.40
C LYS B 164 -1.35 18.43 44.07
N PRO B 165 -2.58 18.71 43.63
CA PRO B 165 -2.74 19.32 42.29
C PRO B 165 -1.98 20.62 42.07
N ASP B 166 -1.91 21.51 43.07
CA ASP B 166 -1.07 22.69 42.89
C ASP B 166 0.43 22.40 42.91
N GLN B 167 0.84 21.14 43.04
CA GLN B 167 2.25 20.78 42.92
C GLN B 167 2.52 20.04 41.62
N LEU B 168 1.57 20.09 40.68
CA LEU B 168 1.68 19.43 39.39
C LEU B 168 1.26 20.39 38.28
N ILE B 169 2.00 20.35 37.18
CA ILE B 169 1.63 21.04 35.95
C ILE B 169 1.64 19.99 34.85
N THR B 170 0.48 19.71 34.27
CA THR B 170 0.35 18.66 33.27
C THR B 170 0.38 19.26 31.87
N LEU B 171 1.37 18.86 31.08
CA LEU B 171 1.54 19.30 29.71
C LEU B 171 0.90 18.32 28.74
N SER B 172 0.67 18.77 27.51
CA SER B 172 -0.11 17.99 26.56
C SER B 172 0.67 16.76 26.07
N GLY B 173 1.89 16.98 25.61
CA GLY B 173 2.70 15.95 24.98
C GLY B 173 3.67 15.25 25.94
N GLY B 174 4.25 14.18 25.43
CA GLY B 174 5.29 13.43 26.10
C GLY B 174 6.68 13.94 25.84
N ASP B 175 6.80 15.15 25.27
CA ASP B 175 8.10 15.74 25.01
C ASP B 175 8.74 16.25 26.30
N THR B 176 9.91 15.70 26.64
CA THR B 176 10.58 16.12 27.85
C THR B 176 11.22 17.49 27.71
N ALA B 177 11.43 17.95 26.48
CA ALA B 177 12.01 19.27 26.28
C ALA B 177 11.11 20.38 26.81
N ALA B 178 9.79 20.20 26.72
CA ALA B 178 8.87 21.22 27.22
C ALA B 178 8.83 21.24 28.74
N THR B 179 8.81 20.06 29.37
CA THR B 179 8.86 20.00 30.82
C THR B 179 10.17 20.57 31.36
N ILE B 180 11.28 20.29 30.67
CA ILE B 180 12.56 20.85 31.07
C ILE B 180 12.55 22.37 30.97
N ALA B 181 11.94 22.90 29.89
CA ALA B 181 11.86 24.35 29.73
C ALA B 181 10.96 25.00 30.78
N ALA B 182 9.94 24.29 31.24
CA ALA B 182 9.07 24.87 32.26
C ALA B 182 9.80 25.01 33.60
N ALA B 183 10.60 24.01 33.98
CA ALA B 183 11.33 24.11 35.24
C ALA B 183 12.51 25.06 35.13
N ALA B 184 13.11 25.18 33.94
CA ALA B 184 14.24 26.09 33.79
C ALA B 184 13.80 27.54 33.91
N ASN B 185 12.62 27.88 33.41
CA ASN B 185 12.10 29.23 33.53
C ASN B 185 11.12 29.38 34.69
N GLN B 186 10.91 28.30 35.44
CA GLN B 186 10.07 28.32 36.64
C GLN B 186 8.65 28.76 36.27
N THR B 187 8.18 28.29 35.12
CA THR B 187 6.86 28.67 34.66
C THR B 187 5.80 28.17 35.63
N ASN B 188 4.95 29.09 36.09
CA ASN B 188 3.96 28.79 37.11
C ASN B 188 4.60 28.13 38.33
N GLY B 189 5.79 28.60 38.68
CA GLY B 189 6.48 28.13 39.87
C GLY B 189 7.12 26.77 39.78
N ALA B 190 7.32 26.23 38.58
CA ALA B 190 7.87 24.89 38.44
C ALA B 190 9.35 24.87 38.82
N ASN B 191 9.76 23.85 39.58
CA ASN B 191 11.17 23.64 39.90
C ASN B 191 11.59 22.19 39.70
N ALA B 192 10.71 21.34 39.17
CA ALA B 192 11.04 19.97 38.84
C ALA B 192 10.46 19.64 37.48
N ALA B 193 11.09 18.71 36.79
CA ALA B 193 10.71 18.40 35.42
C ALA B 193 10.85 16.91 35.16
N VAL B 195 11.92 13.97 32.95
CA VAL B 195 13.03 13.89 32.02
C VAL B 195 13.26 12.43 31.69
N TYR B 196 14.13 12.22 30.71
CA TYR B 196 14.87 10.97 30.55
C TYR B 196 16.31 11.25 30.97
N GLY B 197 16.97 10.22 31.48
CA GLY B 197 18.20 10.41 32.24
C GLY B 197 19.22 11.31 31.56
N THR B 198 19.44 11.13 30.27
CA THR B 198 20.50 11.84 29.56
C THR B 198 19.97 12.83 28.52
N ASP B 199 18.81 13.42 28.75
CA ASP B 199 18.27 14.39 27.81
C ASP B 199 19.20 15.58 27.65
N GLY B 200 19.27 16.11 26.42
CA GLY B 200 20.20 17.17 26.07
C GLY B 200 19.93 18.50 26.76
N GLY B 201 18.71 18.73 27.24
CA GLY B 201 18.41 19.99 27.87
C GLY B 201 18.74 20.09 29.35
N ILE B 202 19.06 18.95 29.99
CA ILE B 202 19.21 18.93 31.45
C ILE B 202 20.37 19.81 31.89
N ALA B 203 21.56 19.57 31.33
CA ALA B 203 22.73 20.31 31.82
C ALA B 203 22.65 21.80 31.52
N PRO B 204 22.32 22.26 30.31
CA PRO B 204 22.21 23.71 30.10
C PRO B 204 21.07 24.37 30.87
N SER B 205 20.08 23.62 31.34
CA SER B 205 18.98 24.19 32.10
C SER B 205 19.25 24.26 33.60
N GLY B 206 20.38 23.75 34.06
CA GLY B 206 20.67 23.77 35.47
C GLY B 206 19.82 22.81 36.26
N LEU B 207 19.68 21.59 35.76
CA LEU B 207 18.89 20.56 36.42
C LEU B 207 19.80 19.39 36.78
N VAL B 208 19.44 18.67 37.84
CA VAL B 208 20.14 17.45 38.23
C VAL B 208 19.11 16.34 38.39
N VAL B 209 19.40 15.18 37.82
CA VAL B 209 18.48 14.06 37.88
C VAL B 209 18.59 13.40 39.23
N LEU B 210 17.45 13.13 39.87
CA LEU B 210 17.44 12.47 41.17
C LEU B 210 17.47 10.98 40.96
N GLU B 211 18.35 10.28 41.67
CA GLU B 211 18.64 8.92 41.26
C GLU B 211 17.48 8.01 41.65
N ASP B 212 17.09 7.09 40.75
CA ASP B 212 16.04 6.12 41.04
C ASP B 212 16.64 4.94 41.81
N ASP B 213 16.89 5.16 43.11
CA ASP B 213 17.67 4.20 43.90
C ASP B 213 16.92 2.90 44.18
N LYS B 214 15.59 2.92 44.23
CA LYS B 214 14.81 1.71 44.45
C LYS B 214 14.37 1.05 43.15
N HIS B 215 14.77 1.60 42.00
CA HIS B 215 14.57 0.99 40.68
C HIS B 215 13.09 0.73 40.41
N VAL B 216 12.35 1.83 40.34
CA VAL B 216 10.93 1.75 40.00
C VAL B 216 10.75 1.58 38.49
N GLN B 217 11.61 2.25 37.69
CA GLN B 217 11.56 2.25 36.24
C GLN B 217 12.54 1.23 35.66
N PRO B 218 12.23 0.69 34.48
CA PRO B 218 13.20 -0.19 33.82
C PRO B 218 14.49 0.55 33.52
N VAL B 219 15.58 -0.20 33.47
CA VAL B 219 16.91 0.37 33.28
C VAL B 219 17.23 0.43 31.79
N TYR B 220 17.63 1.61 31.32
CA TYR B 220 17.99 1.88 29.92
C TYR B 220 19.41 2.43 29.86
N GLN B 221 20.38 1.54 29.84
CA GLN B 221 21.81 1.80 29.63
C GLN B 221 22.27 1.42 28.24
N PRO B 222 22.92 2.40 27.63
CA PRO B 222 23.39 2.24 26.25
C PRO B 222 24.60 1.33 26.20
N ALA B 223 24.61 0.47 25.19
CA ALA B 223 25.69 -0.46 24.98
C ALA B 223 25.89 -0.67 23.50
N PRO B 224 27.12 -0.78 23.04
CA PRO B 224 27.35 -1.12 21.63
C PRO B 224 27.00 -2.59 21.40
N ILE B 225 26.19 -2.85 20.39
CA ILE B 225 25.86 -4.21 20.00
C ILE B 225 26.30 -4.42 18.57
N ILE B 226 26.89 -5.57 18.30
CA ILE B 226 27.55 -5.84 17.03
C ILE B 226 27.21 -7.27 16.60
N ARG B 227 27.02 -7.44 15.29
CA ARG B 227 26.79 -8.77 14.75
C ARG B 227 28.03 -9.63 14.92
N GLU B 228 27.81 -10.90 15.28
CA GLU B 228 28.90 -11.79 15.60
C GLU B 228 29.84 -11.97 14.41
N GLU B 229 29.30 -11.97 13.20
CA GLU B 229 30.14 -12.13 12.01
C GLU B 229 31.14 -10.99 11.88
N VAL B 230 30.73 -9.76 12.20
CA VAL B 230 31.61 -8.63 12.06
C VAL B 230 32.59 -8.58 13.23
N LEU B 231 32.17 -9.00 14.42
CA LEU B 231 33.04 -8.87 15.58
C LEU B 231 34.20 -9.85 15.54
N LYS B 232 34.01 -11.05 14.98
CA LYS B 232 35.11 -12.01 14.93
C LYS B 232 36.18 -11.68 13.88
N LYS B 233 35.87 -10.87 12.87
CA LYS B 233 36.92 -10.48 11.94
C LYS B 233 37.78 -9.38 12.53
N ASP B 234 37.24 -8.60 13.46
CA ASP B 234 38.00 -7.59 14.19
C ASP B 234 37.63 -7.76 15.66
N PRO B 235 38.21 -8.75 16.34
CA PRO B 235 37.77 -9.05 17.72
C PRO B 235 38.17 -8.01 18.74
N LYS B 236 39.15 -7.15 18.43
CA LYS B 236 39.56 -6.14 19.41
C LYS B 236 38.49 -5.08 19.66
N ILE B 237 37.43 -5.02 18.84
CA ILE B 237 36.41 -4.00 19.03
C ILE B 237 35.82 -4.09 20.43
N GLU B 238 35.76 -5.30 20.99
CA GLU B 238 35.23 -5.48 22.34
C GLU B 238 36.08 -4.75 23.37
N GLU B 239 37.39 -4.96 23.35
CA GLU B 239 38.27 -4.33 24.33
C GLU B 239 38.46 -2.84 24.05
N LEU B 240 38.32 -2.42 22.79
CA LEU B 240 38.50 -1.00 22.49
C LEU B 240 37.36 -0.17 23.06
N LEU B 241 36.13 -0.70 23.00
CA LEU B 241 34.96 0.00 23.48
C LEU B 241 34.64 -0.29 24.94
N LYS B 242 35.38 -1.20 25.60
CA LYS B 242 35.06 -1.46 27.01
C LYS B 242 35.39 -0.27 27.91
N PRO B 243 36.62 0.29 27.90
CA PRO B 243 36.87 1.44 28.79
C PRO B 243 36.23 2.73 28.30
N VAL B 244 35.96 2.86 27.00
CA VAL B 244 35.31 4.06 26.51
C VAL B 244 33.90 4.18 27.08
N PHE B 245 33.13 3.09 27.03
CA PHE B 245 31.76 3.12 27.53
C PHE B 245 31.71 3.04 29.05
N GLU B 246 32.73 2.47 29.70
CA GLU B 246 32.72 2.45 31.16
C GLU B 246 32.91 3.83 31.75
N LYS B 247 33.52 4.75 31.00
CA LYS B 247 33.76 6.10 31.46
C LYS B 247 32.68 7.10 31.03
N LEU B 248 31.58 6.62 30.46
CA LEU B 248 30.46 7.46 30.02
C LEU B 248 29.33 7.43 31.05
N ASP B 249 29.56 8.12 32.16
CA ASP B 249 28.56 8.21 33.23
C ASP B 249 27.42 9.13 32.82
N LEU B 250 26.46 9.28 33.73
CA LEU B 250 25.25 10.07 33.45
C LEU B 250 25.59 11.54 33.21
N THR B 251 26.50 12.09 34.00
CA THR B 251 26.78 13.52 33.93
C THR B 251 27.49 13.88 32.64
N THR B 252 28.48 13.08 32.23
CA THR B 252 29.17 13.35 30.99
C THR B 252 28.25 13.22 29.80
N LEU B 253 27.44 12.17 29.78
CA LEU B 253 26.56 11.93 28.64
C LEU B 253 25.52 13.03 28.52
N GLN B 254 25.08 13.59 29.66
CA GLN B 254 24.24 14.79 29.64
C GLN B 254 24.98 15.97 29.02
N ASP B 255 26.28 16.10 29.33
CA ASP B 255 27.05 17.24 28.86
C ASP B 255 27.35 17.12 27.36
N LEU B 256 27.54 15.90 26.86
CA LEU B 256 27.77 15.74 25.43
C LEU B 256 26.51 16.02 24.63
N ASN B 257 25.36 15.52 25.09
CA ASN B 257 24.11 15.80 24.41
C ASN B 257 23.77 17.28 24.47
N GLY B 258 24.11 17.93 25.59
CA GLY B 258 23.81 19.35 25.72
C GLY B 258 24.61 20.21 24.77
N ARG B 259 25.90 19.88 24.57
CA ARG B 259 26.70 20.67 23.64
C ARG B 259 26.22 20.51 22.20
N VAL B 260 25.56 19.40 21.88
CA VAL B 260 25.04 19.22 20.53
C VAL B 260 23.66 19.86 20.41
N GLN B 261 22.74 19.50 21.30
CA GLN B 261 21.34 19.86 21.12
C GLN B 261 21.11 21.35 21.34
N LEU B 262 21.80 21.96 22.30
CA LEU B 262 21.66 23.39 22.55
C LEU B 262 22.94 24.18 22.28
N GLY B 263 24.10 23.54 22.32
CA GLY B 263 25.39 24.14 22.10
C GLY B 263 25.79 24.24 20.67
N GLY B 264 25.08 23.56 19.77
CA GLY B 264 25.30 23.68 18.34
C GLY B 264 26.53 22.98 17.84
N GLU B 265 27.30 22.34 18.70
CA GLU B 265 28.50 21.66 18.26
C GLU B 265 28.11 20.38 17.53
N PRO B 266 28.80 20.04 16.44
CA PRO B 266 28.45 18.81 15.73
C PRO B 266 28.76 17.59 16.58
N ALA B 267 27.92 16.55 16.44
CA ALA B 267 28.09 15.34 17.22
C ALA B 267 29.44 14.70 16.97
N LYS B 268 29.99 14.88 15.76
CA LYS B 268 31.32 14.36 15.44
C LYS B 268 32.40 15.11 16.20
N ALA B 269 32.27 16.42 16.33
CA ALA B 269 33.26 17.20 17.06
C ALA B 269 33.20 16.93 18.55
N VAL B 270 32.00 16.69 19.08
CA VAL B 270 31.84 16.38 20.50
C VAL B 270 32.42 15.00 20.81
N ALA B 271 32.24 14.04 19.89
CA ALA B 271 32.75 12.70 20.13
C ALA B 271 34.27 12.69 20.14
N GLU B 272 34.90 13.34 19.16
CA GLU B 272 36.36 13.37 19.12
C GLU B 272 36.93 14.20 20.26
N ASP B 273 36.18 15.18 20.74
CA ASP B 273 36.62 15.92 21.92
C ASP B 273 36.60 15.02 23.15
N PHE B 274 35.53 14.25 23.33
CA PHE B 274 35.43 13.36 24.49
C PHE B 274 36.54 12.31 24.50
N LEU B 275 36.88 11.77 23.33
CA LEU B 275 37.87 10.72 23.28
C LEU B 275 39.28 11.27 23.50
N LYS B 276 39.54 12.48 23.00
CA LYS B 276 40.87 13.09 23.16
C LYS B 276 41.13 13.45 24.63
N LYS B 277 40.10 13.94 25.33
CA LYS B 277 40.22 14.26 26.76
C LYS B 277 40.55 13.03 27.59
N ASN B 278 40.07 11.86 27.19
CA ASN B 278 40.17 10.66 28.01
C ASN B 278 41.26 9.69 27.56
N GLY B 279 42.12 10.11 26.63
CA GLY B 279 43.29 9.35 26.29
C GLY B 279 43.06 8.18 25.37
N PHE B 280 41.90 8.10 24.72
CA PHE B 280 41.59 7.01 23.82
C PHE B 280 41.99 7.27 22.38
N LEU B 281 42.42 8.48 22.00
CA LEU B 281 42.67 8.63 20.56
C LEU B 281 44.07 8.15 20.17
N LYS B 282 45.06 8.41 21.02
CA LYS B 282 46.45 8.05 20.73
C LYS B 282 47.21 7.93 22.03
N ASN C 2 -35.23 9.97 -11.11
CA ASN C 2 -33.86 9.52 -11.08
C ASN C 2 -33.72 8.16 -11.74
N ALA C 3 -32.56 7.93 -12.35
CA ALA C 3 -32.29 6.69 -13.06
C ALA C 3 -31.99 5.45 -12.24
N VAL C 4 -32.55 4.34 -12.68
CA VAL C 4 -32.35 3.04 -12.03
C VAL C 4 -31.05 2.42 -12.56
N ALA C 5 -30.13 2.10 -11.65
CA ALA C 5 -28.82 1.56 -12.03
C ALA C 5 -28.92 0.05 -12.19
N VAL C 6 -28.87 -0.43 -13.43
CA VAL C 6 -28.87 -1.86 -13.72
C VAL C 6 -27.43 -2.34 -13.81
N SER C 7 -27.11 -3.40 -13.05
CA SER C 7 -25.76 -3.95 -13.06
C SER C 7 -25.78 -5.46 -13.19
N SER C 8 -24.61 -6.08 -13.10
CA SER C 8 -24.49 -7.54 -13.14
C SER C 8 -23.04 -7.89 -12.85
N LYS C 9 -22.80 -9.20 -12.72
CA LYS C 9 -21.43 -9.66 -12.55
C LYS C 9 -20.73 -9.75 -13.89
N ILE C 10 -19.41 -10.00 -13.83
CA ILE C 10 -18.55 -9.82 -15.00
C ILE C 10 -18.58 -10.95 -16.02
N ASP C 11 -19.23 -12.08 -15.71
CA ASP C 11 -19.24 -13.19 -16.65
C ASP C 11 -20.22 -12.95 -17.80
N THR C 12 -20.27 -13.91 -18.72
CA THR C 12 -21.17 -13.82 -19.88
C THR C 12 -22.63 -13.81 -19.45
N GLU C 13 -22.99 -14.68 -18.50
CA GLU C 13 -24.38 -14.73 -18.09
C GLU C 13 -24.82 -13.45 -17.40
N GLY C 14 -23.91 -12.81 -16.66
CA GLY C 14 -24.22 -11.51 -16.10
C GLY C 14 -24.57 -10.48 -17.16
N GLY C 15 -23.84 -10.49 -18.27
CA GLY C 15 -24.13 -9.57 -19.36
C GLY C 15 -25.49 -9.82 -19.99
N VAL C 16 -25.83 -11.10 -20.20
CA VAL C 16 -27.11 -11.43 -20.83
C VAL C 16 -28.26 -11.03 -19.92
N LEU C 17 -28.20 -11.44 -18.65
CA LEU C 17 -29.29 -11.14 -17.73
C LEU C 17 -29.36 -9.65 -17.44
N GLY C 18 -28.21 -8.99 -17.33
CA GLY C 18 -28.21 -7.55 -17.12
C GLY C 18 -28.80 -6.78 -18.28
N ASN C 19 -28.46 -7.18 -19.52
CA ASN C 19 -29.03 -6.50 -20.68
C ASN C 19 -30.53 -6.79 -20.82
N ILE C 20 -30.97 -7.96 -20.37
CA ILE C 20 -32.40 -8.27 -20.36
C ILE C 20 -33.13 -7.37 -19.38
N ILE C 21 -32.58 -7.24 -18.16
CA ILE C 21 -33.20 -6.38 -17.15
C ILE C 21 -33.25 -4.94 -17.63
N LEU C 22 -32.17 -4.47 -18.27
CA LEU C 22 -32.11 -3.09 -18.70
C LEU C 22 -33.09 -2.82 -19.85
N THR C 23 -33.22 -3.77 -20.79
CA THR C 23 -34.11 -3.55 -21.93
C THR C 23 -35.57 -3.59 -21.53
N VAL C 24 -35.93 -4.44 -20.56
CA VAL C 24 -37.33 -4.47 -20.12
C VAL C 24 -37.69 -3.16 -19.43
N LEU C 25 -36.77 -2.60 -18.63
CA LEU C 25 -37.03 -1.33 -17.96
C LEU C 25 -37.08 -0.17 -18.96
N ASN C 26 -36.23 -0.19 -20.00
CA ASN C 26 -36.25 0.91 -20.97
C ASN C 26 -37.54 0.89 -21.79
N ALA C 27 -38.06 -0.29 -22.11
CA ALA C 27 -39.24 -0.37 -22.94
C ALA C 27 -40.52 0.06 -22.22
N ASN C 28 -40.49 0.17 -20.90
CA ASN C 28 -41.67 0.52 -20.13
C ASN C 28 -41.52 1.89 -19.45
N GLY C 29 -40.68 2.76 -20.00
CA GLY C 29 -40.57 4.12 -19.53
C GLY C 29 -39.83 4.32 -18.24
N ILE C 30 -39.10 3.32 -17.75
CA ILE C 30 -38.33 3.45 -16.53
C ILE C 30 -36.93 3.83 -16.97
N LYS C 31 -36.51 5.05 -16.62
CA LYS C 31 -35.19 5.51 -17.03
C LYS C 31 -34.12 4.75 -16.27
N THR C 32 -33.06 4.37 -16.97
CA THR C 32 -32.06 3.47 -16.41
C THR C 32 -30.66 4.06 -16.60
N THR C 33 -29.73 3.51 -15.83
CA THR C 33 -28.32 3.78 -16.00
C THR C 33 -27.63 2.43 -16.17
N ASP C 34 -26.70 2.35 -17.12
CA ASP C 34 -26.10 1.08 -17.51
C ASP C 34 -24.86 0.86 -16.66
N ARG C 35 -24.90 -0.16 -15.82
CA ARG C 35 -23.74 -0.54 -15.03
C ARG C 35 -23.50 -2.03 -15.11
N ILE C 36 -23.73 -2.59 -16.30
CA ILE C 36 -23.68 -4.04 -16.50
C ILE C 36 -22.22 -4.50 -16.46
N GLN C 37 -22.00 -5.68 -15.87
CA GLN C 37 -20.68 -6.29 -15.74
C GLN C 37 -19.70 -5.38 -15.00
N LEU C 38 -20.10 -5.00 -13.79
CA LEU C 38 -19.29 -4.07 -13.01
C LEU C 38 -18.04 -4.76 -12.46
N GLY C 39 -18.17 -6.00 -12.01
CA GLY C 39 -17.03 -6.74 -11.49
C GLY C 39 -17.46 -8.08 -10.97
N ALA C 40 -16.65 -8.65 -10.09
CA ALA C 40 -16.95 -9.95 -9.51
C ALA C 40 -18.04 -9.80 -8.44
N THR C 41 -18.42 -10.94 -7.85
CA THR C 41 -19.50 -10.95 -6.87
C THR C 41 -19.24 -10.05 -5.66
N PRO C 42 -18.07 -10.09 -5.00
CA PRO C 42 -17.86 -9.16 -3.87
C PRO C 42 -17.88 -7.70 -4.29
N VAL C 43 -17.55 -7.40 -5.54
CA VAL C 43 -17.58 -6.02 -6.00
C VAL C 43 -19.02 -5.55 -6.17
N VAL C 44 -19.88 -6.38 -6.76
CA VAL C 44 -21.27 -6.02 -6.95
C VAL C 44 -22.04 -6.07 -5.64
N ARG C 45 -21.68 -6.99 -4.75
CA ARG C 45 -22.39 -7.08 -3.47
C ARG C 45 -22.10 -5.87 -2.59
N LYS C 46 -20.84 -5.43 -2.57
CA LYS C 46 -20.50 -4.22 -1.81
C LYS C 46 -21.08 -2.98 -2.47
N ALA C 47 -21.34 -3.03 -3.77
CA ALA C 47 -21.92 -1.89 -4.48
C ALA C 47 -23.42 -1.75 -4.17
N ILE C 48 -24.15 -2.87 -4.11
CA ILE C 48 -25.57 -2.78 -3.81
C ILE C 48 -25.81 -2.49 -2.33
N THR C 49 -24.94 -3.00 -1.44
CA THR C 49 -25.10 -2.75 -0.02
C THR C 49 -24.78 -1.31 0.34
N ALA C 50 -24.06 -0.61 -0.53
CA ALA C 50 -23.69 0.78 -0.32
C ALA C 50 -24.58 1.76 -1.10
N GLY C 51 -25.49 1.26 -1.92
CA GLY C 51 -26.35 2.12 -2.69
C GLY C 51 -25.78 2.57 -4.02
N GLU C 52 -24.67 1.97 -4.47
CA GLU C 52 -24.08 2.34 -5.75
C GLU C 52 -24.79 1.69 -6.93
N ILE C 53 -25.41 0.52 -6.74
CA ILE C 53 -26.20 -0.05 -7.83
C ILE C 53 -27.60 -0.24 -7.28
N ASP C 54 -28.55 -0.47 -8.19
CA ASP C 54 -29.93 -0.64 -7.76
C ASP C 54 -30.48 -2.02 -8.02
N ILE C 55 -30.19 -2.63 -9.16
CA ILE C 55 -30.74 -3.95 -9.49
C ILE C 55 -29.69 -4.72 -10.30
N TYR C 56 -29.58 -6.02 -10.03
CA TYR C 56 -28.65 -6.88 -10.75
C TYR C 56 -29.08 -8.33 -10.52
N PRO C 57 -28.64 -9.25 -11.39
CA PRO C 57 -28.99 -10.67 -11.20
C PRO C 57 -28.04 -11.41 -10.27
N GLU C 58 -28.59 -12.04 -9.24
CA GLU C 58 -27.84 -12.83 -8.27
C GLU C 58 -28.38 -14.26 -8.22
N TYR C 59 -27.54 -15.18 -7.75
CA TYR C 59 -27.89 -16.59 -7.65
C TYR C 59 -28.30 -16.93 -6.21
N THR C 60 -29.35 -17.74 -6.08
CA THR C 60 -29.95 -18.00 -4.77
C THR C 60 -28.94 -18.61 -3.80
N GLY C 61 -28.19 -19.61 -4.26
CA GLY C 61 -27.27 -20.32 -3.38
C GLY C 61 -26.12 -19.46 -2.86
N ASN C 62 -25.83 -18.34 -3.53
CA ASN C 62 -24.74 -17.49 -3.09
C ASN C 62 -25.04 -16.83 -1.75
N ALA C 63 -26.29 -16.81 -1.32
CA ALA C 63 -26.64 -16.30 0.00
C ALA C 63 -26.03 -17.14 1.11
N ALA C 64 -25.64 -18.39 0.82
CA ALA C 64 -24.95 -19.20 1.82
C ALA C 64 -23.65 -18.53 2.27
N PHE C 65 -22.96 -17.87 1.34
CA PHE C 65 -21.68 -17.25 1.66
C PHE C 65 -21.83 -15.80 2.11
N PHE C 66 -22.90 -15.13 1.69
CA PHE C 66 -23.13 -13.76 2.16
C PHE C 66 -23.50 -13.73 3.63
N PHE C 67 -24.16 -14.77 4.13
CA PHE C 67 -24.71 -14.77 5.48
C PHE C 67 -24.10 -15.86 6.35
N ASN C 68 -22.91 -16.35 5.99
CA ASN C 68 -22.13 -17.25 6.84
C ASN C 68 -22.89 -18.53 7.16
N LYS C 69 -23.51 -19.12 6.12
CA LYS C 69 -24.20 -20.41 6.24
C LYS C 69 -23.78 -21.31 5.07
N ALA C 70 -22.47 -21.56 4.97
CA ALA C 70 -21.89 -22.01 3.71
C ALA C 70 -22.46 -23.34 3.23
N ASP C 71 -22.43 -24.36 4.08
CA ASP C 71 -22.75 -25.72 3.65
C ASP C 71 -24.10 -26.22 4.14
N ASP C 72 -25.01 -25.30 4.47
CA ASP C 72 -26.31 -25.72 5.01
C ASP C 72 -27.06 -26.56 4.00
N PRO C 73 -27.70 -27.65 4.43
CA PRO C 73 -28.43 -28.51 3.48
C PRO C 73 -29.62 -27.83 2.82
N LEU C 74 -30.08 -26.68 3.34
CA LEU C 74 -31.23 -26.02 2.75
C LEU C 74 -30.93 -25.44 1.38
N TRP C 75 -29.66 -25.13 1.09
CA TRP C 75 -29.32 -24.58 -0.22
C TRP C 75 -29.41 -25.61 -1.33
N LYS C 76 -29.57 -26.88 -1.00
CA LYS C 76 -29.77 -27.94 -1.98
C LYS C 76 -31.24 -28.16 -2.33
N ASP C 77 -32.16 -27.42 -1.71
CA ASP C 77 -33.57 -27.45 -2.08
C ASP C 77 -33.93 -26.14 -2.77
N PRO C 78 -34.39 -26.18 -4.03
CA PRO C 78 -34.65 -24.91 -4.75
C PRO C 78 -35.62 -23.98 -4.02
N ALA C 79 -36.70 -24.52 -3.46
CA ALA C 79 -37.67 -23.67 -2.78
C ALA C 79 -37.08 -23.06 -1.51
N LYS C 80 -36.39 -23.86 -0.71
CA LYS C 80 -35.80 -23.33 0.51
C LYS C 80 -34.66 -22.36 0.22
N ALA C 81 -33.94 -22.58 -0.89
CA ALA C 81 -32.84 -21.69 -1.23
C ALA C 81 -33.32 -20.31 -1.62
N TYR C 82 -34.44 -20.23 -2.37
CA TYR C 82 -34.92 -18.92 -2.78
C TYR C 82 -35.56 -18.16 -1.62
N GLU C 83 -36.40 -18.84 -0.82
CA GLU C 83 -37.07 -18.16 0.28
C GLU C 83 -36.09 -17.72 1.35
N THR C 84 -35.04 -18.52 1.60
CA THR C 84 -34.05 -18.13 2.60
C THR C 84 -33.17 -16.99 2.12
N ALA C 85 -32.77 -17.02 0.83
CA ALA C 85 -31.99 -15.92 0.29
C ALA C 85 -32.81 -14.63 0.26
N LYS C 86 -34.11 -14.74 -0.03
CA LYS C 86 -34.99 -13.59 -0.07
C LYS C 86 -35.22 -13.00 1.32
N LYS C 87 -35.44 -13.88 2.31
CA LYS C 87 -35.76 -13.39 3.65
C LYS C 87 -34.53 -12.84 4.35
N LEU C 88 -33.39 -13.51 4.24
CA LEU C 88 -32.19 -13.02 4.91
C LEU C 88 -31.75 -11.67 4.34
N ASP C 89 -31.85 -11.51 3.02
CA ASP C 89 -31.40 -10.27 2.38
C ASP C 89 -32.35 -9.11 2.63
N TYR C 90 -33.65 -9.37 2.80
CA TYR C 90 -34.55 -8.27 3.12
C TYR C 90 -34.34 -7.78 4.55
N ASP C 91 -34.06 -8.71 5.47
CA ASP C 91 -33.83 -8.34 6.85
C ASP C 91 -32.51 -7.61 7.03
N ALA C 92 -31.47 -8.02 6.29
CA ALA C 92 -30.13 -7.50 6.51
C ALA C 92 -29.81 -6.22 5.76
N ASN C 93 -30.31 -6.08 4.52
CA ASN C 93 -29.99 -4.93 3.69
C ASN C 93 -31.19 -4.28 3.03
N LYS C 94 -32.40 -4.78 3.30
CA LYS C 94 -33.62 -4.31 2.65
C LYS C 94 -33.54 -4.41 1.12
N ILE C 95 -32.86 -5.44 0.63
CA ILE C 95 -32.82 -5.78 -0.78
C ILE C 95 -33.93 -6.80 -1.07
N VAL C 96 -34.67 -6.57 -2.15
CA VAL C 96 -35.83 -7.39 -2.48
C VAL C 96 -35.47 -8.33 -3.62
N TRP C 97 -35.58 -9.64 -3.36
CA TRP C 97 -35.37 -10.66 -4.40
C TRP C 97 -36.66 -10.85 -5.19
N LEU C 98 -36.58 -10.68 -6.51
CA LEU C 98 -37.75 -10.83 -7.36
C LEU C 98 -37.89 -12.30 -7.78
N THR C 99 -38.79 -12.56 -8.73
CA THR C 99 -39.08 -13.93 -9.15
C THR C 99 -37.83 -14.54 -9.80
N PRO C 100 -37.42 -15.74 -9.38
CA PRO C 100 -36.21 -16.34 -9.93
C PRO C 100 -36.48 -17.13 -11.22
N SER C 101 -35.37 -17.43 -11.93
CA SER C 101 -35.38 -18.28 -13.12
C SER C 101 -35.27 -19.75 -12.72
N PRO C 102 -35.94 -20.63 -13.49
CA PRO C 102 -35.87 -22.07 -13.15
C PRO C 102 -34.50 -22.70 -13.40
N ALA C 103 -33.61 -22.04 -14.13
CA ALA C 103 -32.32 -22.63 -14.47
C ALA C 103 -31.43 -22.71 -13.23
N ASN C 104 -30.82 -23.87 -13.01
CA ASN C 104 -29.92 -24.10 -11.88
C ASN C 104 -28.48 -24.11 -12.41
N ASN C 105 -27.79 -22.98 -12.26
CA ASN C 105 -26.42 -22.84 -12.75
C ASN C 105 -25.43 -23.29 -11.69
N THR C 106 -25.39 -24.61 -11.48
CA THR C 106 -24.56 -25.21 -10.44
C THR C 106 -23.63 -26.26 -11.06
N TRP C 107 -22.79 -26.83 -10.20
CA TRP C 107 -21.84 -27.85 -10.61
C TRP C 107 -22.55 -29.12 -11.09
N GLY C 108 -22.13 -29.62 -12.25
CA GLY C 108 -22.75 -30.82 -12.78
C GLY C 108 -21.89 -31.50 -13.81
N ILE C 109 -22.47 -32.53 -14.43
CA ILE C 109 -21.84 -33.33 -15.46
C ILE C 109 -22.69 -33.26 -16.72
N ALA C 110 -22.05 -32.94 -17.85
CA ALA C 110 -22.70 -32.93 -19.15
C ALA C 110 -22.08 -33.97 -20.07
N VAL C 111 -22.93 -34.63 -20.86
CA VAL C 111 -22.49 -35.61 -21.84
C VAL C 111 -22.85 -35.09 -23.23
N ARG C 112 -22.13 -35.59 -24.24
CA ARG C 112 -22.45 -35.24 -25.62
C ARG C 112 -23.75 -35.89 -26.07
N LYS C 113 -24.39 -35.24 -27.04
CA LYS C 113 -25.74 -35.63 -27.47
C LYS C 113 -25.78 -37.08 -27.93
N ASP C 114 -24.71 -37.56 -28.55
CA ASP C 114 -24.70 -38.93 -29.07
C ASP C 114 -24.92 -39.94 -27.96
N VAL C 115 -24.20 -39.78 -26.85
CA VAL C 115 -24.31 -40.71 -25.73
C VAL C 115 -25.64 -40.53 -25.00
N ALA C 116 -26.13 -39.29 -24.90
CA ALA C 116 -27.38 -39.02 -24.20
C ALA C 116 -28.60 -39.55 -24.95
N ASN C 117 -28.60 -39.44 -26.28
CA ASN C 117 -29.76 -39.84 -27.07
C ASN C 117 -29.89 -41.35 -27.18
N GLU C 118 -28.76 -42.02 -27.38
CA GLU C 118 -28.80 -43.46 -27.58
C GLU C 118 -29.19 -44.21 -26.32
N ASN C 119 -28.91 -43.67 -25.14
CA ASN C 119 -29.13 -44.35 -23.88
C ASN C 119 -30.13 -43.66 -22.98
N LYS C 120 -30.74 -42.60 -23.50
CA LYS C 120 -31.80 -41.87 -22.84
C LYS C 120 -31.33 -41.43 -21.46
N LEU C 121 -30.29 -40.57 -21.57
CA LEU C 121 -29.64 -39.93 -20.43
C LEU C 121 -30.25 -38.55 -20.30
N ALA C 122 -30.98 -38.36 -19.22
CA ALA C 122 -31.54 -37.06 -18.87
C ALA C 122 -31.20 -36.61 -17.47
N SER C 123 -30.80 -37.52 -16.57
CA SER C 123 -30.49 -37.18 -15.19
C SER C 123 -29.19 -37.86 -14.76
N LEU C 124 -28.72 -37.48 -13.57
CA LEU C 124 -27.56 -38.12 -12.99
C LEU C 124 -27.87 -39.49 -12.43
N SER C 125 -29.15 -39.77 -12.17
CA SER C 125 -29.55 -41.11 -11.75
C SER C 125 -29.49 -42.10 -12.90
N ASP C 126 -29.94 -41.69 -14.09
CA ASP C 126 -29.73 -42.51 -15.29
C ASP C 126 -28.25 -42.68 -15.57
N PHE C 127 -27.46 -41.62 -15.32
CA PHE C 127 -26.02 -41.68 -15.52
C PHE C 127 -25.39 -42.72 -14.61
N GLY C 128 -25.85 -42.82 -13.36
CA GLY C 128 -25.26 -43.76 -12.43
C GLY C 128 -25.52 -45.21 -12.83
N LYS C 129 -26.75 -45.50 -13.27
CA LYS C 129 -27.05 -46.85 -13.71
C LYS C 129 -26.45 -47.16 -15.07
N TYR C 130 -26.10 -46.15 -15.86
CA TYR C 130 -25.45 -46.39 -17.14
C TYR C 130 -24.01 -46.86 -16.93
N ILE C 131 -23.30 -46.27 -15.98
CA ILE C 131 -21.94 -46.72 -15.68
C ILE C 131 -21.98 -48.06 -14.93
N ALA C 132 -22.98 -48.24 -14.06
CA ALA C 132 -23.10 -49.49 -13.32
C ALA C 132 -23.36 -50.67 -14.25
N GLY C 133 -23.95 -50.42 -15.41
CA GLY C 133 -24.20 -51.48 -16.38
C GLY C 133 -23.11 -51.62 -17.41
N GLY C 134 -21.89 -51.19 -17.07
CA GLY C 134 -20.76 -51.32 -17.96
C GLY C 134 -20.67 -50.27 -19.05
N GLY C 135 -21.29 -49.12 -18.87
CA GLY C 135 -21.26 -48.10 -19.91
C GLY C 135 -19.88 -47.46 -20.11
N LYS C 136 -19.66 -47.01 -21.36
CA LYS C 136 -18.48 -46.27 -21.79
C LYS C 136 -18.62 -44.81 -21.38
N VAL C 137 -17.79 -44.37 -20.43
CA VAL C 137 -17.78 -42.97 -20.00
C VAL C 137 -16.34 -42.64 -19.66
N VAL C 138 -15.87 -41.48 -20.11
CA VAL C 138 -14.60 -40.89 -19.71
C VAL C 138 -14.90 -39.42 -19.39
N LEU C 139 -14.73 -39.04 -18.12
CA LEU C 139 -15.13 -37.72 -17.64
C LEU C 139 -13.90 -36.85 -17.51
N ALA C 140 -13.93 -35.68 -18.15
CA ALA C 140 -12.89 -34.68 -18.03
C ALA C 140 -13.28 -33.69 -16.93
N ALA C 141 -12.48 -33.62 -15.88
CA ALA C 141 -12.82 -32.78 -14.72
C ALA C 141 -11.52 -32.36 -14.03
N SER C 142 -11.66 -31.44 -13.07
CA SER C 142 -10.54 -30.99 -12.26
C SER C 142 -10.26 -31.96 -11.12
N SER C 143 -9.03 -31.87 -10.59
CA SER C 143 -8.69 -32.68 -9.43
C SER C 143 -9.60 -32.40 -8.25
N GLU C 144 -9.98 -31.14 -8.07
CA GLU C 144 -10.91 -30.77 -7.02
C GLU C 144 -12.27 -31.46 -7.22
N PHE C 145 -12.72 -31.56 -8.47
CA PHE C 145 -13.98 -32.23 -8.74
C PHE C 145 -13.91 -33.72 -8.39
N VAL C 146 -12.78 -34.36 -8.69
CA VAL C 146 -12.69 -35.81 -8.52
C VAL C 146 -12.48 -36.19 -7.06
N ASN C 147 -11.71 -35.41 -6.32
CA ASN C 147 -11.26 -35.80 -4.99
C ASN C 147 -12.07 -35.21 -3.85
N SER C 148 -12.49 -33.94 -3.94
CA SER C 148 -13.18 -33.31 -2.83
C SER C 148 -14.53 -33.97 -2.58
N ALA C 149 -14.85 -34.15 -1.29
CA ALA C 149 -16.05 -34.90 -0.91
C ALA C 149 -17.32 -34.24 -1.41
N ALA C 150 -17.30 -32.93 -1.65
CA ALA C 150 -18.51 -32.23 -2.06
C ALA C 150 -18.82 -32.37 -3.54
N ALA C 151 -17.91 -32.94 -4.34
CA ALA C 151 -18.13 -33.03 -5.78
C ALA C 151 -18.37 -34.47 -6.23
N LEU C 152 -17.40 -35.07 -6.94
CA LEU C 152 -17.62 -36.40 -7.51
C LEU C 152 -17.90 -37.48 -6.47
N PRO C 153 -17.20 -37.55 -5.33
CA PRO C 153 -17.60 -38.53 -4.31
C PRO C 153 -19.04 -38.37 -3.86
N ALA C 154 -19.52 -37.13 -3.73
CA ALA C 154 -20.91 -36.92 -3.34
C ALA C 154 -21.86 -37.36 -4.44
N PHE C 155 -21.47 -37.15 -5.71
CA PHE C 155 -22.25 -37.68 -6.82
C PHE C 155 -22.26 -39.20 -6.79
N GLN C 156 -21.09 -39.79 -6.51
CA GLN C 156 -20.96 -41.25 -6.56
C GLN C 156 -21.79 -41.95 -5.50
N THR C 157 -21.80 -41.43 -4.27
CA THR C 157 -22.58 -42.06 -3.21
C THR C 157 -24.08 -41.92 -3.46
N ALA C 158 -24.51 -40.74 -3.91
CA ALA C 158 -25.95 -40.49 -4.03
C ALA C 158 -26.58 -41.22 -5.21
N TYR C 159 -25.86 -41.32 -6.33
CA TYR C 159 -26.42 -41.90 -7.56
C TYR C 159 -25.87 -43.29 -7.84
N GLY C 160 -25.14 -43.87 -6.90
CA GLY C 160 -24.74 -45.27 -6.96
C GLY C 160 -23.85 -45.67 -8.12
N PHE C 161 -22.67 -45.07 -8.23
CA PHE C 161 -21.69 -45.48 -9.22
C PHE C 161 -20.30 -45.12 -8.71
N THR C 162 -19.29 -45.70 -9.35
CA THR C 162 -17.90 -45.36 -9.06
C THR C 162 -17.13 -45.41 -10.37
N LEU C 163 -16.43 -44.32 -10.68
CA LEU C 163 -15.65 -44.21 -11.89
C LEU C 163 -14.21 -44.66 -11.63
N LYS C 164 -13.73 -45.62 -12.42
CA LYS C 164 -12.36 -46.10 -12.26
C LYS C 164 -11.37 -45.12 -12.87
N PRO C 165 -10.09 -45.19 -12.47
CA PRO C 165 -9.11 -44.22 -13.00
C PRO C 165 -9.01 -44.23 -14.51
N ASP C 166 -9.22 -45.39 -15.14
CA ASP C 166 -9.26 -45.52 -16.59
C ASP C 166 -10.41 -44.75 -17.21
N GLN C 167 -11.39 -44.32 -16.40
CA GLN C 167 -12.53 -43.58 -16.90
C GLN C 167 -12.49 -42.11 -16.47
N LEU C 168 -11.34 -41.60 -16.07
CA LEU C 168 -11.24 -40.22 -15.61
C LEU C 168 -10.08 -39.49 -16.26
N ILE C 169 -10.32 -38.22 -16.58
CA ILE C 169 -9.30 -37.30 -17.06
C ILE C 169 -9.28 -36.12 -16.11
N THR C 170 -8.19 -35.96 -15.37
CA THR C 170 -8.09 -34.91 -14.37
C THR C 170 -7.26 -33.76 -14.91
N LEU C 171 -7.87 -32.60 -15.05
CA LEU C 171 -7.18 -31.39 -15.47
C LEU C 171 -6.75 -30.61 -14.23
N SER C 172 -5.77 -29.72 -14.41
CA SER C 172 -5.20 -29.05 -13.25
C SER C 172 -6.16 -28.01 -12.68
N GLY C 173 -6.70 -27.14 -13.52
CA GLY C 173 -7.54 -26.06 -13.05
C GLY C 173 -9.01 -26.40 -13.02
N GLY C 174 -9.78 -25.54 -12.36
CA GLY C 174 -11.21 -25.66 -12.28
C GLY C 174 -11.98 -24.95 -13.39
N ASP C 175 -11.29 -24.50 -14.44
CA ASP C 175 -11.96 -23.80 -15.53
C ASP C 175 -12.75 -24.78 -16.37
N THR C 176 -14.05 -24.53 -16.49
CA THR C 176 -14.94 -25.43 -17.21
C THR C 176 -14.76 -25.41 -18.73
N ALA C 177 -14.13 -24.38 -19.28
CA ALA C 177 -13.96 -24.34 -20.73
C ALA C 177 -13.06 -25.48 -21.23
N ALA C 178 -12.03 -25.84 -20.46
CA ALA C 178 -11.11 -26.87 -20.90
C ALA C 178 -11.73 -28.26 -20.80
N THR C 179 -12.47 -28.54 -19.73
CA THR C 179 -13.14 -29.82 -19.61
C THR C 179 -14.17 -30.03 -20.71
N ILE C 180 -14.93 -28.98 -21.02
CA ILE C 180 -15.93 -29.04 -22.09
C ILE C 180 -15.26 -29.24 -23.44
N ALA C 181 -14.12 -28.57 -23.65
CA ALA C 181 -13.41 -28.75 -24.92
C ALA C 181 -12.88 -30.17 -25.07
N ALA C 182 -12.56 -30.84 -23.97
CA ALA C 182 -12.08 -32.22 -24.03
C ALA C 182 -13.19 -33.18 -24.44
N ALA C 183 -14.40 -33.00 -23.92
CA ALA C 183 -15.51 -33.89 -24.29
C ALA C 183 -16.02 -33.60 -25.69
N ALA C 184 -15.92 -32.34 -26.14
CA ALA C 184 -16.36 -31.98 -27.48
C ALA C 184 -15.46 -32.58 -28.54
N ASN C 185 -14.16 -32.69 -28.27
CA ASN C 185 -13.21 -33.28 -29.20
C ASN C 185 -12.86 -34.73 -28.88
N GLN C 186 -13.42 -35.28 -27.81
CA GLN C 186 -13.24 -36.69 -27.44
C GLN C 186 -11.77 -37.00 -27.20
N THR C 187 -11.05 -36.07 -26.57
CA THR C 187 -9.65 -36.28 -26.25
C THR C 187 -9.51 -37.41 -25.23
N ASN C 188 -8.64 -38.38 -25.53
CA ASN C 188 -8.49 -39.58 -24.71
C ASN C 188 -9.83 -40.25 -24.47
N GLY C 189 -10.69 -40.22 -25.48
CA GLY C 189 -11.97 -40.89 -25.39
C GLY C 189 -12.98 -40.23 -24.49
N ALA C 190 -12.78 -38.96 -24.12
CA ALA C 190 -13.67 -38.30 -23.18
C ALA C 190 -15.03 -38.03 -23.83
N ASN C 191 -16.10 -38.35 -23.08
CA ASN C 191 -17.45 -38.07 -23.53
C ASN C 191 -18.32 -37.42 -22.45
N ALA C 192 -17.73 -37.07 -21.31
CA ALA C 192 -18.43 -36.33 -20.26
C ALA C 192 -17.49 -35.26 -19.73
N ALA C 193 -18.08 -34.17 -19.22
CA ALA C 193 -17.30 -33.02 -18.79
C ALA C 193 -17.92 -32.36 -17.56
N VAL C 195 -19.08 -29.38 -15.43
CA VAL C 195 -19.82 -28.29 -16.05
C VAL C 195 -20.47 -27.42 -14.99
N TYR C 196 -20.79 -26.18 -15.36
CA TYR C 196 -21.78 -25.37 -14.67
C TYR C 196 -23.01 -25.25 -15.56
N GLY C 197 -24.19 -25.18 -14.92
CA GLY C 197 -25.43 -25.44 -15.62
C GLY C 197 -25.62 -24.68 -16.93
N THR C 198 -25.31 -23.39 -16.93
CA THR C 198 -25.59 -22.55 -18.09
C THR C 198 -24.32 -22.01 -18.74
N ASP C 199 -23.24 -22.80 -18.72
CA ASP C 199 -22.01 -22.36 -19.37
C ASP C 199 -22.22 -22.15 -20.86
N GLY C 200 -21.57 -21.11 -21.39
CA GLY C 200 -21.75 -20.77 -22.78
C GLY C 200 -21.23 -21.80 -23.75
N GLY C 201 -20.27 -22.62 -23.32
CA GLY C 201 -19.69 -23.60 -24.22
C GLY C 201 -20.45 -24.91 -24.35
N ILE C 202 -21.44 -25.15 -23.48
CA ILE C 202 -22.08 -26.45 -23.42
C ILE C 202 -22.85 -26.74 -24.71
N ALA C 203 -23.82 -25.88 -25.04
CA ALA C 203 -24.69 -26.15 -26.18
C ALA C 203 -23.97 -26.10 -27.52
N PRO C 204 -23.16 -25.08 -27.84
CA PRO C 204 -22.46 -25.11 -29.13
C PRO C 204 -21.45 -26.23 -29.27
N SER C 205 -21.03 -26.85 -28.17
CA SER C 205 -20.12 -28.00 -28.21
C SER C 205 -20.85 -29.32 -28.33
N GLY C 206 -22.18 -29.30 -28.39
CA GLY C 206 -22.95 -30.51 -28.51
C GLY C 206 -22.97 -31.36 -27.26
N LEU C 207 -23.14 -30.73 -26.10
CA LEU C 207 -23.20 -31.44 -24.83
C LEU C 207 -24.59 -31.23 -24.23
N VAL C 208 -25.00 -32.18 -23.39
CA VAL C 208 -26.31 -32.12 -22.72
C VAL C 208 -26.08 -32.20 -21.22
N VAL C 209 -26.69 -31.29 -20.48
CA VAL C 209 -26.54 -31.30 -19.04
C VAL C 209 -27.50 -32.32 -18.43
N LEU C 210 -26.97 -33.21 -17.60
CA LEU C 210 -27.82 -34.19 -16.94
C LEU C 210 -28.24 -33.67 -15.59
N GLU C 211 -29.54 -33.77 -15.33
CA GLU C 211 -30.17 -33.11 -14.20
C GLU C 211 -29.75 -33.74 -12.88
N ASP C 212 -29.45 -32.87 -11.90
CA ASP C 212 -29.10 -33.28 -10.54
C ASP C 212 -30.39 -33.51 -9.76
N ASP C 213 -31.02 -34.65 -10.04
CA ASP C 213 -32.39 -34.90 -9.57
C ASP C 213 -32.45 -35.18 -8.06
N LYS C 214 -31.40 -35.72 -7.45
CA LYS C 214 -31.40 -35.85 -6.00
C LYS C 214 -30.78 -34.67 -5.29
N HIS C 215 -30.39 -33.63 -6.04
CA HIS C 215 -29.97 -32.34 -5.47
C HIS C 215 -28.80 -32.52 -4.49
N VAL C 216 -27.69 -32.99 -5.03
CA VAL C 216 -26.47 -33.14 -4.26
C VAL C 216 -25.76 -31.80 -4.09
N GLN C 217 -25.79 -30.93 -5.15
CA GLN C 217 -25.11 -29.64 -5.15
C GLN C 217 -26.07 -28.53 -4.76
N PRO C 218 -25.54 -27.45 -4.18
CA PRO C 218 -26.39 -26.29 -3.86
C PRO C 218 -27.04 -25.69 -5.10
N VAL C 219 -28.19 -25.07 -4.90
CA VAL C 219 -28.97 -24.52 -5.99
C VAL C 219 -28.57 -23.08 -6.21
N TYR C 220 -28.23 -22.74 -7.45
CA TYR C 220 -27.83 -21.39 -7.83
C TYR C 220 -28.78 -20.95 -8.95
N GLN C 221 -29.91 -20.39 -8.58
CA GLN C 221 -30.88 -19.91 -9.56
C GLN C 221 -30.77 -18.40 -9.71
N PRO C 222 -30.64 -17.88 -10.93
CA PRO C 222 -30.52 -16.43 -11.09
C PRO C 222 -31.85 -15.74 -10.87
N ALA C 223 -31.80 -14.59 -10.18
CA ALA C 223 -33.01 -13.83 -9.87
C ALA C 223 -32.65 -12.36 -9.79
N PRO C 224 -33.54 -11.46 -10.24
CA PRO C 224 -33.28 -10.02 -10.06
C PRO C 224 -33.49 -9.64 -8.60
N ILE C 225 -32.52 -8.91 -8.05
CA ILE C 225 -32.63 -8.38 -6.70
C ILE C 225 -32.48 -6.86 -6.79
N ILE C 226 -33.31 -6.14 -6.02
CA ILE C 226 -33.44 -4.70 -6.14
C ILE C 226 -33.52 -4.07 -4.76
N ARG C 227 -32.93 -2.89 -4.61
CA ARG C 227 -33.07 -2.13 -3.37
C ARG C 227 -34.51 -1.65 -3.20
N GLU C 228 -35.01 -1.72 -1.97
CA GLU C 228 -36.43 -1.47 -1.73
C GLU C 228 -36.82 -0.03 -2.10
N GLU C 229 -35.94 0.93 -1.82
CA GLU C 229 -36.30 2.33 -2.11
C GLU C 229 -36.47 2.57 -3.61
N VAL C 230 -35.71 1.87 -4.45
CA VAL C 230 -35.87 2.03 -5.89
C VAL C 230 -37.14 1.32 -6.35
N LEU C 231 -37.45 0.17 -5.75
CA LEU C 231 -38.62 -0.59 -6.15
C LEU C 231 -39.91 0.07 -5.67
N LYS C 232 -39.89 0.69 -4.49
CA LYS C 232 -41.08 1.35 -3.98
C LYS C 232 -41.51 2.50 -4.88
N LYS C 233 -40.53 3.12 -5.50
CA LYS C 233 -40.67 4.27 -6.41
C LYS C 233 -41.31 3.88 -7.74
N ASP C 234 -41.00 2.69 -8.24
CA ASP C 234 -41.51 2.14 -9.49
C ASP C 234 -41.84 0.67 -9.26
N PRO C 235 -43.02 0.38 -8.71
CA PRO C 235 -43.33 -1.01 -8.32
C PRO C 235 -43.58 -1.97 -9.48
N LYS C 236 -43.82 -1.48 -10.70
CA LYS C 236 -44.09 -2.38 -11.80
C LYS C 236 -42.88 -3.24 -12.18
N ILE C 237 -41.69 -2.93 -11.66
CA ILE C 237 -40.51 -3.72 -12.03
C ILE C 237 -40.68 -5.18 -11.66
N GLU C 238 -41.37 -5.47 -10.56
CA GLU C 238 -41.59 -6.86 -10.15
C GLU C 238 -42.42 -7.62 -11.17
N GLU C 239 -43.55 -7.04 -11.58
CA GLU C 239 -44.43 -7.73 -12.52
C GLU C 239 -43.83 -7.77 -13.93
N LEU C 240 -43.01 -6.79 -14.29
CA LEU C 240 -42.42 -6.81 -15.63
C LEU C 240 -41.37 -7.90 -15.77
N LEU C 241 -40.57 -8.12 -14.74
CA LEU C 241 -39.50 -9.09 -14.78
C LEU C 241 -39.93 -10.48 -14.35
N LYS C 242 -41.18 -10.65 -13.89
CA LYS C 242 -41.63 -11.93 -13.43
C LYS C 242 -41.78 -12.96 -14.54
N PRO C 243 -42.56 -12.72 -15.61
CA PRO C 243 -42.65 -13.72 -16.68
C PRO C 243 -41.42 -13.77 -17.57
N VAL C 244 -40.64 -12.69 -17.62
CA VAL C 244 -39.41 -12.67 -18.39
C VAL C 244 -38.42 -13.67 -17.84
N PHE C 245 -38.21 -13.66 -16.52
CA PHE C 245 -37.26 -14.57 -15.89
C PHE C 245 -37.80 -15.98 -15.75
N GLU C 246 -39.13 -16.13 -15.72
CA GLU C 246 -39.74 -17.46 -15.70
C GLU C 246 -39.54 -18.18 -17.03
N LYS C 247 -39.28 -17.45 -18.10
CA LYS C 247 -39.01 -17.98 -19.43
C LYS C 247 -37.53 -18.23 -19.69
N LEU C 248 -36.68 -18.07 -18.67
CA LEU C 248 -35.25 -18.33 -18.83
C LEU C 248 -34.91 -19.69 -18.23
N ASP C 249 -35.37 -20.73 -18.93
CA ASP C 249 -35.07 -22.09 -18.50
C ASP C 249 -33.60 -22.39 -18.82
N LEU C 250 -33.18 -23.61 -18.47
CA LEU C 250 -31.78 -23.98 -18.60
C LEU C 250 -31.32 -23.94 -20.06
N THR C 251 -32.13 -24.48 -20.96
CA THR C 251 -31.70 -24.58 -22.35
C THR C 251 -31.63 -23.21 -23.02
N THR C 252 -32.58 -22.33 -22.70
CA THR C 252 -32.58 -20.99 -23.26
C THR C 252 -31.35 -20.22 -22.83
N LEU C 253 -31.02 -20.27 -21.54
CA LEU C 253 -29.86 -19.54 -21.05
C LEU C 253 -28.54 -20.12 -21.56
N GLN C 254 -28.50 -21.43 -21.80
CA GLN C 254 -27.31 -22.01 -22.42
C GLN C 254 -27.11 -21.46 -23.83
N ASP C 255 -28.19 -21.37 -24.60
CA ASP C 255 -28.04 -20.91 -25.98
C ASP C 255 -27.77 -19.41 -26.02
N LEU C 256 -28.34 -18.64 -25.08
CA LEU C 256 -28.02 -17.21 -25.07
C LEU C 256 -26.57 -16.97 -24.69
N ASN C 257 -26.06 -17.70 -23.69
CA ASN C 257 -24.66 -17.56 -23.32
C ASN C 257 -23.75 -18.04 -24.44
N GLY C 258 -24.13 -19.12 -25.12
CA GLY C 258 -23.31 -19.64 -26.20
C GLY C 258 -23.23 -18.72 -27.40
N ARG C 259 -24.35 -18.09 -27.76
CA ARG C 259 -24.37 -17.18 -28.88
C ARG C 259 -23.52 -15.94 -28.61
N VAL C 260 -23.32 -15.58 -27.35
CA VAL C 260 -22.44 -14.48 -26.99
C VAL C 260 -20.99 -14.97 -26.91
N GLN C 261 -20.77 -16.05 -26.15
CA GLN C 261 -19.42 -16.46 -25.78
C GLN C 261 -18.64 -17.00 -26.97
N LEU C 262 -19.28 -17.80 -27.83
CA LEU C 262 -18.61 -18.35 -29.00
C LEU C 262 -19.18 -17.87 -30.32
N GLY C 263 -20.41 -17.35 -30.34
CA GLY C 263 -20.99 -16.84 -31.56
C GLY C 263 -20.63 -15.40 -31.86
N GLY C 264 -20.09 -14.68 -30.88
CA GLY C 264 -19.68 -13.30 -31.05
C GLY C 264 -20.80 -12.28 -30.97
N GLU C 265 -22.03 -12.71 -30.75
CA GLU C 265 -23.13 -11.77 -30.72
C GLU C 265 -23.08 -10.94 -29.44
N PRO C 266 -23.31 -9.63 -29.53
CA PRO C 266 -23.26 -8.80 -28.33
C PRO C 266 -24.40 -9.14 -27.37
N ALA C 267 -24.11 -9.02 -26.08
CA ALA C 267 -25.09 -9.39 -25.05
C ALA C 267 -26.37 -8.57 -25.17
N LYS C 268 -26.26 -7.32 -25.64
CA LYS C 268 -27.44 -6.48 -25.78
C LYS C 268 -28.36 -6.98 -26.88
N ALA C 269 -27.79 -7.41 -28.01
CA ALA C 269 -28.61 -7.88 -29.13
C ALA C 269 -29.24 -9.24 -28.84
N VAL C 270 -28.53 -10.10 -28.12
CA VAL C 270 -29.09 -11.41 -27.76
C VAL C 270 -30.22 -11.24 -26.76
N ALA C 271 -30.13 -10.25 -25.87
CA ALA C 271 -31.21 -9.98 -24.93
C ALA C 271 -32.46 -9.50 -25.66
N GLU C 272 -32.28 -8.58 -26.60
CA GLU C 272 -33.41 -8.04 -27.34
C GLU C 272 -34.07 -9.10 -28.21
N ASP C 273 -33.28 -10.04 -28.71
CA ASP C 273 -33.84 -11.13 -29.50
C ASP C 273 -34.73 -12.00 -28.63
N PHE C 274 -34.23 -12.40 -27.45
CA PHE C 274 -35.02 -13.24 -26.55
C PHE C 274 -36.29 -12.54 -26.12
N LEU C 275 -36.24 -11.23 -25.85
CA LEU C 275 -37.42 -10.55 -25.35
C LEU C 275 -38.47 -10.31 -26.43
N LYS C 276 -38.05 -9.92 -27.64
CA LYS C 276 -39.03 -9.67 -28.69
C LYS C 276 -39.62 -10.98 -29.20
N LYS C 277 -38.81 -12.02 -29.35
CA LYS C 277 -39.32 -13.30 -29.84
C LYS C 277 -40.29 -13.93 -28.86
N ASN C 278 -40.23 -13.58 -27.58
CA ASN C 278 -41.13 -14.14 -26.57
C ASN C 278 -42.26 -13.20 -26.20
N GLY C 279 -42.44 -12.11 -26.94
CA GLY C 279 -43.59 -11.23 -26.75
C GLY C 279 -43.47 -10.25 -25.62
N PHE C 280 -42.27 -10.04 -25.07
CA PHE C 280 -42.07 -9.09 -23.99
C PHE C 280 -41.67 -7.70 -24.50
N LEU C 281 -41.38 -7.58 -25.79
CA LEU C 281 -40.97 -6.33 -26.42
C LEU C 281 -41.05 -6.40 -27.94
N SER D 1 -29.73 26.10 12.91
CA SER D 1 -29.15 25.60 11.65
C SER D 1 -28.42 24.27 11.84
N ASN D 2 -27.62 23.92 10.84
CA ASN D 2 -26.82 22.69 10.85
C ASN D 2 -25.59 22.98 11.68
N ALA D 3 -24.86 21.97 12.09
CA ALA D 3 -23.67 22.21 12.92
C ALA D 3 -22.43 22.78 12.21
N VAL D 4 -21.96 23.93 12.68
CA VAL D 4 -20.78 24.55 12.16
C VAL D 4 -19.57 23.79 12.68
N ALA D 5 -18.92 23.06 11.80
CA ALA D 5 -17.76 22.25 12.15
C ALA D 5 -16.54 23.15 12.29
N VAL D 6 -16.11 23.39 13.52
CA VAL D 6 -14.94 24.22 13.80
C VAL D 6 -13.72 23.32 13.85
N SER D 7 -12.70 23.69 13.08
CA SER D 7 -11.47 22.91 13.02
C SER D 7 -10.26 23.81 13.19
N SER D 8 -9.07 23.24 13.03
CA SER D 8 -7.83 23.98 13.14
C SER D 8 -6.68 23.05 12.77
N LYS D 9 -5.48 23.62 12.69
CA LYS D 9 -4.31 22.79 12.50
C LYS D 9 -3.79 22.29 13.85
N ILE D 10 -2.81 21.37 13.79
CA ILE D 10 -2.41 20.61 14.97
C ILE D 10 -1.47 21.36 15.92
N ASP D 11 -1.00 22.56 15.55
CA ASP D 11 -0.02 23.24 16.38
C ASP D 11 -0.68 23.78 17.66
N THR D 12 0.15 24.37 18.54
CA THR D 12 -0.35 24.91 19.80
C THR D 12 -1.29 26.08 19.54
N GLU D 13 -0.91 26.97 18.64
CA GLU D 13 -1.73 28.13 18.33
C GLU D 13 -3.03 27.72 17.64
N GLY D 14 -2.99 26.65 16.86
CA GLY D 14 -4.22 26.16 16.25
C GLY D 14 -5.28 25.80 17.29
N GLY D 15 -4.87 25.16 18.38
CA GLY D 15 -5.82 24.85 19.44
C GLY D 15 -6.37 26.08 20.11
N VAL D 16 -5.51 27.08 20.35
CA VAL D 16 -5.94 28.29 21.02
C VAL D 16 -6.91 29.07 20.14
N LEU D 17 -6.55 29.30 18.88
CA LEU D 17 -7.44 30.05 17.98
C LEU D 17 -8.69 29.27 17.67
N GLY D 18 -8.57 27.94 17.51
CA GLY D 18 -9.74 27.13 17.23
C GLY D 18 -10.73 27.13 18.38
N ASN D 19 -10.23 27.07 19.61
CA ASN D 19 -11.13 27.09 20.77
C ASN D 19 -11.75 28.47 20.96
N ILE D 20 -11.06 29.53 20.54
CA ILE D 20 -11.65 30.87 20.61
C ILE D 20 -12.80 30.98 19.63
N ILE D 21 -12.63 30.49 18.40
CA ILE D 21 -13.71 30.51 17.42
C ILE D 21 -14.89 29.68 17.92
N LEU D 22 -14.60 28.54 18.55
CA LEU D 22 -15.66 27.65 19.01
C LEU D 22 -16.45 28.29 20.16
N THR D 23 -15.77 28.92 21.10
CA THR D 23 -16.44 29.50 22.27
C THR D 23 -17.25 30.74 21.90
N VAL D 24 -16.78 31.52 20.93
CA VAL D 24 -17.56 32.67 20.48
C VAL D 24 -18.85 32.22 19.80
N LEU D 25 -18.77 31.15 19.01
CA LEU D 25 -19.96 30.64 18.33
C LEU D 25 -20.92 29.99 19.32
N ASN D 26 -20.40 29.27 20.32
CA ASN D 26 -21.29 28.65 21.31
C ASN D 26 -21.96 29.70 22.19
N ALA D 27 -21.24 30.78 22.53
CA ALA D 27 -21.80 31.82 23.38
C ALA D 27 -22.86 32.67 22.67
N ASN D 28 -22.96 32.57 21.34
CA ASN D 28 -23.93 33.34 20.57
C ASN D 28 -24.99 32.46 19.92
N GLY D 29 -25.25 31.29 20.48
CA GLY D 29 -26.37 30.47 20.04
C GLY D 29 -26.18 29.72 18.74
N ILE D 30 -24.95 29.61 18.24
CA ILE D 30 -24.67 28.88 17.00
C ILE D 30 -24.19 27.49 17.36
N LYS D 31 -24.92 26.47 16.92
CA LYS D 31 -24.55 25.09 17.18
C LYS D 31 -23.28 24.76 16.42
N THR D 32 -22.35 24.09 17.10
CA THR D 32 -21.04 23.83 16.55
C THR D 32 -20.68 22.36 16.73
N THR D 33 -19.69 21.93 15.96
CA THR D 33 -19.07 20.63 16.13
C THR D 33 -17.58 20.83 16.28
N ASP D 34 -16.98 20.12 17.23
CA ASP D 34 -15.57 20.33 17.58
C ASP D 34 -14.72 19.38 16.77
N ARG D 35 -13.88 19.94 15.90
CA ARG D 35 -12.94 19.18 15.09
C ARG D 35 -11.55 19.83 15.17
N ILE D 36 -11.20 20.33 16.35
CA ILE D 36 -9.99 21.11 16.53
C ILE D 36 -8.75 20.23 16.44
N GLN D 37 -7.69 20.78 15.84
CA GLN D 37 -6.40 20.09 15.68
C GLN D 37 -6.56 18.79 14.89
N LEU D 38 -7.10 18.93 13.68
CA LEU D 38 -7.32 17.77 12.83
C LEU D 38 -6.02 17.26 12.24
N GLY D 39 -5.14 18.17 11.82
CA GLY D 39 -3.86 17.76 11.27
C GLY D 39 -3.06 18.95 10.80
N ALA D 40 -2.10 18.68 9.91
CA ALA D 40 -1.24 19.71 9.36
C ALA D 40 -2.00 20.51 8.29
N THR D 41 -1.31 21.47 7.68
CA THR D 41 -1.95 22.33 6.69
C THR D 41 -2.56 21.55 5.52
N PRO D 42 -1.86 20.60 4.87
CA PRO D 42 -2.49 19.88 3.76
C PRO D 42 -3.72 19.08 4.16
N VAL D 43 -3.79 18.59 5.40
CA VAL D 43 -4.97 17.82 5.82
C VAL D 43 -6.16 18.74 6.04
N VAL D 44 -5.95 19.89 6.68
CA VAL D 44 -7.05 20.82 6.90
C VAL D 44 -7.46 21.49 5.58
N ARG D 45 -6.51 21.67 4.66
CA ARG D 45 -6.83 22.22 3.34
C ARG D 45 -7.71 21.25 2.56
N LYS D 46 -7.43 19.95 2.72
CA LYS D 46 -8.17 18.82 2.13
C LYS D 46 -9.59 18.77 2.64
N ALA D 47 -9.77 19.10 3.91
CA ALA D 47 -11.07 18.99 4.54
C ALA D 47 -12.00 20.14 4.18
N ILE D 48 -11.48 21.37 4.19
CA ILE D 48 -12.36 22.51 3.92
C ILE D 48 -12.70 22.62 2.43
N THR D 49 -11.79 22.21 1.55
CA THR D 49 -12.10 22.26 0.12
C THR D 49 -13.10 21.18 -0.27
N ALA D 50 -13.26 20.15 0.56
CA ALA D 50 -14.19 19.05 0.31
C ALA D 50 -15.48 19.17 1.11
N GLY D 51 -15.60 20.14 2.01
CA GLY D 51 -16.81 20.29 2.79
C GLY D 51 -16.89 19.49 4.07
N GLU D 52 -15.77 18.91 4.53
CA GLU D 52 -15.78 18.14 5.78
C GLU D 52 -15.70 19.03 7.02
N ILE D 53 -15.07 20.21 6.90
CA ILE D 53 -15.05 21.19 7.98
C ILE D 53 -15.56 22.51 7.41
N ASP D 54 -15.91 23.43 8.31
CA ASP D 54 -16.56 24.67 7.91
C ASP D 54 -15.73 25.92 8.18
N ILE D 55 -15.08 26.03 9.34
CA ILE D 55 -14.30 27.22 9.65
C ILE D 55 -13.08 26.79 10.47
N TYR D 56 -11.94 27.42 10.18
CA TYR D 56 -10.70 27.14 10.89
C TYR D 56 -9.75 28.31 10.66
N PRO D 57 -8.75 28.48 11.53
CA PRO D 57 -7.82 29.61 11.40
C PRO D 57 -6.68 29.28 10.44
N GLU D 58 -6.53 30.12 9.41
CA GLU D 58 -5.47 29.99 8.42
C GLU D 58 -4.66 31.28 8.38
N TYR D 59 -3.41 31.17 7.93
CA TYR D 59 -2.50 32.30 7.86
C TYR D 59 -2.46 32.83 6.44
N THR D 60 -2.46 34.17 6.30
CA THR D 60 -2.60 34.80 4.99
C THR D 60 -1.49 34.37 4.03
N GLY D 61 -0.24 34.36 4.51
CA GLY D 61 0.88 34.03 3.65
C GLY D 61 0.86 32.61 3.12
N ASN D 62 0.10 31.71 3.77
CA ASN D 62 0.06 30.34 3.28
C ASN D 62 -0.64 30.23 1.93
N ALA D 63 -1.39 31.25 1.52
CA ALA D 63 -1.99 31.25 0.19
C ALA D 63 -0.95 31.27 -0.92
N ALA D 64 0.28 31.68 -0.62
CA ALA D 64 1.35 31.62 -1.61
C ALA D 64 1.56 30.19 -2.10
N PHE D 65 1.40 29.20 -1.22
CA PHE D 65 1.61 27.81 -1.58
C PHE D 65 0.33 27.12 -2.04
N PHE D 66 -0.85 27.61 -1.64
CA PHE D 66 -2.09 27.04 -2.12
C PHE D 66 -2.31 27.33 -3.60
N PHE D 67 -1.83 28.47 -4.08
CA PHE D 67 -2.13 28.94 -5.43
C PHE D 67 -0.89 29.14 -6.29
N ASN D 68 0.23 28.51 -5.92
CA ASN D 68 1.44 28.47 -6.75
C ASN D 68 1.98 29.87 -7.03
N LYS D 69 2.06 30.67 -5.97
CA LYS D 69 2.70 31.99 -6.00
C LYS D 69 3.70 32.09 -4.84
N ALA D 70 4.66 31.15 -4.83
CA ALA D 70 5.45 30.90 -3.63
C ALA D 70 6.24 32.13 -3.21
N ASP D 71 7.01 32.71 -4.13
CA ASP D 71 7.97 33.76 -3.80
C ASP D 71 7.54 35.13 -4.28
N ASP D 72 6.24 35.33 -4.54
CA ASP D 72 5.75 36.60 -5.06
C ASP D 72 6.00 37.71 -4.04
N PRO D 73 6.46 38.88 -4.49
CA PRO D 73 6.75 39.98 -3.54
C PRO D 73 5.52 40.51 -2.82
N LEU D 74 4.30 40.22 -3.29
CA LEU D 74 3.11 40.77 -2.65
C LEU D 74 2.87 40.20 -1.26
N TRP D 75 3.37 39.00 -0.97
CA TRP D 75 3.15 38.39 0.34
C TRP D 75 3.94 39.06 1.46
N LYS D 76 4.84 39.98 1.14
CA LYS D 76 5.53 40.77 2.14
C LYS D 76 4.77 42.06 2.49
N ASP D 77 3.61 42.29 1.88
CA ASP D 77 2.77 43.43 2.23
C ASP D 77 1.56 42.91 3.00
N PRO D 78 1.38 43.31 4.26
CA PRO D 78 0.29 42.73 5.08
C PRO D 78 -1.09 42.90 4.47
N ALA D 79 -1.41 44.08 3.93
CA ALA D 79 -2.74 44.30 3.36
C ALA D 79 -2.93 43.49 2.08
N LYS D 80 -1.93 43.54 1.19
CA LYS D 80 -2.09 42.83 -0.07
C LYS D 80 -2.06 41.32 0.12
N ALA D 81 -1.38 40.84 1.16
CA ALA D 81 -1.37 39.41 1.44
C ALA D 81 -2.74 38.93 1.88
N TYR D 82 -3.46 39.74 2.66
CA TYR D 82 -4.80 39.38 3.07
C TYR D 82 -5.79 39.48 1.91
N GLU D 83 -5.74 40.58 1.16
CA GLU D 83 -6.70 40.77 0.07
C GLU D 83 -6.48 39.76 -1.05
N THR D 84 -5.23 39.39 -1.33
CA THR D 84 -4.98 38.39 -2.36
C THR D 84 -5.39 37.00 -1.90
N ALA D 85 -5.10 36.66 -0.65
CA ALA D 85 -5.54 35.38 -0.11
C ALA D 85 -7.06 35.29 -0.10
N LYS D 86 -7.72 36.43 0.16
CA LYS D 86 -9.18 36.45 0.21
C LYS D 86 -9.79 36.27 -1.17
N LYS D 87 -9.21 36.92 -2.20
CA LYS D 87 -9.81 36.86 -3.53
C LYS D 87 -9.58 35.51 -4.20
N LEU D 88 -8.36 34.97 -4.09
CA LEU D 88 -8.09 33.69 -4.72
C LEU D 88 -8.91 32.56 -4.09
N ASP D 89 -9.02 32.56 -2.76
CA ASP D 89 -9.73 31.47 -2.09
C ASP D 89 -11.24 31.57 -2.32
N TYR D 90 -11.77 32.78 -2.53
CA TYR D 90 -13.19 32.90 -2.82
C TYR D 90 -13.51 32.45 -4.24
N ASP D 91 -12.65 32.79 -5.20
CA ASP D 91 -12.89 32.42 -6.59
C ASP D 91 -12.69 30.92 -6.81
N ALA D 92 -11.73 30.32 -6.13
CA ALA D 92 -11.37 28.92 -6.38
C ALA D 92 -12.18 27.93 -5.55
N ASN D 93 -12.49 28.27 -4.29
CA ASN D 93 -13.19 27.34 -3.41
C ASN D 93 -14.38 27.96 -2.69
N LYS D 94 -14.68 29.23 -2.94
CA LYS D 94 -15.76 29.93 -2.24
C LYS D 94 -15.55 29.89 -0.73
N ILE D 95 -14.29 29.96 -0.31
CA ILE D 95 -13.96 30.12 1.10
C ILE D 95 -13.80 31.61 1.37
N VAL D 96 -14.45 32.09 2.44
CA VAL D 96 -14.49 33.51 2.76
C VAL D 96 -13.54 33.75 3.93
N TRP D 97 -12.51 34.57 3.70
CA TRP D 97 -11.56 34.93 4.75
C TRP D 97 -12.14 36.08 5.55
N LEU D 98 -12.29 35.88 6.86
CA LEU D 98 -12.87 36.91 7.72
C LEU D 98 -11.75 37.84 8.21
N THR D 99 -12.09 38.69 9.18
CA THR D 99 -11.16 39.71 9.66
C THR D 99 -9.90 39.06 10.22
N PRO D 100 -8.71 39.49 9.80
CA PRO D 100 -7.48 38.87 10.30
C PRO D 100 -7.02 39.50 11.61
N SER D 101 -6.13 38.78 12.27
CA SER D 101 -5.46 39.25 13.47
C SER D 101 -4.21 40.03 13.10
N PRO D 102 -3.87 41.07 13.87
CA PRO D 102 -2.67 41.86 13.56
C PRO D 102 -1.36 41.11 13.76
N ALA D 103 -1.37 39.97 14.45
CA ALA D 103 -0.13 39.26 14.77
C ALA D 103 0.50 38.66 13.51
N ASN D 104 1.81 38.89 13.35
CA ASN D 104 2.56 38.37 12.21
C ASN D 104 3.38 37.18 12.70
N ASN D 105 2.87 35.98 12.48
CA ASN D 105 3.53 34.76 12.94
C ASN D 105 4.49 34.25 11.85
N THR D 106 5.58 34.99 11.70
CA THR D 106 6.56 34.71 10.65
C THR D 106 7.95 34.54 11.25
N TRP D 107 8.89 34.22 10.37
CA TRP D 107 10.28 34.04 10.75
C TRP D 107 10.85 35.36 11.28
N GLY D 108 11.50 35.30 12.43
CA GLY D 108 12.09 36.50 12.98
C GLY D 108 13.17 36.18 13.99
N ILE D 109 13.68 37.22 14.63
CA ILE D 109 14.71 37.09 15.64
C ILE D 109 14.19 37.72 16.93
N ALA D 110 14.30 36.98 18.02
CA ALA D 110 13.92 37.45 19.34
C ALA D 110 15.16 37.57 20.21
N VAL D 111 15.18 38.60 21.07
CA VAL D 111 16.31 38.85 21.96
C VAL D 111 15.82 38.63 23.39
N ARG D 112 16.77 38.44 24.31
CA ARG D 112 16.40 38.38 25.72
C ARG D 112 15.95 39.75 26.20
N LYS D 113 15.07 39.79 27.20
CA LYS D 113 14.46 41.07 27.56
C LYS D 113 15.47 42.10 28.08
N ASP D 114 16.44 41.73 28.93
CA ASP D 114 17.35 42.79 29.42
C ASP D 114 18.15 43.41 28.28
N VAL D 115 18.61 42.61 27.30
CA VAL D 115 19.37 43.27 26.23
C VAL D 115 18.47 44.17 25.41
N ALA D 116 17.21 43.78 25.21
CA ALA D 116 16.29 44.61 24.44
C ALA D 116 15.97 45.91 25.16
N ASN D 117 15.90 45.89 26.50
CA ASN D 117 15.55 47.09 27.26
C ASN D 117 16.73 48.05 27.41
N GLU D 118 17.93 47.59 27.77
CA GLU D 118 19.04 48.55 27.90
C GLU D 118 19.54 49.10 26.56
N ASN D 119 19.35 48.43 25.44
CA ASN D 119 19.82 49.02 24.19
C ASN D 119 18.68 49.48 23.29
N LYS D 120 17.45 49.52 23.80
CA LYS D 120 16.28 50.04 23.11
C LYS D 120 16.08 49.40 21.74
N LEU D 121 15.95 48.09 21.72
CA LEU D 121 15.72 47.36 20.48
C LEU D 121 14.22 47.00 20.44
N ALA D 122 13.50 47.57 19.47
CA ALA D 122 12.09 47.26 19.28
C ALA D 122 11.76 46.75 17.89
N SER D 123 12.69 46.92 16.93
CA SER D 123 12.64 46.52 15.54
C SER D 123 13.89 45.72 15.27
N LEU D 124 13.90 45.12 14.10
CA LEU D 124 15.13 44.63 13.53
C LEU D 124 15.96 45.78 12.99
N SER D 125 15.36 46.96 12.80
CA SER D 125 16.16 48.13 12.41
C SER D 125 17.01 48.64 13.56
N ASP D 126 16.46 48.65 14.77
CA ASP D 126 17.29 48.91 15.95
C ASP D 126 18.36 47.84 16.13
N PHE D 127 18.00 46.58 15.88
CA PHE D 127 18.94 45.48 16.03
C PHE D 127 20.09 45.58 15.05
N GLY D 128 19.81 45.97 13.80
CA GLY D 128 20.87 46.07 12.82
C GLY D 128 21.85 47.16 13.17
N LYS D 129 21.34 48.29 13.67
CA LYS D 129 22.18 49.40 14.04
C LYS D 129 22.94 49.12 15.34
N TYR D 130 22.39 48.21 16.17
CA TYR D 130 23.04 47.73 17.39
C TYR D 130 24.18 46.77 17.09
N ILE D 131 23.99 45.86 16.12
CA ILE D 131 25.06 44.93 15.78
C ILE D 131 26.16 45.66 15.02
N ALA D 132 25.79 46.60 14.14
CA ALA D 132 26.77 47.35 13.37
C ALA D 132 27.63 48.25 14.27
N GLY D 133 27.12 48.66 15.42
CA GLY D 133 27.87 49.53 16.31
C GLY D 133 28.66 48.76 17.35
N GLY D 134 28.98 47.51 17.03
CA GLY D 134 29.76 46.70 17.94
C GLY D 134 28.97 46.06 19.05
N GLY D 135 27.65 45.92 18.88
CA GLY D 135 26.86 45.31 19.92
C GLY D 135 27.20 43.84 20.08
N LYS D 136 27.10 43.38 21.32
CA LYS D 136 27.41 42.00 21.64
C LYS D 136 26.17 41.15 21.40
N VAL D 137 26.25 40.22 20.45
CA VAL D 137 25.13 39.36 20.10
C VAL D 137 25.63 37.96 19.76
N VAL D 138 24.92 36.95 20.24
CA VAL D 138 25.10 35.56 19.83
C VAL D 138 23.71 35.01 19.52
N LEU D 139 23.46 34.73 18.24
CA LEU D 139 22.15 34.34 17.75
C LEU D 139 22.07 32.84 17.53
N ALA D 140 21.06 32.21 18.14
CA ALA D 140 20.83 30.78 17.97
C ALA D 140 19.84 30.55 16.83
N ALA D 141 20.28 29.84 15.79
CA ALA D 141 19.44 29.62 14.61
C ALA D 141 19.89 28.35 13.92
N SER D 142 19.08 27.90 12.96
CA SER D 142 19.46 26.75 12.16
C SER D 142 20.39 27.15 11.02
N SER D 143 21.14 26.18 10.51
CA SER D 143 21.98 26.46 9.34
C SER D 143 21.14 26.93 8.15
N GLU D 144 19.91 26.41 8.03
CA GLU D 144 19.03 26.88 6.98
C GLU D 144 18.74 28.37 7.13
N PHE D 145 18.53 28.82 8.37
CA PHE D 145 18.30 30.24 8.62
C PHE D 145 19.54 31.07 8.27
N VAL D 146 20.72 30.56 8.56
CA VAL D 146 21.93 31.35 8.39
C VAL D 146 22.35 31.40 6.93
N ASN D 147 22.17 30.30 6.19
CA ASN D 147 22.76 30.17 4.87
C ASN D 147 21.81 30.51 3.73
N SER D 148 20.53 30.12 3.83
CA SER D 148 19.62 30.35 2.73
C SER D 148 19.38 31.84 2.50
N ALA D 149 19.36 32.23 1.23
CA ALA D 149 19.33 33.65 0.87
C ALA D 149 18.05 34.34 1.35
N ALA D 150 16.97 33.60 1.55
CA ALA D 150 15.71 34.23 1.95
C ALA D 150 15.63 34.51 3.45
N ALA D 151 16.62 34.08 4.24
CA ALA D 151 16.54 34.27 5.69
C ALA D 151 17.54 35.32 6.18
N LEU D 152 18.58 34.90 6.89
CA LEU D 152 19.49 35.86 7.51
C LEU D 152 20.22 36.76 6.52
N PRO D 153 20.74 36.27 5.39
CA PRO D 153 21.34 37.22 4.42
C PRO D 153 20.37 38.31 3.98
N ALA D 154 19.10 37.97 3.79
CA ALA D 154 18.12 38.99 3.41
C ALA D 154 17.87 39.95 4.57
N PHE D 155 17.86 39.44 5.80
CA PHE D 155 17.78 40.31 6.97
C PHE D 155 18.99 41.24 7.04
N GLN D 156 20.18 40.71 6.73
CA GLN D 156 21.39 41.52 6.83
C GLN D 156 21.41 42.65 5.81
N THR D 157 20.94 42.39 4.58
CA THR D 157 20.94 43.42 3.54
C THR D 157 19.96 44.54 3.87
N ALA D 158 18.78 44.19 4.36
CA ALA D 158 17.77 45.22 4.60
C ALA D 158 18.07 46.05 5.84
N TYR D 159 18.65 45.44 6.87
CA TYR D 159 18.86 46.10 8.16
C TYR D 159 20.30 46.48 8.42
N GLY D 160 21.18 46.32 7.43
CA GLY D 160 22.53 46.86 7.51
C GLY D 160 23.40 46.34 8.63
N PHE D 161 23.60 45.02 8.69
CA PHE D 161 24.53 44.44 9.65
C PHE D 161 25.05 43.14 9.07
N THR D 162 26.10 42.64 9.71
CA THR D 162 26.65 41.33 9.36
C THR D 162 27.10 40.64 10.63
N LEU D 163 26.65 39.41 10.81
CA LEU D 163 27.00 38.61 11.98
C LEU D 163 28.25 37.80 11.65
N LYS D 164 29.28 37.99 12.44
CA LYS D 164 30.54 37.27 12.26
C LYS D 164 30.40 35.85 12.81
N PRO D 165 31.31 34.95 12.43
CA PRO D 165 31.21 33.58 12.95
C PRO D 165 31.20 33.51 14.47
N ASP D 166 31.84 34.46 15.15
CA ASP D 166 31.82 34.52 16.61
C ASP D 166 30.42 34.74 17.18
N GLN D 167 29.47 35.19 16.35
CA GLN D 167 28.14 35.56 16.82
C GLN D 167 27.05 34.61 16.35
N LEU D 168 27.39 33.42 15.91
CA LEU D 168 26.36 32.53 15.42
C LEU D 168 26.51 31.17 16.06
N ILE D 169 25.39 30.58 16.43
CA ILE D 169 25.34 29.22 16.95
C ILE D 169 24.34 28.48 16.06
N THR D 170 24.79 27.48 15.32
CA THR D 170 23.94 26.75 14.38
C THR D 170 23.50 25.42 14.97
N LEU D 171 22.18 25.25 15.10
CA LEU D 171 21.56 24.06 15.63
C LEU D 171 21.22 23.07 14.53
N SER D 172 20.96 21.83 14.97
CA SER D 172 20.76 20.72 14.04
C SER D 172 19.46 20.86 13.27
N GLY D 173 18.36 21.03 13.99
CA GLY D 173 17.03 21.09 13.40
C GLY D 173 16.55 22.52 13.16
N GLY D 174 15.44 22.61 12.44
CA GLY D 174 14.73 23.84 12.23
C GLY D 174 13.69 24.12 13.31
N ASP D 175 13.72 23.35 14.39
CA ASP D 175 12.79 23.52 15.50
C ASP D 175 13.13 24.76 16.33
N THR D 176 12.18 25.69 16.42
CA THR D 176 12.44 26.93 17.15
C THR D 176 12.43 26.75 18.65
N ALA D 177 11.83 25.67 19.17
CA ALA D 177 11.84 25.45 20.62
C ALA D 177 13.26 25.28 21.15
N ALA D 178 14.15 24.70 20.33
CA ALA D 178 15.55 24.56 20.74
C ALA D 178 16.26 25.90 20.68
N THR D 179 15.97 26.73 19.65
CA THR D 179 16.60 28.03 19.58
C THR D 179 16.20 28.89 20.77
N ILE D 180 14.92 28.83 21.14
CA ILE D 180 14.46 29.62 22.29
C ILE D 180 15.13 29.16 23.57
N ALA D 181 15.24 27.84 23.76
CA ALA D 181 15.87 27.31 24.98
C ALA D 181 17.36 27.61 25.03
N ALA D 182 18.03 27.69 23.89
CA ALA D 182 19.45 28.00 23.90
C ALA D 182 19.69 29.45 24.30
N ALA D 183 18.88 30.38 23.79
CA ALA D 183 19.02 31.78 24.16
C ALA D 183 18.45 32.06 25.55
N ALA D 184 17.44 31.30 25.97
CA ALA D 184 16.86 31.51 27.29
C ALA D 184 17.82 31.10 28.40
N ASN D 185 18.63 30.07 28.17
CA ASN D 185 19.61 29.56 29.12
C ASN D 185 21.03 30.06 28.85
N GLN D 186 21.22 30.94 27.87
CA GLN D 186 22.51 31.57 27.61
C GLN D 186 23.59 30.54 27.26
N THR D 187 23.19 29.50 26.54
CA THR D 187 24.14 28.48 26.13
C THR D 187 25.13 29.04 25.12
N ASN D 188 26.42 28.84 25.37
CA ASN D 188 27.50 29.42 24.56
C ASN D 188 27.33 30.93 24.39
N GLY D 189 26.85 31.59 25.45
CA GLY D 189 26.72 33.03 25.40
C GLY D 189 25.58 33.53 24.55
N ALA D 190 24.63 32.67 24.21
CA ALA D 190 23.54 33.07 23.33
C ALA D 190 22.59 34.05 24.02
N ASN D 191 22.17 35.08 23.28
CA ASN D 191 21.18 36.03 23.76
C ASN D 191 20.10 36.35 22.73
N ALA D 192 20.11 35.72 21.56
CA ALA D 192 19.09 35.92 20.55
C ALA D 192 18.73 34.58 19.94
N ALA D 193 17.51 34.49 19.40
CA ALA D 193 17.02 33.21 18.90
C ALA D 193 16.17 33.42 17.65
N VAL D 195 13.05 32.53 15.74
CA VAL D 195 11.75 32.16 16.26
C VAL D 195 10.72 32.30 15.16
N TYR D 196 9.50 31.86 15.47
CA TYR D 196 8.29 32.28 14.77
C TYR D 196 7.54 33.20 15.71
N GLY D 197 6.82 34.14 15.10
CA GLY D 197 6.31 35.30 15.84
C GLY D 197 5.58 34.95 17.12
N THR D 198 4.73 33.92 17.08
CA THR D 198 3.86 33.58 18.19
C THR D 198 4.21 32.25 18.83
N ASP D 199 5.50 31.91 18.85
CA ASP D 199 5.91 30.63 19.45
C ASP D 199 5.58 30.62 20.94
N GLY D 200 5.18 29.43 21.42
CA GLY D 200 4.76 29.29 22.80
C GLY D 200 5.85 29.52 23.82
N GLY D 201 7.11 29.38 23.42
CA GLY D 201 8.21 29.57 24.35
C GLY D 201 8.71 30.99 24.53
N ILE D 202 8.30 31.93 23.67
CA ILE D 202 8.91 33.25 23.65
C ILE D 202 8.66 33.97 24.97
N ALA D 203 7.38 34.13 25.35
CA ALA D 203 7.07 34.89 26.56
C ALA D 203 7.52 34.18 27.83
N PRO D 204 7.24 32.89 28.04
CA PRO D 204 7.73 32.23 29.27
C PRO D 204 9.24 32.14 29.37
N SER D 205 9.97 32.27 28.27
CA SER D 205 11.43 32.26 28.31
C SER D 205 12.02 33.65 28.49
N GLY D 206 11.19 34.68 28.51
CA GLY D 206 11.68 36.04 28.65
C GLY D 206 12.37 36.58 27.42
N LEU D 207 11.79 36.34 26.24
CA LEU D 207 12.35 36.85 25.00
C LEU D 207 11.37 37.83 24.38
N VAL D 208 11.89 38.75 23.57
CA VAL D 208 11.09 39.76 22.89
C VAL D 208 11.35 39.67 21.40
N VAL D 209 10.28 39.57 20.61
CA VAL D 209 10.40 39.49 19.16
C VAL D 209 10.64 40.89 18.63
N LEU D 210 11.66 41.04 17.78
CA LEU D 210 11.97 42.33 17.20
C LEU D 210 11.19 42.52 15.90
N GLU D 211 10.58 43.69 15.76
CA GLU D 211 9.65 43.94 14.67
C GLU D 211 10.38 43.99 13.34
N ASP D 212 9.83 43.27 12.35
CA ASP D 212 10.33 43.28 10.97
C ASP D 212 9.69 44.45 10.22
N ASP D 213 10.20 45.67 10.46
CA ASP D 213 9.50 46.84 9.95
C ASP D 213 9.65 47.00 8.44
N LYS D 214 10.72 46.47 7.85
CA LYS D 214 10.88 46.54 6.40
C LYS D 214 10.33 45.30 5.69
N HIS D 215 9.74 44.37 6.43
CA HIS D 215 9.01 43.23 5.86
C HIS D 215 9.90 42.44 4.88
N VAL D 216 10.94 41.84 5.47
CA VAL D 216 11.84 40.98 4.71
C VAL D 216 11.20 39.61 4.49
N GLN D 217 10.44 39.12 5.49
CA GLN D 217 9.81 37.81 5.46
C GLN D 217 8.34 37.92 5.04
N PRO D 218 7.80 36.86 4.44
CA PRO D 218 6.37 36.86 4.11
C PRO D 218 5.52 37.03 5.36
N VAL D 219 4.33 37.60 5.17
CA VAL D 219 3.42 37.92 6.27
C VAL D 219 2.49 36.74 6.51
N TYR D 220 2.41 36.29 7.78
CA TYR D 220 1.58 35.17 8.21
C TYR D 220 0.63 35.65 9.30
N GLN D 221 -0.53 36.15 8.87
CA GLN D 221 -1.55 36.66 9.78
C GLN D 221 -2.67 35.65 9.95
N PRO D 222 -3.00 35.24 11.18
CA PRO D 222 -4.08 34.28 11.35
C PRO D 222 -5.43 34.94 11.14
N ALA D 223 -6.33 34.21 10.47
CA ALA D 223 -7.66 34.68 10.15
C ALA D 223 -8.63 33.52 10.11
N PRO D 224 -9.88 33.74 10.53
CA PRO D 224 -10.92 32.74 10.35
C PRO D 224 -11.33 32.67 8.88
N ILE D 225 -11.34 31.47 8.34
CA ILE D 225 -11.82 31.25 6.97
C ILE D 225 -12.95 30.26 7.04
N ILE D 226 -14.02 30.54 6.30
CA ILE D 226 -15.27 29.80 6.43
C ILE D 226 -15.84 29.54 5.05
N ARG D 227 -16.43 28.37 4.87
CA ARG D 227 -17.11 28.08 3.61
C ARG D 227 -18.30 29.01 3.45
N GLU D 228 -18.48 29.52 2.23
CA GLU D 228 -19.50 30.53 1.98
C GLU D 228 -20.89 30.00 2.34
N GLU D 229 -21.14 28.73 2.07
CA GLU D 229 -22.44 28.14 2.36
C GLU D 229 -22.76 28.16 3.85
N VAL D 230 -21.74 28.00 4.71
CA VAL D 230 -21.97 28.02 6.15
C VAL D 230 -22.14 29.45 6.65
N LEU D 231 -21.39 30.40 6.07
CA LEU D 231 -21.46 31.79 6.56
C LEU D 231 -22.76 32.46 6.13
N LYS D 232 -23.31 32.09 4.97
CA LYS D 232 -24.56 32.68 4.52
C LYS D 232 -25.74 32.22 5.36
N LYS D 233 -25.59 31.08 6.05
CA LYS D 233 -26.64 30.61 6.95
C LYS D 233 -26.57 31.30 8.32
N ASP D 234 -25.38 31.68 8.75
CA ASP D 234 -25.19 32.44 9.99
C ASP D 234 -24.21 33.57 9.71
N PRO D 235 -24.66 34.65 9.05
CA PRO D 235 -23.70 35.71 8.70
C PRO D 235 -23.21 36.51 9.88
N LYS D 236 -23.81 36.33 11.07
CA LYS D 236 -23.36 37.06 12.25
C LYS D 236 -21.94 36.67 12.64
N ILE D 237 -21.44 35.54 12.15
CA ILE D 237 -20.11 35.06 12.49
C ILE D 237 -19.05 36.07 12.06
N GLU D 238 -19.31 36.79 10.98
CA GLU D 238 -18.35 37.79 10.50
C GLU D 238 -18.17 38.91 11.50
N GLU D 239 -19.28 39.53 11.96
CA GLU D 239 -19.16 40.61 12.92
C GLU D 239 -18.78 40.12 14.31
N LEU D 240 -19.13 38.88 14.66
CA LEU D 240 -18.80 38.38 15.99
C LEU D 240 -17.31 38.15 16.15
N LEU D 241 -16.65 37.64 15.11
CA LEU D 241 -15.23 37.35 15.17
C LEU D 241 -14.37 38.53 14.75
N LYS D 242 -14.98 39.63 14.30
CA LYS D 242 -14.17 40.76 13.83
C LYS D 242 -13.44 41.44 14.98
N PRO D 243 -14.09 41.89 16.06
CA PRO D 243 -13.32 42.46 17.17
C PRO D 243 -12.59 41.41 17.97
N VAL D 244 -13.03 40.16 17.90
CA VAL D 244 -12.34 39.08 18.60
C VAL D 244 -10.92 38.94 18.09
N PHE D 245 -10.77 38.85 16.77
CA PHE D 245 -9.45 38.69 16.17
C PHE D 245 -8.66 40.00 16.09
N GLU D 246 -9.34 41.15 16.09
CA GLU D 246 -8.62 42.41 16.14
C GLU D 246 -7.93 42.63 17.48
N LYS D 247 -8.40 41.95 18.53
CA LYS D 247 -7.79 42.03 19.85
C LYS D 247 -6.75 40.94 20.06
N LEU D 248 -6.42 40.17 19.01
CA LEU D 248 -5.42 39.10 19.13
C LEU D 248 -4.11 39.56 18.52
N ASP D 249 -3.47 40.51 19.19
CA ASP D 249 -2.17 41.02 18.77
C ASP D 249 -1.06 40.02 19.08
N LEU D 250 0.18 40.39 18.74
CA LEU D 250 1.31 39.49 18.86
C LEU D 250 1.59 39.12 20.31
N THR D 251 1.54 40.10 21.22
CA THR D 251 1.95 39.84 22.60
C THR D 251 0.97 38.94 23.33
N THR D 252 -0.34 39.19 23.17
CA THR D 252 -1.32 38.33 23.84
C THR D 252 -1.30 36.92 23.26
N LEU D 253 -1.20 36.79 21.95
CA LEU D 253 -1.17 35.46 21.35
C LEU D 253 0.08 34.69 21.78
N GLN D 254 1.19 35.40 22.01
CA GLN D 254 2.34 34.78 22.65
C GLN D 254 1.98 34.28 24.03
N ASP D 255 1.18 35.07 24.77
CA ASP D 255 0.83 34.72 26.14
C ASP D 255 -0.16 33.58 26.21
N LEU D 256 -1.10 33.50 25.27
CA LEU D 256 -2.03 32.38 25.29
C LEU D 256 -1.32 31.08 24.91
N ASN D 257 -0.49 31.13 23.87
CA ASN D 257 0.27 29.93 23.49
C ASN D 257 1.26 29.54 24.57
N GLY D 258 1.85 30.53 25.24
CA GLY D 258 2.80 30.22 26.30
C GLY D 258 2.15 29.57 27.51
N ARG D 259 0.96 30.04 27.90
CA ARG D 259 0.28 29.41 29.03
C ARG D 259 -0.21 28.01 28.69
N VAL D 260 -0.45 27.74 27.40
CA VAL D 260 -0.88 26.42 26.99
C VAL D 260 0.32 25.49 26.86
N GLN D 261 1.34 25.93 26.13
CA GLN D 261 2.47 25.07 25.80
C GLN D 261 3.35 24.75 27.00
N LEU D 262 3.60 25.74 27.86
CA LEU D 262 4.47 25.56 28.99
C LEU D 262 3.80 25.71 30.35
N GLY D 263 2.63 26.35 30.44
CA GLY D 263 1.91 26.48 31.69
C GLY D 263 1.01 25.31 32.00
N GLY D 264 0.76 24.44 31.03
CA GLY D 264 -0.07 23.28 31.25
C GLY D 264 -1.56 23.55 31.19
N GLU D 265 -1.95 24.80 30.96
CA GLU D 265 -3.36 25.14 30.94
C GLU D 265 -4.00 24.61 29.66
N PRO D 266 -5.21 24.06 29.74
CA PRO D 266 -5.87 23.54 28.53
C PRO D 266 -6.25 24.65 27.57
N ALA D 267 -6.19 24.34 26.27
CA ALA D 267 -6.45 25.34 25.24
C ALA D 267 -7.86 25.91 25.35
N LYS D 268 -8.82 25.10 25.80
CA LYS D 268 -10.19 25.61 25.95
C LYS D 268 -10.29 26.58 27.11
N ALA D 269 -9.60 26.29 28.22
CA ALA D 269 -9.68 27.17 29.38
C ALA D 269 -8.96 28.49 29.13
N VAL D 270 -7.85 28.45 28.39
CA VAL D 270 -7.14 29.68 28.07
C VAL D 270 -7.95 30.51 27.08
N ALA D 271 -8.64 29.84 26.16
CA ALA D 271 -9.49 30.55 25.21
C ALA D 271 -10.66 31.22 25.90
N GLU D 272 -11.32 30.50 26.82
CA GLU D 272 -12.45 31.08 27.51
C GLU D 272 -12.02 32.23 28.41
N ASP D 273 -10.79 32.20 28.92
CA ASP D 273 -10.29 33.31 29.71
C ASP D 273 -10.09 34.56 28.87
N PHE D 274 -9.47 34.44 27.69
CA PHE D 274 -9.19 35.62 26.88
C PHE D 274 -10.47 36.33 26.46
N LEU D 275 -11.52 35.58 26.11
CA LEU D 275 -12.77 36.21 25.68
C LEU D 275 -13.50 36.81 26.88
N LYS D 276 -13.39 36.14 28.02
CA LYS D 276 -14.07 36.54 29.24
C LYS D 276 -13.53 37.88 29.76
N LYS D 277 -12.22 38.05 29.76
CA LYS D 277 -11.60 39.30 30.22
C LYS D 277 -11.80 40.46 29.26
N ASN D 278 -12.03 40.19 27.97
CA ASN D 278 -12.19 41.22 26.95
C ASN D 278 -13.65 41.51 26.63
N GLY D 279 -14.57 41.03 27.47
CA GLY D 279 -15.97 41.39 27.36
C GLY D 279 -16.78 40.60 26.35
N PHE D 280 -16.25 39.50 25.84
CA PHE D 280 -16.99 38.69 24.89
C PHE D 280 -17.81 37.59 25.56
N LEU D 281 -17.63 37.40 26.86
CA LEU D 281 -18.37 36.41 27.64
C LEU D 281 -19.05 37.09 28.83
N ASN E 2 -26.08 27.71 -7.46
CA ASN E 2 -25.06 26.93 -6.77
C ASN E 2 -23.72 27.02 -7.49
N ALA E 3 -22.65 26.64 -6.80
CA ALA E 3 -21.32 26.76 -7.39
C ALA E 3 -21.06 25.56 -8.31
N VAL E 4 -20.76 25.84 -9.56
CA VAL E 4 -20.43 24.82 -10.55
C VAL E 4 -18.93 24.58 -10.51
N ALA E 5 -18.53 23.32 -10.29
CA ALA E 5 -17.11 22.99 -10.19
C ALA E 5 -16.55 22.79 -11.60
N VAL E 6 -15.79 23.77 -12.08
CA VAL E 6 -15.17 23.71 -13.40
C VAL E 6 -13.75 23.13 -13.24
N SER E 7 -13.45 22.10 -14.04
CA SER E 7 -12.15 21.46 -13.99
C SER E 7 -11.58 21.26 -15.39
N SER E 8 -10.45 20.55 -15.48
CA SER E 8 -9.83 20.19 -16.74
C SER E 8 -8.66 19.27 -16.43
N LYS E 9 -8.07 18.73 -17.49
CA LYS E 9 -6.87 17.93 -17.33
C LYS E 9 -5.64 18.84 -17.26
N ILE E 10 -4.50 18.25 -16.92
CA ILE E 10 -3.32 19.03 -16.53
C ILE E 10 -2.57 19.64 -17.69
N ASP E 11 -2.95 19.35 -18.93
CA ASP E 11 -2.20 19.87 -20.06
C ASP E 11 -2.42 21.38 -20.23
N THR E 12 -1.67 21.97 -21.16
CA THR E 12 -1.82 23.39 -21.43
C THR E 12 -3.19 23.70 -21.99
N GLU E 13 -3.68 22.84 -22.89
CA GLU E 13 -4.98 23.05 -23.50
C GLU E 13 -6.11 22.92 -22.48
N GLY E 14 -5.95 22.03 -21.50
CA GLY E 14 -6.92 21.93 -20.42
C GLY E 14 -7.07 23.24 -19.66
N GLY E 15 -5.94 23.92 -19.41
CA GLY E 15 -6.01 25.21 -18.73
C GLY E 15 -6.73 26.25 -19.57
N VAL E 16 -6.49 26.27 -20.87
CA VAL E 16 -7.14 27.26 -21.73
C VAL E 16 -8.63 26.99 -21.83
N LEU E 17 -9.01 25.75 -22.18
CA LEU E 17 -10.43 25.42 -22.31
C LEU E 17 -11.14 25.46 -20.97
N GLY E 18 -10.47 25.03 -19.90
CA GLY E 18 -11.09 25.12 -18.58
C GLY E 18 -11.35 26.56 -18.19
N ASN E 19 -10.40 27.45 -18.47
CA ASN E 19 -10.60 28.86 -18.18
C ASN E 19 -11.61 29.49 -19.13
N ILE E 20 -11.77 28.96 -20.34
CA ILE E 20 -12.80 29.46 -21.24
C ILE E 20 -14.19 29.16 -20.69
N ILE E 21 -14.41 27.92 -20.25
CA ILE E 21 -15.71 27.54 -19.69
C ILE E 21 -16.02 28.33 -18.42
N LEU E 22 -15.02 28.50 -17.55
CA LEU E 22 -15.27 29.16 -16.28
C LEU E 22 -15.61 30.64 -16.49
N THR E 23 -14.93 31.30 -17.43
CA THR E 23 -15.18 32.72 -17.65
C THR E 23 -16.55 32.94 -18.32
N VAL E 24 -16.97 32.03 -19.19
CA VAL E 24 -18.27 32.17 -19.84
C VAL E 24 -19.40 31.98 -18.83
N LEU E 25 -19.25 31.04 -17.89
CA LEU E 25 -20.26 30.86 -16.86
C LEU E 25 -20.28 32.03 -15.88
N ASN E 26 -19.11 32.59 -15.55
CA ASN E 26 -19.06 33.69 -14.61
C ASN E 26 -19.71 34.94 -15.18
N ALA E 27 -19.51 35.18 -16.49
CA ALA E 27 -20.09 36.34 -17.14
C ALA E 27 -21.59 36.24 -17.33
N ASN E 28 -22.18 35.06 -17.12
CA ASN E 28 -23.61 34.86 -17.27
C ASN E 28 -24.28 34.55 -15.92
N GLY E 29 -23.67 35.01 -14.83
CA GLY E 29 -24.28 34.92 -13.52
C GLY E 29 -24.26 33.56 -12.88
N ILE E 30 -23.47 32.63 -13.39
CA ILE E 30 -23.37 31.31 -12.78
C ILE E 30 -22.09 31.28 -11.96
N LYS E 31 -22.23 31.18 -10.62
CA LYS E 31 -21.07 31.12 -9.74
C LYS E 31 -20.38 29.76 -9.83
N THR E 32 -19.05 29.76 -9.77
CA THR E 32 -18.26 28.58 -10.05
C THR E 32 -17.23 28.30 -8.95
N THR E 33 -16.69 27.08 -9.01
CA THR E 33 -15.55 26.65 -8.21
C THR E 33 -14.44 26.19 -9.15
N ASP E 34 -13.21 26.60 -8.85
CA ASP E 34 -12.08 26.38 -9.75
C ASP E 34 -11.31 25.12 -9.32
N ARG E 35 -11.33 24.11 -10.18
CA ARG E 35 -10.53 22.90 -10.01
C ARG E 35 -9.80 22.58 -11.30
N ILE E 36 -9.32 23.62 -11.98
CA ILE E 36 -8.75 23.45 -13.31
C ILE E 36 -7.40 22.74 -13.21
N GLN E 37 -7.13 21.86 -14.17
CA GLN E 37 -5.89 21.10 -14.27
C GLN E 37 -5.67 20.23 -13.02
N LEU E 38 -6.68 19.37 -12.77
CA LEU E 38 -6.66 18.53 -11.58
C LEU E 38 -5.62 17.41 -11.71
N GLY E 39 -5.55 16.78 -12.87
CA GLY E 39 -4.59 15.70 -13.06
C GLY E 39 -4.75 15.08 -14.42
N ALA E 40 -4.31 13.83 -14.55
CA ALA E 40 -4.42 13.10 -15.80
C ALA E 40 -5.86 12.63 -16.01
N THR E 41 -6.09 11.98 -17.15
CA THR E 41 -7.44 11.54 -17.49
C THR E 41 -8.05 10.61 -16.45
N PRO E 42 -7.39 9.55 -15.98
CA PRO E 42 -8.05 8.71 -14.97
C PRO E 42 -8.38 9.45 -13.70
N VAL E 43 -7.62 10.49 -13.34
CA VAL E 43 -7.92 11.24 -12.12
C VAL E 43 -9.18 12.09 -12.31
N VAL E 44 -9.28 12.77 -13.44
CA VAL E 44 -10.44 13.62 -13.71
C VAL E 44 -11.68 12.77 -13.99
N ARG E 45 -11.50 11.59 -14.58
CA ARG E 45 -12.67 10.76 -14.84
C ARG E 45 -13.26 10.23 -13.54
N LYS E 46 -12.39 9.84 -12.58
CA LYS E 46 -12.90 9.38 -11.30
C LYS E 46 -13.51 10.53 -10.52
N ALA E 47 -13.07 11.77 -10.77
CA ALA E 47 -13.64 12.91 -10.06
C ALA E 47 -15.04 13.24 -10.54
N ILE E 48 -15.27 13.21 -11.85
CA ILE E 48 -16.62 13.52 -12.35
C ILE E 48 -17.55 12.34 -12.09
N THR E 49 -17.03 11.12 -12.09
CA THR E 49 -17.88 9.96 -11.80
C THR E 49 -18.24 9.89 -10.33
N ALA E 50 -17.50 10.59 -9.46
CA ALA E 50 -17.77 10.61 -8.03
C ALA E 50 -18.50 11.87 -7.57
N GLY E 51 -18.72 12.84 -8.46
CA GLY E 51 -19.42 14.06 -8.13
C GLY E 51 -18.57 15.17 -7.53
N GLU E 52 -17.24 15.05 -7.57
CA GLU E 52 -16.37 16.09 -7.03
C GLU E 52 -16.20 17.26 -7.99
N ILE E 53 -16.31 17.00 -9.29
CA ILE E 53 -16.33 18.06 -10.28
C ILE E 53 -17.59 17.90 -11.12
N ASP E 54 -17.93 18.97 -11.82
CA ASP E 54 -19.19 19.03 -12.55
C ASP E 54 -19.04 19.16 -14.06
N ILE E 55 -18.09 19.95 -14.54
CA ILE E 55 -17.92 20.18 -15.96
C ILE E 55 -16.43 20.32 -16.25
N TYR E 56 -15.99 19.73 -17.36
CA TYR E 56 -14.60 19.80 -17.79
C TYR E 56 -14.53 19.40 -19.26
N PRO E 57 -13.49 19.82 -19.98
CA PRO E 57 -13.36 19.44 -21.41
C PRO E 57 -12.70 18.09 -21.57
N GLU E 58 -13.38 17.19 -22.29
CA GLU E 58 -12.88 15.86 -22.60
C GLU E 58 -12.82 15.69 -24.12
N TYR E 59 -11.96 14.79 -24.57
CA TYR E 59 -11.76 14.56 -26.00
C TYR E 59 -12.58 13.36 -26.47
N THR E 60 -13.18 13.50 -27.67
CA THR E 60 -14.18 12.55 -28.14
C THR E 60 -13.64 11.14 -28.20
N GLY E 61 -12.46 10.95 -28.78
CA GLY E 61 -11.91 9.62 -28.96
C GLY E 61 -11.54 8.91 -27.69
N ASN E 62 -11.34 9.64 -26.59
CA ASN E 62 -10.94 9.01 -25.33
C ASN E 62 -12.02 8.12 -24.74
N ALA E 63 -13.26 8.24 -25.21
CA ALA E 63 -14.30 7.30 -24.79
C ALA E 63 -14.01 5.89 -25.28
N ALA E 64 -13.13 5.73 -26.28
CA ALA E 64 -12.73 4.40 -26.73
C ALA E 64 -12.10 3.59 -25.60
N PHE E 65 -11.32 4.26 -24.75
CA PHE E 65 -10.66 3.59 -23.64
C PHE E 65 -11.50 3.58 -22.36
N PHE E 66 -12.43 4.52 -22.23
CA PHE E 66 -13.34 4.50 -21.08
C PHE E 66 -14.31 3.33 -21.17
N PHE E 67 -14.71 2.92 -22.37
CA PHE E 67 -15.78 1.94 -22.54
C PHE E 67 -15.32 0.69 -23.27
N ASN E 68 -14.02 0.42 -23.29
CA ASN E 68 -13.47 -0.83 -23.83
C ASN E 68 -13.82 -1.01 -25.30
N LYS E 69 -13.61 0.04 -26.08
CA LYS E 69 -13.72 -0.03 -27.54
C LYS E 69 -12.50 0.64 -28.18
N ALA E 70 -11.31 0.14 -27.82
CA ALA E 70 -10.08 0.89 -28.04
C ALA E 70 -9.81 1.16 -29.52
N ASP E 71 -9.83 0.11 -30.34
CA ASP E 71 -9.38 0.21 -31.73
C ASP E 71 -10.53 0.18 -32.73
N ASP E 72 -11.75 0.43 -32.27
CA ASP E 72 -12.91 0.36 -33.14
C ASP E 72 -12.80 1.40 -34.25
N PRO E 73 -13.14 1.06 -35.50
CA PRO E 73 -13.06 2.05 -36.58
C PRO E 73 -14.01 3.22 -36.43
N LEU E 74 -15.02 3.13 -35.56
CA LEU E 74 -15.96 4.23 -35.42
C LEU E 74 -15.30 5.48 -34.86
N TRP E 75 -14.21 5.33 -34.09
CA TRP E 75 -13.53 6.48 -33.55
C TRP E 75 -12.75 7.26 -34.60
N LYS E 76 -12.61 6.73 -35.82
CA LYS E 76 -11.99 7.48 -36.91
C LYS E 76 -12.97 8.35 -37.69
N ASP E 77 -14.26 8.31 -37.35
CA ASP E 77 -15.24 9.19 -37.97
C ASP E 77 -15.63 10.28 -36.97
N PRO E 78 -15.36 11.56 -37.26
CA PRO E 78 -15.64 12.61 -36.27
C PRO E 78 -17.07 12.63 -35.79
N ALA E 79 -18.05 12.46 -36.67
CA ALA E 79 -19.45 12.51 -36.27
C ALA E 79 -19.80 11.32 -35.38
N LYS E 80 -19.41 10.11 -35.79
CA LYS E 80 -19.72 8.95 -34.95
C LYS E 80 -18.91 8.92 -33.67
N ALA E 81 -17.71 9.50 -33.68
CA ALA E 81 -16.91 9.52 -32.45
C ALA E 81 -17.58 10.38 -31.39
N TYR E 82 -18.20 11.49 -31.80
CA TYR E 82 -18.90 12.34 -30.85
C TYR E 82 -20.22 11.70 -30.39
N GLU E 83 -21.01 11.19 -31.34
CA GLU E 83 -22.31 10.64 -30.97
C GLU E 83 -22.17 9.39 -30.11
N THR E 84 -21.14 8.59 -30.36
CA THR E 84 -20.92 7.39 -29.54
C THR E 84 -20.44 7.76 -28.15
N ALA E 85 -19.54 8.74 -28.04
CA ALA E 85 -19.10 9.20 -26.72
C ALA E 85 -20.25 9.82 -25.93
N LYS E 86 -21.16 10.52 -26.62
CA LYS E 86 -22.28 11.17 -25.95
C LYS E 86 -23.27 10.15 -25.39
N LYS E 87 -23.61 9.12 -26.17
CA LYS E 87 -24.62 8.17 -25.71
C LYS E 87 -24.07 7.24 -24.65
N LEU E 88 -22.85 6.74 -24.83
CA LEU E 88 -22.28 5.82 -23.85
C LEU E 88 -22.04 6.50 -22.52
N ASP E 89 -21.57 7.74 -22.52
CA ASP E 89 -21.32 8.44 -21.26
C ASP E 89 -22.63 8.84 -20.59
N TYR E 90 -23.69 9.06 -21.38
CA TYR E 90 -24.98 9.37 -20.78
C TYR E 90 -25.61 8.12 -20.18
N ASP E 91 -25.48 6.98 -20.86
CA ASP E 91 -26.01 5.73 -20.32
C ASP E 91 -25.19 5.23 -19.13
N ALA E 92 -23.88 5.43 -19.17
CA ALA E 92 -23.02 4.83 -18.15
C ALA E 92 -22.88 5.71 -16.90
N ASN E 93 -22.83 7.03 -17.08
CA ASN E 93 -22.58 7.93 -15.97
C ASN E 93 -23.52 9.12 -15.90
N LYS E 94 -24.50 9.22 -16.81
CA LYS E 94 -25.40 10.38 -16.86
C LYS E 94 -24.60 11.68 -17.03
N ILE E 95 -23.50 11.60 -17.75
CA ILE E 95 -22.71 12.76 -18.15
C ILE E 95 -23.17 13.20 -19.53
N VAL E 96 -23.38 14.50 -19.69
CA VAL E 96 -23.92 15.08 -20.92
C VAL E 96 -22.79 15.74 -21.70
N TRP E 97 -22.55 15.24 -22.92
CA TRP E 97 -21.57 15.84 -23.81
C TRP E 97 -22.24 16.96 -24.59
N LEU E 98 -21.68 18.16 -24.48
CA LEU E 98 -22.21 19.34 -25.13
C LEU E 98 -21.61 19.47 -26.54
N THR E 99 -21.85 20.60 -27.20
CA THR E 99 -21.40 20.79 -28.58
C THR E 99 -19.87 20.71 -28.64
N PRO E 100 -19.30 19.92 -29.54
CA PRO E 100 -17.85 19.76 -29.57
C PRO E 100 -17.17 20.85 -30.39
N SER E 101 -15.87 20.94 -30.20
CA SER E 101 -15.06 21.84 -31.02
C SER E 101 -14.60 21.12 -32.27
N PRO E 102 -14.49 21.83 -33.40
CA PRO E 102 -14.04 21.17 -34.63
C PRO E 102 -12.58 20.74 -34.61
N ALA E 103 -11.79 21.23 -33.65
CA ALA E 103 -10.35 20.95 -33.63
C ALA E 103 -10.10 19.47 -33.35
N ASN E 104 -9.24 18.86 -34.14
CA ASN E 104 -8.88 17.44 -34.01
C ASN E 104 -7.48 17.36 -33.41
N ASN E 105 -7.42 17.12 -32.09
CA ASN E 105 -6.14 17.05 -31.38
C ASN E 105 -5.65 15.60 -31.35
N THR E 106 -5.22 15.14 -32.52
CA THR E 106 -4.81 13.75 -32.68
C THR E 106 -3.38 13.68 -33.20
N TRP E 107 -2.87 12.46 -33.28
CA TRP E 107 -1.50 12.23 -33.73
C TRP E 107 -1.36 12.62 -35.19
N GLY E 108 -0.34 13.43 -35.50
CA GLY E 108 -0.17 13.89 -36.86
C GLY E 108 1.25 14.36 -37.14
N ILE E 109 1.43 14.95 -38.31
CA ILE E 109 2.72 15.45 -38.78
C ILE E 109 2.61 16.93 -39.10
N ALA E 110 3.55 17.73 -38.58
CA ALA E 110 3.67 19.13 -38.92
C ALA E 110 4.98 19.35 -39.66
N VAL E 111 4.93 20.20 -40.69
CA VAL E 111 6.08 20.54 -41.53
C VAL E 111 6.35 22.03 -41.35
N ARG E 112 7.56 22.46 -41.70
CA ARG E 112 7.86 23.89 -41.64
C ARG E 112 7.02 24.63 -42.67
N LYS E 113 6.67 25.88 -42.36
CA LYS E 113 5.76 26.60 -43.26
C LYS E 113 6.34 26.75 -44.65
N ASP E 114 7.64 27.02 -44.76
CA ASP E 114 8.25 27.25 -46.07
C ASP E 114 8.15 26.03 -46.97
N VAL E 115 8.40 24.85 -46.42
CA VAL E 115 8.33 23.62 -47.21
C VAL E 115 6.90 23.35 -47.64
N ALA E 116 5.94 23.62 -46.78
CA ALA E 116 4.53 23.41 -47.12
C ALA E 116 4.05 24.40 -48.18
N ASN E 117 4.56 25.63 -48.17
CA ASN E 117 4.10 26.63 -49.13
C ASN E 117 4.72 26.43 -50.51
N GLU E 118 6.04 26.20 -50.58
CA GLU E 118 6.69 26.09 -51.89
C GLU E 118 6.33 24.80 -52.60
N ASN E 119 5.96 23.75 -51.85
CA ASN E 119 5.60 22.45 -52.41
C ASN E 119 4.11 22.16 -52.27
N LYS E 120 3.31 23.17 -51.90
CA LYS E 120 1.85 23.07 -51.87
C LYS E 120 1.37 21.85 -51.08
N LEU E 121 1.79 21.80 -49.82
CA LEU E 121 1.39 20.74 -48.89
C LEU E 121 0.33 21.31 -47.95
N ALA E 122 -0.89 20.79 -48.04
CA ALA E 122 -1.94 21.15 -47.10
C ALA E 122 -2.56 19.96 -46.40
N SER E 123 -2.41 18.75 -46.95
CA SER E 123 -2.95 17.53 -46.36
C SER E 123 -1.89 16.46 -46.43
N LEU E 124 -2.17 15.32 -45.78
CA LEU E 124 -1.26 14.19 -45.85
C LEU E 124 -1.31 13.48 -47.19
N SER E 125 -2.36 13.68 -47.99
CA SER E 125 -2.37 13.13 -49.34
C SER E 125 -1.41 13.90 -50.23
N ASP E 126 -1.36 15.23 -50.10
CA ASP E 126 -0.33 16.00 -50.77
C ASP E 126 1.05 15.63 -50.26
N PHE E 127 1.18 15.38 -48.95
CA PHE E 127 2.45 14.96 -48.39
C PHE E 127 2.90 13.65 -49.01
N GLY E 128 1.95 12.74 -49.26
CA GLY E 128 2.30 11.46 -49.85
C GLY E 128 2.79 11.59 -51.28
N LYS E 129 2.14 12.44 -52.09
CA LYS E 129 2.60 12.58 -53.46
C LYS E 129 3.92 13.34 -53.54
N TYR E 130 4.23 14.18 -52.55
CA TYR E 130 5.49 14.90 -52.54
C TYR E 130 6.66 13.98 -52.25
N ILE E 131 6.49 13.05 -51.30
CA ILE E 131 7.56 12.10 -51.00
C ILE E 131 7.67 11.04 -52.09
N ALA E 132 6.54 10.62 -52.66
CA ALA E 132 6.58 9.62 -53.72
C ALA E 132 7.31 10.14 -54.95
N GLY E 133 7.32 11.46 -55.15
CA GLY E 133 8.01 12.07 -56.26
C GLY E 133 9.41 12.56 -55.91
N GLY E 134 10.02 12.00 -54.87
CA GLY E 134 11.37 12.38 -54.53
C GLY E 134 11.51 13.65 -53.73
N GLY E 135 10.48 14.07 -53.01
CA GLY E 135 10.58 15.29 -52.23
C GLY E 135 11.54 15.14 -51.07
N LYS E 136 12.14 16.26 -50.68
CA LYS E 136 13.08 16.28 -49.58
C LYS E 136 12.32 16.43 -48.26
N VAL E 137 12.39 15.40 -47.42
CA VAL E 137 11.74 15.43 -46.11
C VAL E 137 12.61 14.64 -45.13
N VAL E 138 12.74 15.18 -43.92
CA VAL E 138 13.32 14.48 -42.78
C VAL E 138 12.37 14.66 -41.61
N LEU E 139 11.76 13.57 -41.16
CA LEU E 139 10.72 13.61 -40.15
C LEU E 139 11.33 13.23 -38.80
N ALA E 140 11.17 14.11 -37.82
CA ALA E 140 11.61 13.86 -36.46
C ALA E 140 10.43 13.30 -35.67
N ALA E 141 10.60 12.10 -35.12
CA ALA E 141 9.50 11.44 -34.43
C ALA E 141 10.06 10.49 -33.38
N SER E 142 9.16 9.98 -32.54
CA SER E 142 9.54 8.98 -31.57
C SER E 142 9.60 7.60 -32.21
N SER E 143 10.33 6.68 -31.57
CA SER E 143 10.39 5.32 -32.07
C SER E 143 9.01 4.67 -32.11
N GLU E 144 8.15 4.98 -31.13
CA GLU E 144 6.78 4.46 -31.17
C GLU E 144 6.06 4.93 -32.43
N PHE E 145 6.21 6.20 -32.80
CA PHE E 145 5.54 6.71 -33.97
C PHE E 145 6.06 6.04 -35.24
N VAL E 146 7.37 5.79 -35.31
CA VAL E 146 7.95 5.27 -36.53
C VAL E 146 7.63 3.80 -36.72
N ASN E 147 7.64 3.03 -35.62
CA ASN E 147 7.59 1.58 -35.72
C ASN E 147 6.21 0.98 -35.47
N SER E 148 5.42 1.51 -34.52
CA SER E 148 4.15 0.86 -34.21
C SER E 148 3.21 0.93 -35.41
N ALA E 149 2.47 -0.16 -35.61
CA ALA E 149 1.63 -0.30 -36.80
C ALA E 149 0.55 0.76 -36.90
N ALA E 150 0.12 1.35 -35.78
CA ALA E 150 -0.98 2.31 -35.80
C ALA E 150 -0.58 3.72 -36.19
N ALA E 151 0.72 4.00 -36.32
CA ALA E 151 1.15 5.37 -36.61
C ALA E 151 1.68 5.50 -38.03
N LEU E 152 3.00 5.66 -38.18
CA LEU E 152 3.57 5.97 -39.49
C LEU E 152 3.34 4.87 -40.53
N PRO E 153 3.47 3.57 -40.22
CA PRO E 153 3.09 2.56 -41.23
C PRO E 153 1.67 2.72 -41.73
N ALA E 154 0.75 3.09 -40.84
CA ALA E 154 -0.63 3.32 -41.26
C ALA E 154 -0.76 4.56 -42.13
N PHE E 155 0.01 5.61 -41.82
CA PHE E 155 0.08 6.77 -42.71
C PHE E 155 0.63 6.37 -44.06
N GLN E 156 1.67 5.52 -44.07
CA GLN E 156 2.33 5.14 -45.32
C GLN E 156 1.40 4.32 -46.22
N THR E 157 0.64 3.40 -45.64
CA THR E 157 -0.27 2.59 -46.44
C THR E 157 -1.42 3.42 -46.98
N ALA E 158 -1.96 4.34 -46.18
CA ALA E 158 -3.13 5.10 -46.60
C ALA E 158 -2.78 6.16 -47.63
N TYR E 159 -1.61 6.79 -47.50
CA TYR E 159 -1.23 7.90 -48.35
C TYR E 159 -0.17 7.53 -49.38
N GLY E 160 0.17 6.24 -49.49
CA GLY E 160 1.01 5.75 -50.57
C GLY E 160 2.38 6.39 -50.62
N PHE E 161 3.14 6.26 -49.54
CA PHE E 161 4.53 6.72 -49.52
C PHE E 161 5.29 5.87 -48.52
N THR E 162 6.62 5.93 -48.60
CA THR E 162 7.47 5.25 -47.64
C THR E 162 8.68 6.12 -47.37
N LEU E 163 8.94 6.37 -46.09
CA LEU E 163 10.09 7.16 -45.70
C LEU E 163 11.26 6.22 -45.47
N LYS E 164 12.35 6.46 -46.18
CA LYS E 164 13.56 5.68 -46.04
C LYS E 164 14.31 6.08 -44.77
N PRO E 165 15.23 5.24 -44.29
CA PRO E 165 16.01 5.61 -43.10
C PRO E 165 16.68 6.96 -43.28
N ASP E 166 16.96 7.29 -44.54
CA ASP E 166 17.55 8.55 -44.92
C ASP E 166 16.67 9.75 -44.53
N GLN E 167 15.37 9.53 -44.31
CA GLN E 167 14.41 10.60 -44.04
C GLN E 167 13.81 10.56 -42.63
N LEU E 168 14.44 9.88 -41.68
CA LEU E 168 13.87 9.73 -40.35
C LEU E 168 14.87 10.12 -39.27
N ILE E 169 14.36 10.79 -38.25
CA ILE E 169 15.09 11.09 -37.03
C ILE E 169 14.25 10.55 -35.89
N THR E 170 14.73 9.52 -35.20
CA THR E 170 13.97 8.89 -34.14
C THR E 170 14.46 9.37 -32.78
N LEU E 171 13.59 10.03 -32.03
CA LEU E 171 13.90 10.50 -30.68
C LEU E 171 13.44 9.49 -29.63
N SER E 172 14.01 9.62 -28.44
CA SER E 172 13.76 8.64 -27.39
C SER E 172 12.36 8.77 -26.81
N GLY E 173 11.94 9.98 -26.47
CA GLY E 173 10.64 10.13 -25.83
C GLY E 173 9.53 10.41 -26.83
N GLY E 174 8.30 10.18 -26.37
CA GLY E 174 7.11 10.45 -27.15
C GLY E 174 6.55 11.84 -26.96
N ASP E 175 7.31 12.71 -26.28
CA ASP E 175 6.91 14.09 -26.08
C ASP E 175 7.10 14.84 -27.40
N THR E 176 6.02 15.41 -27.92
CA THR E 176 6.06 16.06 -29.22
C THR E 176 6.82 17.38 -29.18
N ALA E 177 7.03 17.96 -28.00
CA ALA E 177 7.74 19.23 -27.93
C ALA E 177 9.17 19.11 -28.45
N ALA E 178 9.82 17.96 -28.25
CA ALA E 178 11.19 17.78 -28.73
C ALA E 178 11.24 17.65 -30.25
N THR E 179 10.30 16.89 -30.83
CA THR E 179 10.24 16.79 -32.28
C THR E 179 9.95 18.15 -32.91
N ILE E 180 9.06 18.92 -32.28
CA ILE E 180 8.77 20.27 -32.77
C ILE E 180 10.02 21.14 -32.72
N ALA E 181 10.80 21.01 -31.65
CA ALA E 181 12.04 21.77 -31.55
C ALA E 181 13.07 21.29 -32.58
N ALA E 182 13.01 20.01 -32.95
CA ALA E 182 13.95 19.50 -33.95
C ALA E 182 13.68 20.08 -35.33
N ALA E 183 12.41 20.18 -35.72
CA ALA E 183 12.07 20.75 -37.01
C ALA E 183 12.19 22.26 -37.03
N ALA E 184 11.96 22.93 -35.90
CA ALA E 184 12.00 24.38 -35.86
C ALA E 184 13.40 24.91 -36.13
N ASN E 185 14.43 24.22 -35.63
CA ASN E 185 15.82 24.61 -35.86
C ASN E 185 16.50 23.76 -36.91
N GLN E 186 15.77 22.84 -37.55
CA GLN E 186 16.29 22.02 -38.64
C GLN E 186 17.48 21.16 -38.19
N THR E 187 17.37 20.60 -36.98
CA THR E 187 18.41 19.74 -36.46
C THR E 187 18.53 18.47 -37.29
N ASN E 188 19.76 18.16 -37.72
CA ASN E 188 20.02 17.04 -38.63
C ASN E 188 19.12 17.10 -39.87
N GLY E 189 18.89 18.30 -40.37
CA GLY E 189 18.14 18.46 -41.60
C GLY E 189 16.65 18.20 -41.49
N ALA E 190 16.12 18.14 -40.27
CA ALA E 190 14.71 17.84 -40.10
C ALA E 190 13.84 18.99 -40.60
N ASN E 191 12.76 18.65 -41.29
CA ASN E 191 11.78 19.64 -41.72
C ASN E 191 10.34 19.23 -41.42
N ALA E 192 10.14 18.10 -40.76
CA ALA E 192 8.82 17.65 -40.34
C ALA E 192 8.92 17.10 -38.92
N ALA E 193 7.81 17.14 -38.19
CA ALA E 193 7.80 16.75 -36.79
C ALA E 193 6.51 16.03 -36.43
N VAL E 195 3.52 15.48 -34.14
CA VAL E 195 2.87 16.47 -33.30
C VAL E 195 1.57 15.90 -32.76
N TYR E 196 0.97 16.64 -31.83
CA TYR E 196 -0.46 16.55 -31.55
C TYR E 196 -1.11 17.80 -32.12
N GLY E 197 -2.35 17.63 -32.59
CA GLY E 197 -2.95 18.63 -33.48
C GLY E 197 -2.85 20.06 -32.99
N THR E 198 -3.12 20.28 -31.71
CA THR E 198 -3.20 21.63 -31.15
C THR E 198 -2.08 21.92 -30.14
N ASP E 199 -0.90 21.33 -30.36
CA ASP E 199 0.22 21.56 -29.47
C ASP E 199 0.62 23.03 -29.46
N GLY E 200 1.01 23.52 -28.29
CA GLY E 200 1.32 24.94 -28.13
C GLY E 200 2.54 25.39 -28.90
N GLY E 201 3.45 24.47 -29.22
CA GLY E 201 4.67 24.85 -29.92
C GLY E 201 4.55 24.91 -31.43
N ILE E 202 3.47 24.39 -32.01
CA ILE E 202 3.38 24.26 -33.47
C ILE E 202 3.43 25.64 -34.14
N ALA E 203 2.49 26.53 -33.76
CA ALA E 203 2.41 27.81 -34.45
C ALA E 203 3.61 28.71 -34.18
N PRO E 204 4.04 28.94 -32.93
CA PRO E 204 5.23 29.79 -32.72
C PRO E 204 6.52 29.21 -33.30
N SER E 205 6.58 27.92 -33.61
CA SER E 205 7.76 27.34 -34.23
C SER E 205 7.74 27.42 -35.75
N GLY E 206 6.67 27.96 -36.32
CA GLY E 206 6.54 28.05 -37.77
C GLY E 206 6.25 26.73 -38.43
N LEU E 207 5.35 25.94 -37.84
CA LEU E 207 4.97 24.64 -38.37
C LEU E 207 3.51 24.67 -38.77
N VAL E 208 3.15 23.82 -39.73
CA VAL E 208 1.78 23.69 -40.19
C VAL E 208 1.39 22.22 -40.13
N VAL E 209 0.26 21.94 -39.51
CA VAL E 209 -0.23 20.56 -39.40
C VAL E 209 -0.88 20.18 -40.72
N LEU E 210 -0.53 18.99 -41.23
CA LEU E 210 -1.13 18.48 -42.45
C LEU E 210 -2.37 17.68 -42.11
N GLU E 211 -3.48 17.99 -42.76
CA GLU E 211 -4.74 17.32 -42.49
C GLU E 211 -4.73 15.86 -43.00
N ASP E 212 -5.16 14.98 -42.07
CA ASP E 212 -5.36 13.55 -42.25
C ASP E 212 -6.73 13.43 -42.90
N ASP E 213 -6.73 13.67 -44.20
CA ASP E 213 -8.00 13.77 -44.91
C ASP E 213 -8.67 12.41 -45.02
N LYS E 214 -7.90 11.33 -44.98
CA LYS E 214 -8.45 9.99 -44.98
C LYS E 214 -8.68 9.40 -43.59
N HIS E 215 -8.42 10.17 -42.52
CA HIS E 215 -8.76 9.76 -41.15
C HIS E 215 -8.16 8.39 -40.83
N VAL E 216 -6.82 8.37 -40.78
CA VAL E 216 -6.11 7.18 -40.36
C VAL E 216 -6.12 7.06 -38.84
N GLN E 217 -6.02 8.20 -38.14
CA GLN E 217 -5.92 8.25 -36.70
C GLN E 217 -7.27 8.48 -36.04
N PRO E 218 -7.44 8.00 -34.81
CA PRO E 218 -8.68 8.30 -34.08
C PRO E 218 -8.85 9.80 -33.90
N VAL E 219 -10.10 10.22 -33.83
CA VAL E 219 -10.44 11.63 -33.72
C VAL E 219 -10.53 12.00 -32.25
N TYR E 220 -9.83 13.06 -31.87
CA TYR E 220 -9.82 13.56 -30.49
C TYR E 220 -10.27 15.02 -30.50
N GLN E 221 -11.61 15.23 -30.44
CA GLN E 221 -12.18 16.57 -30.43
C GLN E 221 -12.58 16.98 -29.02
N PRO E 222 -12.14 18.13 -28.55
CA PRO E 222 -12.50 18.57 -27.19
C PRO E 222 -13.94 19.03 -27.13
N ALA E 223 -14.61 18.67 -26.03
CA ALA E 223 -16.00 19.04 -25.83
C ALA E 223 -16.30 19.20 -24.34
N PRO E 224 -17.14 20.15 -23.95
CA PRO E 224 -17.52 20.23 -22.54
C PRO E 224 -18.46 19.09 -22.18
N ILE E 225 -18.15 18.39 -21.10
CA ILE E 225 -19.01 17.35 -20.56
C ILE E 225 -19.37 17.71 -19.13
N ILE E 226 -20.64 17.49 -18.77
CA ILE E 226 -21.20 17.99 -17.52
C ILE E 226 -22.11 16.92 -16.91
N ARG E 227 -22.12 16.83 -15.58
CA ARG E 227 -23.07 15.94 -14.91
C ARG E 227 -24.49 16.45 -15.13
N GLU E 228 -25.41 15.51 -15.35
CA GLU E 228 -26.79 15.87 -15.68
C GLU E 228 -27.45 16.65 -14.55
N GLU E 229 -27.12 16.32 -13.29
CA GLU E 229 -27.72 17.04 -12.17
C GLU E 229 -27.37 18.51 -12.20
N VAL E 230 -26.13 18.83 -12.59
CA VAL E 230 -25.70 20.23 -12.63
C VAL E 230 -26.28 20.94 -13.83
N LEU E 231 -26.43 20.23 -14.95
CA LEU E 231 -26.90 20.89 -16.16
C LEU E 231 -28.38 21.25 -16.04
N LYS E 232 -29.17 20.42 -15.36
CA LYS E 232 -30.59 20.73 -15.22
C LYS E 232 -30.86 21.88 -14.25
N LYS E 233 -29.89 22.22 -13.39
CA LYS E 233 -30.07 23.37 -12.49
C LYS E 233 -29.77 24.68 -13.20
N ASP E 234 -28.89 24.66 -14.21
CA ASP E 234 -28.61 25.81 -15.08
C ASP E 234 -28.55 25.31 -16.52
N PRO E 235 -29.71 25.17 -17.17
CA PRO E 235 -29.73 24.56 -18.51
C PRO E 235 -29.12 25.42 -19.60
N LYS E 236 -28.95 26.72 -19.37
CA LYS E 236 -28.36 27.57 -20.40
C LYS E 236 -26.89 27.27 -20.68
N ILE E 237 -26.22 26.47 -19.84
CA ILE E 237 -24.80 26.22 -20.06
C ILE E 237 -24.55 25.59 -21.43
N GLU E 238 -25.45 24.71 -21.88
CA GLU E 238 -25.31 24.08 -23.20
C GLU E 238 -25.43 25.12 -24.31
N GLU E 239 -26.45 25.98 -24.25
CA GLU E 239 -26.61 26.98 -25.30
C GLU E 239 -25.52 28.05 -25.22
N LEU E 240 -24.97 28.30 -24.03
CA LEU E 240 -23.92 29.30 -23.89
C LEU E 240 -22.59 28.83 -24.48
N LEU E 241 -22.26 27.56 -24.29
CA LEU E 241 -20.98 27.02 -24.74
C LEU E 241 -21.01 26.48 -26.16
N LYS E 242 -22.18 26.49 -26.81
CA LYS E 242 -22.28 25.95 -28.16
C LYS E 242 -21.56 26.85 -29.18
N PRO E 243 -21.83 28.15 -29.28
CA PRO E 243 -21.08 28.96 -30.26
C PRO E 243 -19.65 29.26 -29.83
N VAL E 244 -19.35 29.21 -28.54
CA VAL E 244 -17.98 29.46 -28.09
C VAL E 244 -17.06 28.36 -28.60
N PHE E 245 -17.47 27.09 -28.44
CA PHE E 245 -16.64 25.96 -28.84
C PHE E 245 -16.68 25.70 -30.34
N GLU E 246 -17.74 26.09 -31.04
CA GLU E 246 -17.77 25.91 -32.49
C GLU E 246 -16.80 26.83 -33.21
N LYS E 247 -16.41 27.93 -32.59
CA LYS E 247 -15.49 28.88 -33.20
C LYS E 247 -14.04 28.63 -32.83
N LEU E 248 -13.76 27.49 -32.17
CA LEU E 248 -12.41 27.11 -31.76
C LEU E 248 -11.84 26.11 -32.76
N ASP E 249 -11.45 26.62 -33.92
CA ASP E 249 -10.84 25.79 -34.95
C ASP E 249 -9.42 25.42 -34.54
N LEU E 250 -8.75 24.68 -35.44
CA LEU E 250 -7.42 24.16 -35.13
C LEU E 250 -6.41 25.28 -34.90
N THR E 251 -6.45 26.32 -35.74
CA THR E 251 -5.41 27.36 -35.68
C THR E 251 -5.56 28.26 -34.45
N THR E 252 -6.80 28.64 -34.10
CA THR E 252 -7.00 29.47 -32.91
C THR E 252 -6.60 28.72 -31.64
N LEU E 253 -6.97 27.44 -31.54
CA LEU E 253 -6.59 26.66 -30.36
C LEU E 253 -5.08 26.46 -30.30
N GLN E 254 -4.43 26.33 -31.47
CA GLN E 254 -2.97 26.34 -31.51
C GLN E 254 -2.42 27.68 -31.04
N ASP E 255 -3.05 28.78 -31.47
CA ASP E 255 -2.51 30.09 -31.16
C ASP E 255 -2.71 30.45 -29.70
N LEU E 256 -3.84 30.02 -29.10
CA LEU E 256 -4.05 30.26 -27.67
C LEU E 256 -3.10 29.43 -26.83
N ASN E 257 -2.91 28.16 -27.20
CA ASN E 257 -1.96 27.32 -26.46
C ASN E 257 -0.55 27.85 -26.59
N GLY E 258 -0.20 28.39 -27.75
CA GLY E 258 1.12 28.96 -27.93
C GLY E 258 1.35 30.18 -27.07
N ARG E 259 0.33 31.04 -26.93
CA ARG E 259 0.48 32.24 -26.12
C ARG E 259 0.66 31.90 -24.63
N VAL E 260 0.14 30.77 -24.18
CA VAL E 260 0.30 30.36 -22.79
C VAL E 260 1.60 29.60 -22.58
N GLN E 261 1.78 28.54 -23.37
CA GLN E 261 2.87 27.60 -23.13
C GLN E 261 4.22 28.21 -23.46
N LEU E 262 4.29 29.00 -24.52
CA LEU E 262 5.53 29.62 -24.94
C LEU E 262 5.51 31.14 -24.87
N GLY E 263 4.34 31.77 -24.87
CA GLY E 263 4.25 33.22 -24.78
C GLY E 263 4.23 33.74 -23.36
N GLY E 264 3.97 32.85 -22.41
CA GLY E 264 3.94 33.20 -21.00
C GLY E 264 2.67 33.85 -20.51
N GLU E 265 1.69 34.07 -21.39
CA GLU E 265 0.46 34.70 -20.95
C GLU E 265 -0.37 33.71 -20.13
N PRO E 266 -0.99 34.15 -19.05
CA PRO E 266 -1.80 33.22 -18.23
C PRO E 266 -3.03 32.73 -18.98
N ALA E 267 -3.40 31.46 -18.71
CA ALA E 267 -4.52 30.83 -19.39
C ALA E 267 -5.84 31.56 -19.13
N LYS E 268 -5.99 32.18 -17.95
CA LYS E 268 -7.20 32.95 -17.66
C LYS E 268 -7.29 34.21 -18.52
N ALA E 269 -6.18 34.90 -18.74
CA ALA E 269 -6.23 36.09 -19.58
C ALA E 269 -6.38 35.73 -21.05
N VAL E 270 -5.77 34.63 -21.48
CA VAL E 270 -5.86 34.22 -22.88
C VAL E 270 -7.28 33.77 -23.22
N ALA E 271 -7.95 33.12 -22.27
CA ALA E 271 -9.34 32.73 -22.48
C ALA E 271 -10.23 33.95 -22.60
N GLU E 272 -10.02 34.93 -21.72
CA GLU E 272 -10.83 36.13 -21.71
C GLU E 272 -10.59 36.99 -22.95
N ASP E 273 -9.36 36.97 -23.48
CA ASP E 273 -9.08 37.68 -24.74
C ASP E 273 -9.80 37.04 -25.90
N PHE E 274 -9.78 35.71 -25.98
CA PHE E 274 -10.46 35.02 -27.06
C PHE E 274 -11.94 35.36 -27.07
N LEU E 275 -12.55 35.48 -25.89
CA LEU E 275 -13.98 35.74 -25.80
C LEU E 275 -14.33 37.19 -26.12
N LYS E 276 -13.50 38.15 -25.67
CA LYS E 276 -13.78 39.55 -25.94
C LYS E 276 -13.70 39.85 -27.43
N LYS E 277 -12.68 39.32 -28.09
CA LYS E 277 -12.51 39.54 -29.52
C LYS E 277 -13.60 38.89 -30.35
N ASN E 278 -14.23 37.83 -29.83
CA ASN E 278 -15.27 37.13 -30.57
C ASN E 278 -16.68 37.47 -30.08
N GLY E 279 -16.82 38.48 -29.22
CA GLY E 279 -18.13 38.98 -28.84
C GLY E 279 -18.84 38.20 -27.76
N PHE E 280 -18.15 37.29 -27.05
CA PHE E 280 -18.77 36.49 -26.00
C PHE E 280 -18.68 37.10 -24.61
N LEU E 281 -17.95 38.20 -24.42
CA LEU E 281 -17.80 38.79 -23.09
C LEU E 281 -18.27 40.24 -23.17
N LYS E 282 -19.53 40.47 -22.78
CA LYS E 282 -20.11 41.81 -22.74
C LYS E 282 -19.97 42.41 -21.35
N SER F 1 27.76 -27.44 -8.74
CA SER F 1 26.60 -28.29 -8.47
C SER F 1 25.95 -27.95 -7.14
N ASN F 2 25.88 -26.66 -6.81
CA ASN F 2 25.28 -26.21 -5.56
C ASN F 2 23.79 -26.51 -5.43
N ALA F 3 23.05 -26.31 -6.53
CA ALA F 3 21.62 -26.53 -6.64
C ALA F 3 21.09 -25.54 -7.66
N VAL F 4 20.66 -26.02 -8.81
CA VAL F 4 20.19 -25.16 -9.88
C VAL F 4 18.68 -24.98 -9.75
N ALA F 5 18.24 -23.73 -9.61
CA ALA F 5 16.82 -23.44 -9.46
C ALA F 5 16.18 -23.32 -10.85
N VAL F 6 15.38 -24.33 -11.22
CA VAL F 6 14.66 -24.30 -12.49
C VAL F 6 13.27 -23.72 -12.25
N SER F 7 12.92 -22.72 -13.05
CA SER F 7 11.63 -22.05 -12.95
C SER F 7 11.00 -21.94 -14.33
N SER F 8 9.85 -21.27 -14.38
CA SER F 8 9.14 -21.02 -15.63
C SER F 8 7.95 -20.12 -15.30
N LYS F 9 7.28 -19.66 -16.36
CA LYS F 9 6.07 -18.87 -16.22
C LYS F 9 4.85 -19.78 -16.02
N ILE F 10 3.72 -19.14 -15.67
CA ILE F 10 2.57 -19.87 -15.13
C ILE F 10 1.72 -20.59 -16.16
N ASP F 11 1.90 -20.33 -17.45
CA ASP F 11 1.05 -20.97 -18.46
C ASP F 11 1.48 -22.43 -18.71
N THR F 12 0.76 -23.10 -19.60
CA THR F 12 0.98 -24.52 -19.85
C THR F 12 2.39 -24.79 -20.39
N GLU F 13 2.88 -23.96 -21.30
CA GLU F 13 4.20 -24.20 -21.87
C GLU F 13 5.32 -24.01 -20.86
N GLY F 14 5.16 -23.10 -19.90
CA GLY F 14 6.16 -22.98 -18.86
C GLY F 14 6.36 -24.29 -18.11
N GLY F 15 5.27 -24.96 -17.77
CA GLY F 15 5.38 -26.25 -17.10
C GLY F 15 6.03 -27.31 -17.97
N VAL F 16 5.64 -27.36 -19.24
CA VAL F 16 6.21 -28.35 -20.15
C VAL F 16 7.69 -28.08 -20.36
N LEU F 17 8.02 -26.84 -20.70
CA LEU F 17 9.42 -26.48 -20.93
C LEU F 17 10.24 -26.56 -19.64
N GLY F 18 9.64 -26.16 -18.52
CA GLY F 18 10.36 -26.24 -17.26
C GLY F 18 10.67 -27.67 -16.85
N ASN F 19 9.70 -28.58 -17.04
CA ASN F 19 9.96 -29.99 -16.72
C ASN F 19 10.93 -30.62 -17.70
N ILE F 20 11.00 -30.11 -18.93
CA ILE F 20 11.99 -30.60 -19.89
C ILE F 20 13.39 -30.23 -19.44
N ILE F 21 13.58 -28.97 -19.04
CA ILE F 21 14.89 -28.53 -18.56
C ILE F 21 15.27 -29.26 -17.28
N LEU F 22 14.31 -29.43 -16.37
CA LEU F 22 14.61 -30.05 -15.08
C LEU F 22 14.94 -31.53 -15.24
N THR F 23 14.22 -32.23 -16.12
CA THR F 23 14.50 -33.64 -16.33
C THR F 23 15.83 -33.84 -17.02
N VAL F 24 16.25 -32.90 -17.88
CA VAL F 24 17.55 -33.01 -18.54
C VAL F 24 18.68 -32.89 -17.52
N LEU F 25 18.56 -31.94 -16.58
CA LEU F 25 19.61 -31.75 -15.58
C LEU F 25 19.66 -32.90 -14.58
N ASN F 26 18.52 -33.49 -14.22
CA ASN F 26 18.52 -34.58 -13.25
C ASN F 26 19.19 -35.82 -13.83
N ALA F 27 18.99 -36.10 -15.12
CA ALA F 27 19.56 -37.30 -15.72
C ALA F 27 21.06 -37.20 -15.94
N ASN F 28 21.65 -36.01 -15.88
CA ASN F 28 23.07 -35.83 -16.08
C ASN F 28 23.79 -35.34 -14.82
N GLY F 29 23.24 -35.67 -13.66
CA GLY F 29 23.90 -35.43 -12.40
C GLY F 29 23.89 -34.02 -11.87
N ILE F 30 23.04 -33.14 -12.39
CA ILE F 30 22.92 -31.79 -11.87
C ILE F 30 21.71 -31.76 -10.94
N LYS F 31 21.98 -31.50 -9.66
CA LYS F 31 20.95 -31.37 -8.63
C LYS F 31 20.16 -30.11 -8.92
N THR F 32 18.86 -30.14 -8.72
CA THR F 32 18.05 -28.99 -9.07
C THR F 32 17.11 -28.62 -7.94
N THR F 33 16.58 -27.40 -8.04
CA THR F 33 15.53 -26.92 -7.17
C THR F 33 14.34 -26.53 -8.04
N ASP F 34 13.13 -26.91 -7.63
CA ASP F 34 11.93 -26.75 -8.44
C ASP F 34 11.23 -25.45 -8.08
N ARG F 35 11.17 -24.53 -9.04
CA ARG F 35 10.37 -23.31 -8.92
C ARG F 35 9.57 -23.10 -10.20
N ILE F 36 9.07 -24.21 -10.76
CA ILE F 36 8.40 -24.19 -12.06
C ILE F 36 7.03 -23.53 -11.95
N GLN F 37 6.65 -22.78 -12.99
CA GLN F 37 5.37 -22.07 -13.05
C GLN F 37 5.23 -21.13 -11.86
N LEU F 38 6.21 -20.23 -11.74
CA LEU F 38 6.23 -19.32 -10.61
C LEU F 38 5.20 -18.20 -10.77
N GLY F 39 5.08 -17.63 -11.96
CA GLY F 39 4.11 -16.57 -12.17
C GLY F 39 4.21 -16.00 -13.56
N ALA F 40 3.75 -14.76 -13.71
CA ALA F 40 3.79 -14.10 -15.01
C ALA F 40 5.21 -13.65 -15.34
N THR F 41 5.37 -13.04 -16.52
CA THR F 41 6.70 -12.63 -16.97
C THR F 41 7.37 -11.62 -16.04
N PRO F 42 6.73 -10.51 -15.63
CA PRO F 42 7.44 -9.58 -14.73
C PRO F 42 7.82 -10.18 -13.39
N VAL F 43 7.08 -11.18 -12.90
CA VAL F 43 7.43 -11.79 -11.62
C VAL F 43 8.65 -12.68 -11.77
N VAL F 44 8.69 -13.50 -12.82
CA VAL F 44 9.83 -14.39 -13.03
C VAL F 44 11.07 -13.60 -13.44
N ARG F 45 10.88 -12.47 -14.13
CA ARG F 45 12.01 -11.63 -14.52
C ARG F 45 12.66 -10.95 -13.32
N LYS F 46 11.86 -10.47 -12.35
CA LYS F 46 12.46 -9.89 -11.16
C LYS F 46 13.13 -10.95 -10.29
N ALA F 47 12.71 -12.20 -10.37
CA ALA F 47 13.32 -13.25 -9.57
C ALA F 47 14.70 -13.61 -10.09
N ILE F 48 14.86 -13.70 -11.42
CA ILE F 48 16.15 -14.09 -11.97
C ILE F 48 17.16 -12.95 -11.86
N THR F 49 16.69 -11.70 -11.91
CA THR F 49 17.60 -10.57 -11.75
C THR F 49 18.06 -10.40 -10.31
N ALA F 50 17.35 -11.00 -9.36
CA ALA F 50 17.68 -10.95 -7.95
C ALA F 50 18.38 -12.21 -7.45
N GLY F 51 18.53 -13.23 -8.29
CA GLY F 51 19.18 -14.46 -7.89
C GLY F 51 18.30 -15.48 -7.22
N GLU F 52 16.97 -15.30 -7.26
CA GLU F 52 16.07 -16.24 -6.61
C GLU F 52 15.84 -17.49 -7.46
N ILE F 53 15.94 -17.38 -8.78
CA ILE F 53 15.90 -18.52 -9.69
C ILE F 53 17.16 -18.47 -10.55
N ASP F 54 17.45 -19.59 -11.21
CA ASP F 54 18.68 -19.68 -12.00
C ASP F 54 18.44 -19.82 -13.49
N ILE F 55 17.48 -20.64 -13.92
CA ILE F 55 17.24 -20.88 -15.34
C ILE F 55 15.75 -21.05 -15.58
N TYR F 56 15.26 -20.50 -16.69
CA TYR F 56 13.86 -20.63 -17.06
C TYR F 56 13.73 -20.33 -18.55
N PRO F 57 12.69 -20.85 -19.21
CA PRO F 57 12.53 -20.58 -20.64
C PRO F 57 11.81 -19.27 -20.91
N GLU F 58 12.43 -18.41 -21.71
CA GLU F 58 11.87 -17.13 -22.09
C GLU F 58 11.76 -17.08 -23.62
N TYR F 59 10.87 -16.23 -24.11
CA TYR F 59 10.64 -16.06 -25.53
C TYR F 59 11.44 -14.88 -26.06
N THR F 60 12.02 -15.06 -27.25
CA THR F 60 12.99 -14.10 -27.78
C THR F 60 12.38 -12.71 -27.91
N GLY F 61 11.16 -12.62 -28.44
CA GLY F 61 10.54 -11.32 -28.67
C GLY F 61 10.20 -10.56 -27.40
N ASN F 62 10.12 -11.24 -26.26
CA ASN F 62 9.81 -10.53 -25.02
C ASN F 62 10.92 -9.58 -24.63
N ALA F 63 12.11 -9.72 -25.21
CA ALA F 63 13.17 -8.75 -25.00
C ALA F 63 12.82 -7.39 -25.60
N ALA F 64 11.86 -7.34 -26.52
CA ALA F 64 11.39 -6.06 -27.03
C ALA F 64 10.82 -5.20 -25.91
N PHE F 65 10.14 -5.83 -24.94
CA PHE F 65 9.54 -5.09 -23.83
C PHE F 65 10.46 -4.94 -22.63
N PHE F 66 11.42 -5.85 -22.45
CA PHE F 66 12.36 -5.71 -21.33
C PHE F 66 13.31 -4.53 -21.55
N PHE F 67 13.62 -4.22 -22.80
CA PHE F 67 14.67 -3.25 -23.13
C PHE F 67 14.15 -2.06 -23.95
N ASN F 68 12.84 -1.80 -23.90
CA ASN F 68 12.26 -0.58 -24.49
C ASN F 68 12.51 -0.52 -26.00
N LYS F 69 12.25 -1.65 -26.67
CA LYS F 69 12.28 -1.72 -28.14
C LYS F 69 11.00 -2.42 -28.61
N ALA F 70 9.85 -1.86 -28.21
CA ALA F 70 8.60 -2.61 -28.26
C ALA F 70 8.24 -3.02 -29.68
N ASP F 71 8.20 -2.06 -30.60
CA ASP F 71 7.69 -2.32 -31.94
C ASP F 71 8.78 -2.36 -33.01
N ASP F 72 10.03 -2.60 -32.61
CA ASP F 72 11.13 -2.57 -33.56
C ASP F 72 10.96 -3.65 -34.64
N PRO F 73 11.25 -3.33 -35.90
CA PRO F 73 11.09 -4.34 -36.96
C PRO F 73 12.02 -5.53 -36.80
N LEU F 74 13.09 -5.42 -36.00
CA LEU F 74 14.02 -6.53 -35.86
C LEU F 74 13.41 -7.72 -35.15
N TRP F 75 12.39 -7.50 -34.31
CA TRP F 75 11.79 -8.62 -33.58
C TRP F 75 10.96 -9.54 -34.47
N LYS F 76 10.67 -9.14 -35.70
CA LYS F 76 9.99 -9.99 -36.66
C LYS F 76 10.96 -10.86 -37.46
N ASP F 77 12.26 -10.75 -37.22
CA ASP F 77 13.26 -11.60 -37.84
C ASP F 77 13.77 -12.60 -36.83
N PRO F 78 13.59 -13.91 -37.05
CA PRO F 78 13.95 -14.89 -36.01
C PRO F 78 15.41 -14.80 -35.57
N ALA F 79 16.35 -14.61 -36.49
CA ALA F 79 17.75 -14.55 -36.12
C ALA F 79 18.06 -13.28 -35.31
N LYS F 80 17.58 -12.13 -35.78
CA LYS F 80 17.87 -10.88 -35.09
C LYS F 80 17.16 -10.81 -33.75
N ALA F 81 15.99 -11.44 -33.63
CA ALA F 81 15.28 -11.42 -32.35
C ALA F 81 16.03 -12.23 -31.30
N TYR F 82 16.62 -13.36 -31.70
CA TYR F 82 17.35 -14.17 -30.75
C TYR F 82 18.69 -13.52 -30.37
N GLU F 83 19.44 -13.06 -31.37
CA GLU F 83 20.77 -12.51 -31.09
C GLU F 83 20.68 -11.17 -30.37
N THR F 84 19.65 -10.36 -30.67
CA THR F 84 19.50 -9.11 -29.94
C THR F 84 19.08 -9.36 -28.49
N ALA F 85 18.15 -10.31 -28.28
CA ALA F 85 17.78 -10.68 -26.93
C ALA F 85 18.98 -11.29 -26.20
N LYS F 86 19.81 -12.04 -26.92
CA LYS F 86 20.98 -12.66 -26.30
C LYS F 86 22.01 -11.63 -25.88
N LYS F 87 22.26 -10.61 -26.71
CA LYS F 87 23.25 -9.61 -26.38
C LYS F 87 22.76 -8.63 -25.32
N LEU F 88 21.54 -8.13 -25.46
CA LEU F 88 21.04 -7.14 -24.49
C LEU F 88 20.92 -7.73 -23.10
N ASP F 89 20.46 -8.98 -23.00
CA ASP F 89 20.29 -9.60 -21.68
C ASP F 89 21.63 -9.93 -21.03
N TYR F 90 22.66 -10.21 -21.83
CA TYR F 90 23.98 -10.44 -21.26
C TYR F 90 24.61 -9.14 -20.79
N ASP F 91 24.42 -8.06 -21.55
CA ASP F 91 25.00 -6.78 -21.18
C ASP F 91 24.32 -6.20 -19.94
N ALA F 92 23.02 -6.37 -19.81
CA ALA F 92 22.26 -5.73 -18.74
C ALA F 92 22.19 -6.55 -17.47
N ASN F 93 22.07 -7.88 -17.57
CA ASN F 93 21.88 -8.73 -16.40
C ASN F 93 22.80 -9.94 -16.35
N LYS F 94 23.68 -10.13 -17.32
CA LYS F 94 24.56 -11.30 -17.40
C LYS F 94 23.75 -12.59 -17.40
N ILE F 95 22.60 -12.57 -18.04
CA ILE F 95 21.81 -13.77 -18.28
C ILE F 95 22.17 -14.29 -19.66
N VAL F 96 22.45 -15.59 -19.76
CA VAL F 96 22.94 -16.19 -20.99
C VAL F 96 21.80 -16.96 -21.65
N TRP F 97 21.46 -16.56 -22.87
CA TRP F 97 20.43 -17.22 -23.66
C TRP F 97 21.01 -18.43 -24.40
N LEU F 98 20.42 -19.61 -24.18
CA LEU F 98 20.85 -20.85 -24.81
C LEU F 98 20.19 -21.01 -26.17
N THR F 99 20.38 -22.17 -26.80
CA THR F 99 19.82 -22.42 -28.12
C THR F 99 18.30 -22.39 -28.07
N PRO F 100 17.64 -21.63 -28.93
CA PRO F 100 16.17 -21.54 -28.88
C PRO F 100 15.51 -22.68 -29.66
N SER F 101 14.23 -22.82 -29.43
CA SER F 101 13.40 -23.76 -30.14
C SER F 101 12.89 -23.14 -31.44
N PRO F 102 12.73 -23.94 -32.50
CA PRO F 102 12.24 -23.37 -33.77
C PRO F 102 10.80 -22.89 -33.71
N ALA F 103 10.04 -23.29 -32.69
CA ALA F 103 8.62 -22.95 -32.63
C ALA F 103 8.44 -21.45 -32.42
N ASN F 104 7.56 -20.85 -33.23
CA ASN F 104 7.25 -19.43 -33.16
C ASN F 104 5.89 -19.30 -32.48
N ASN F 105 5.90 -19.01 -31.18
CA ASN F 105 4.67 -18.92 -30.42
C ASN F 105 4.16 -17.48 -30.43
N THR F 106 3.66 -17.08 -31.60
CA THR F 106 3.20 -15.72 -31.82
C THR F 106 1.75 -15.71 -32.27
N TRP F 107 1.20 -14.50 -32.41
CA TRP F 107 -0.17 -14.32 -32.85
C TRP F 107 -0.33 -14.84 -34.26
N GLY F 108 -1.36 -15.65 -34.49
CA GLY F 108 -1.56 -16.21 -35.81
C GLY F 108 -2.98 -16.66 -36.05
N ILE F 109 -3.17 -17.33 -37.18
CA ILE F 109 -4.48 -17.86 -37.59
C ILE F 109 -4.35 -19.36 -37.82
N ALA F 110 -5.26 -20.13 -37.24
CA ALA F 110 -5.32 -21.57 -37.46
C ALA F 110 -6.62 -21.92 -38.18
N VAL F 111 -6.51 -22.88 -39.11
CA VAL F 111 -7.63 -23.32 -39.93
C VAL F 111 -7.92 -24.78 -39.60
N ARG F 112 -9.15 -25.21 -39.88
CA ARG F 112 -9.47 -26.63 -39.70
C ARG F 112 -8.71 -27.43 -40.75
N LYS F 113 -8.21 -28.60 -40.36
CA LYS F 113 -7.39 -29.36 -41.29
C LYS F 113 -8.19 -29.76 -42.53
N ASP F 114 -9.50 -29.96 -42.40
CA ASP F 114 -10.31 -30.31 -43.56
C ASP F 114 -10.23 -29.24 -44.63
N VAL F 115 -10.31 -27.97 -44.23
CA VAL F 115 -10.17 -26.86 -45.15
C VAL F 115 -8.74 -26.73 -45.64
N ALA F 116 -7.77 -27.00 -44.75
CA ALA F 116 -6.36 -26.87 -45.11
C ALA F 116 -5.91 -27.97 -46.07
N ASN F 117 -6.44 -29.18 -45.91
CA ASN F 117 -5.96 -30.29 -46.74
C ASN F 117 -6.50 -30.23 -48.15
N GLU F 118 -7.81 -29.97 -48.31
CA GLU F 118 -8.38 -29.98 -49.65
C GLU F 118 -7.97 -28.77 -50.47
N ASN F 119 -7.62 -27.66 -49.82
CA ASN F 119 -7.27 -26.44 -50.53
C ASN F 119 -5.78 -26.11 -50.42
N LYS F 120 -4.98 -27.03 -49.88
CA LYS F 120 -3.54 -26.84 -49.76
C LYS F 120 -3.22 -25.50 -49.12
N LEU F 121 -3.69 -25.33 -47.91
CA LEU F 121 -3.44 -24.14 -47.12
C LEU F 121 -2.35 -24.51 -46.12
N ALA F 122 -1.16 -23.94 -46.30
CA ALA F 122 -0.07 -24.13 -45.35
C ALA F 122 0.54 -22.84 -44.82
N SER F 123 0.36 -21.72 -45.52
CA SER F 123 0.91 -20.43 -45.12
C SER F 123 -0.17 -19.37 -45.24
N LEU F 124 0.15 -18.18 -44.72
CA LEU F 124 -0.79 -17.06 -44.82
C LEU F 124 -0.86 -16.51 -46.24
N SER F 125 0.14 -16.81 -47.07
CA SER F 125 0.04 -16.45 -48.48
C SER F 125 -0.97 -17.36 -49.18
N ASP F 126 -0.96 -18.66 -48.87
CA ASP F 126 -2.01 -19.54 -49.37
C ASP F 126 -3.37 -19.10 -48.86
N PHE F 127 -3.44 -18.69 -47.59
CA PHE F 127 -4.69 -18.21 -47.03
C PHE F 127 -5.16 -16.95 -47.74
N GLY F 128 -4.23 -16.03 -48.04
CA GLY F 128 -4.60 -14.78 -48.66
C GLY F 128 -5.16 -14.93 -50.07
N LYS F 129 -4.54 -15.79 -50.88
CA LYS F 129 -5.06 -15.99 -52.23
C LYS F 129 -6.36 -16.78 -52.23
N TYR F 130 -6.57 -17.62 -51.21
CA TYR F 130 -7.79 -18.42 -51.14
C TYR F 130 -9.01 -17.53 -50.83
N ILE F 131 -8.84 -16.55 -49.93
CA ILE F 131 -9.95 -15.65 -49.65
C ILE F 131 -10.19 -14.69 -50.79
N ALA F 132 -9.11 -14.18 -51.40
CA ALA F 132 -9.27 -13.21 -52.47
C ALA F 132 -9.95 -13.82 -53.69
N GLY F 133 -9.82 -15.14 -53.88
CA GLY F 133 -10.44 -15.81 -54.98
C GLY F 133 -11.79 -16.39 -54.61
N GLY F 134 -12.44 -15.79 -53.61
CA GLY F 134 -13.78 -16.20 -53.21
C GLY F 134 -13.86 -17.42 -52.33
N GLY F 135 -12.78 -17.76 -51.61
CA GLY F 135 -12.83 -18.92 -50.73
C GLY F 135 -13.74 -18.71 -49.54
N LYS F 136 -14.29 -19.82 -49.03
CA LYS F 136 -15.20 -19.80 -47.88
C LYS F 136 -14.40 -19.71 -46.59
N VAL F 137 -14.53 -18.59 -45.88
CA VAL F 137 -13.85 -18.41 -44.60
C VAL F 137 -14.75 -17.64 -43.65
N VAL F 138 -14.81 -18.10 -42.42
CA VAL F 138 -15.39 -17.37 -41.29
C VAL F 138 -14.38 -17.48 -40.16
N LEU F 139 -13.77 -16.35 -39.81
CA LEU F 139 -12.68 -16.32 -38.85
C LEU F 139 -13.19 -15.88 -37.49
N ALA F 140 -12.92 -16.68 -36.47
CA ALA F 140 -13.26 -16.35 -35.10
C ALA F 140 -12.05 -15.69 -34.43
N ALA F 141 -12.23 -14.45 -33.99
CA ALA F 141 -11.13 -13.68 -33.42
C ALA F 141 -11.68 -12.68 -32.42
N SER F 142 -10.78 -12.06 -31.66
CA SER F 142 -11.21 -11.03 -30.72
C SER F 142 -11.39 -9.70 -31.45
N SER F 143 -12.18 -8.82 -30.83
CA SER F 143 -12.38 -7.49 -31.41
C SER F 143 -11.07 -6.75 -31.58
N GLU F 144 -10.15 -6.92 -30.63
CA GLU F 144 -8.84 -6.29 -30.75
C GLU F 144 -8.09 -6.84 -31.96
N PHE F 145 -8.18 -8.14 -32.21
CA PHE F 145 -7.50 -8.74 -33.34
C PHE F 145 -8.02 -8.18 -34.66
N VAL F 146 -9.33 -7.95 -34.74
CA VAL F 146 -9.91 -7.49 -35.99
C VAL F 146 -9.62 -6.00 -36.22
N ASN F 147 -9.58 -5.21 -35.14
CA ASN F 147 -9.52 -3.76 -35.26
C ASN F 147 -8.12 -3.19 -35.11
N SER F 148 -7.31 -3.71 -34.18
CA SER F 148 -6.01 -3.12 -33.93
C SER F 148 -5.12 -3.25 -35.17
N ALA F 149 -4.35 -2.20 -35.43
CA ALA F 149 -3.59 -2.10 -36.67
C ALA F 149 -2.53 -3.20 -36.80
N ALA F 150 -2.02 -3.72 -35.68
CA ALA F 150 -0.93 -4.68 -35.75
C ALA F 150 -1.39 -6.11 -36.01
N ALA F 151 -2.70 -6.38 -36.03
CA ALA F 151 -3.14 -7.76 -36.16
C ALA F 151 -3.69 -8.03 -37.57
N LEU F 152 -5.00 -8.23 -37.69
CA LEU F 152 -5.55 -8.63 -38.98
C LEU F 152 -5.33 -7.60 -40.08
N PRO F 153 -5.49 -6.28 -39.85
CA PRO F 153 -5.16 -5.32 -40.93
C PRO F 153 -3.74 -5.49 -41.44
N ALA F 154 -2.79 -5.78 -40.55
CA ALA F 154 -1.43 -6.03 -41.00
C ALA F 154 -1.33 -7.34 -41.77
N PHE F 155 -2.07 -8.36 -41.35
CA PHE F 155 -2.14 -9.60 -42.11
C PHE F 155 -2.77 -9.36 -43.47
N GLN F 156 -3.83 -8.56 -43.51
CA GLN F 156 -4.56 -8.33 -44.76
C GLN F 156 -3.71 -7.58 -45.77
N THR F 157 -2.91 -6.60 -45.30
CA THR F 157 -2.06 -5.82 -46.19
C THR F 157 -0.94 -6.66 -46.77
N ALA F 158 -0.30 -7.51 -45.95
CA ALA F 158 0.86 -8.26 -46.40
C ALA F 158 0.48 -9.43 -47.30
N TYR F 159 -0.67 -10.06 -47.06
CA TYR F 159 -1.07 -11.26 -47.77
C TYR F 159 -2.20 -11.02 -48.77
N GLY F 160 -2.57 -9.76 -48.99
CA GLY F 160 -3.50 -9.38 -50.04
C GLY F 160 -4.89 -9.97 -49.96
N PHE F 161 -5.59 -9.73 -48.85
CA PHE F 161 -6.99 -10.13 -48.74
C PHE F 161 -7.67 -9.18 -47.77
N THR F 162 -9.00 -9.21 -47.79
CA THR F 162 -9.81 -8.45 -46.84
C THR F 162 -11.06 -9.25 -46.52
N LEU F 163 -11.34 -9.44 -45.24
CA LEU F 163 -12.49 -10.21 -44.81
C LEU F 163 -13.70 -9.32 -44.64
N LYS F 164 -14.81 -9.70 -45.29
CA LYS F 164 -16.03 -8.92 -45.15
C LYS F 164 -16.66 -9.21 -43.79
N PRO F 165 -17.52 -8.32 -43.29
CA PRO F 165 -18.15 -8.58 -41.98
C PRO F 165 -18.86 -9.91 -41.95
N ASP F 166 -19.33 -10.35 -43.11
CA ASP F 166 -19.97 -11.65 -43.27
C ASP F 166 -19.00 -12.80 -42.99
N GLN F 167 -17.69 -12.52 -42.99
CA GLN F 167 -16.67 -13.54 -42.76
C GLN F 167 -15.94 -13.38 -41.44
N LEU F 168 -16.53 -12.66 -40.47
CA LEU F 168 -15.88 -12.45 -39.18
C LEU F 168 -16.82 -12.75 -38.02
N ILE F 169 -16.24 -13.36 -36.99
CA ILE F 169 -16.89 -13.56 -35.70
C ILE F 169 -15.97 -12.88 -34.69
N THR F 170 -16.45 -11.81 -34.08
CA THR F 170 -15.65 -11.03 -33.14
C THR F 170 -16.07 -11.36 -31.72
N LEU F 171 -15.15 -11.91 -30.94
CA LEU F 171 -15.43 -12.21 -29.53
C LEU F 171 -14.94 -11.05 -28.67
N SER F 172 -15.54 -10.93 -27.49
CA SER F 172 -15.24 -9.80 -26.61
C SER F 172 -13.87 -9.95 -25.96
N GLY F 173 -13.58 -11.14 -25.43
CA GLY F 173 -12.35 -11.33 -24.70
C GLY F 173 -11.21 -11.82 -25.60
N GLY F 174 -10.00 -11.73 -25.05
CA GLY F 174 -8.80 -12.16 -25.73
C GLY F 174 -8.35 -13.60 -25.53
N ASP F 175 -9.17 -14.46 -24.96
CA ASP F 175 -8.78 -15.85 -24.78
C ASP F 175 -8.86 -16.58 -26.12
N THR F 176 -7.72 -17.11 -26.58
CA THR F 176 -7.72 -17.82 -27.85
C THR F 176 -8.46 -19.15 -27.73
N ALA F 177 -8.68 -19.63 -26.51
CA ALA F 177 -9.41 -20.88 -26.33
C ALA F 177 -10.84 -20.75 -26.84
N ALA F 178 -11.44 -19.57 -26.71
CA ALA F 178 -12.81 -19.41 -27.19
C ALA F 178 -12.86 -19.35 -28.71
N THR F 179 -11.91 -18.62 -29.32
CA THR F 179 -11.86 -18.58 -30.78
C THR F 179 -11.57 -19.98 -31.34
N ILE F 180 -10.66 -20.72 -30.71
CA ILE F 180 -10.37 -22.09 -31.13
C ILE F 180 -11.60 -22.97 -30.95
N ALA F 181 -12.32 -22.81 -29.84
CA ALA F 181 -13.51 -23.62 -29.61
C ALA F 181 -14.60 -23.30 -30.62
N ALA F 182 -14.65 -22.06 -31.11
CA ALA F 182 -15.65 -21.72 -32.11
C ALA F 182 -15.36 -22.40 -33.44
N ALA F 183 -14.09 -22.47 -33.84
CA ALA F 183 -13.75 -23.10 -35.12
C ALA F 183 -13.83 -24.62 -35.04
N ALA F 184 -13.55 -25.20 -33.87
CA ALA F 184 -13.60 -26.65 -33.72
C ALA F 184 -15.02 -27.17 -33.83
N ASN F 185 -15.98 -26.41 -33.31
CA ASN F 185 -17.40 -26.77 -33.37
C ASN F 185 -18.15 -26.03 -34.47
N GLN F 186 -17.47 -25.16 -35.22
CA GLN F 186 -18.05 -24.47 -36.38
C GLN F 186 -19.28 -23.64 -36.01
N THR F 187 -19.27 -23.02 -34.84
CA THR F 187 -20.39 -22.20 -34.42
C THR F 187 -20.49 -20.95 -35.30
N ASN F 188 -21.70 -20.71 -35.82
CA ASN F 188 -21.95 -19.63 -36.75
C ASN F 188 -20.99 -19.68 -37.94
N GLY F 189 -20.69 -20.90 -38.38
CA GLY F 189 -19.91 -21.17 -39.57
C GLY F 189 -18.42 -20.93 -39.50
N ALA F 190 -17.87 -20.78 -38.30
CA ALA F 190 -16.45 -20.49 -38.19
C ALA F 190 -15.60 -21.69 -38.59
N ASN F 191 -14.56 -21.44 -39.38
CA ASN F 191 -13.59 -22.47 -39.74
C ASN F 191 -12.15 -21.99 -39.57
N ALA F 192 -11.94 -20.82 -39.00
CA ALA F 192 -10.61 -20.29 -38.72
C ALA F 192 -10.62 -19.69 -37.32
N ALA F 193 -9.46 -19.63 -36.69
CA ALA F 193 -9.38 -19.17 -35.31
C ALA F 193 -8.11 -18.36 -35.08
N VAL F 195 -5.17 -17.65 -32.89
CA VAL F 195 -4.45 -18.56 -32.00
C VAL F 195 -3.12 -17.92 -31.64
N TYR F 196 -2.44 -18.56 -30.69
CA TYR F 196 -1.01 -18.42 -30.52
C TYR F 196 -0.38 -19.73 -30.99
N GLY F 197 0.84 -19.62 -31.52
CA GLY F 197 1.42 -20.70 -32.32
C GLY F 197 1.33 -22.07 -31.69
N THR F 198 1.62 -22.18 -30.39
CA THR F 198 1.69 -23.47 -29.71
C THR F 198 0.59 -23.66 -28.68
N ASP F 199 -0.59 -23.08 -28.91
CA ASP F 199 -1.67 -23.21 -27.94
C ASP F 199 -2.07 -24.67 -27.77
N GLY F 200 -2.39 -25.03 -26.53
CA GLY F 200 -2.71 -26.40 -26.20
C GLY F 200 -3.96 -26.94 -26.85
N GLY F 201 -4.88 -26.05 -27.25
CA GLY F 201 -6.12 -26.48 -27.85
C GLY F 201 -6.09 -26.73 -29.34
N ILE F 202 -5.03 -26.32 -30.03
CA ILE F 202 -5.01 -26.36 -31.49
C ILE F 202 -5.10 -27.81 -31.99
N ALA F 203 -4.15 -28.65 -31.57
CA ALA F 203 -4.08 -30.01 -32.09
C ALA F 203 -5.27 -30.86 -31.66
N PRO F 204 -5.68 -30.91 -30.39
CA PRO F 204 -6.87 -31.72 -30.04
C PRO F 204 -8.16 -31.22 -30.67
N SER F 205 -8.20 -29.98 -31.14
CA SER F 205 -9.37 -29.44 -31.83
C SER F 205 -9.32 -29.65 -33.34
N GLY F 206 -8.25 -30.23 -33.86
CA GLY F 206 -8.13 -30.45 -35.29
C GLY F 206 -7.87 -29.19 -36.11
N LEU F 207 -6.94 -28.35 -35.65
CA LEU F 207 -6.59 -27.12 -36.32
C LEU F 207 -5.13 -27.15 -36.76
N VAL F 208 -4.82 -26.39 -37.81
CA VAL F 208 -3.48 -26.28 -38.36
C VAL F 208 -3.11 -24.80 -38.41
N VAL F 209 -1.94 -24.47 -37.87
CA VAL F 209 -1.46 -23.09 -37.86
C VAL F 209 -0.87 -22.77 -39.22
N LEU F 210 -1.22 -21.60 -39.78
CA LEU F 210 -0.64 -21.16 -41.04
C LEU F 210 0.57 -20.28 -40.76
N GLU F 211 1.67 -20.57 -41.46
CA GLU F 211 2.95 -19.91 -41.20
C GLU F 211 2.91 -18.44 -41.62
N ASP F 212 3.42 -17.57 -40.74
CA ASP F 212 3.53 -16.13 -41.03
C ASP F 212 4.81 -15.95 -41.85
N ASP F 213 4.72 -16.32 -43.13
CA ASP F 213 5.91 -16.44 -43.98
C ASP F 213 6.50 -15.08 -44.33
N LYS F 214 5.68 -14.03 -44.37
CA LYS F 214 6.16 -12.69 -44.64
C LYS F 214 6.49 -11.92 -43.36
N HIS F 215 6.41 -12.59 -42.22
CA HIS F 215 6.85 -12.08 -40.93
C HIS F 215 6.13 -10.78 -40.55
N VAL F 216 4.82 -10.89 -40.38
CA VAL F 216 4.05 -9.73 -39.92
C VAL F 216 4.13 -9.59 -38.40
N GLN F 217 4.12 -10.70 -37.67
CA GLN F 217 4.15 -10.59 -36.22
C GLN F 217 5.56 -10.77 -35.67
N PRO F 218 5.86 -10.16 -34.52
CA PRO F 218 7.15 -10.41 -33.88
C PRO F 218 7.33 -11.88 -33.53
N VAL F 219 8.58 -12.31 -33.48
CA VAL F 219 8.92 -13.71 -33.25
C VAL F 219 9.06 -13.97 -31.76
N TYR F 220 8.38 -15.01 -31.28
CA TYR F 220 8.42 -15.45 -29.88
C TYR F 220 8.86 -16.91 -29.87
N GLN F 221 10.19 -17.13 -29.88
CA GLN F 221 10.73 -18.48 -29.83
C GLN F 221 11.20 -18.80 -28.42
N PRO F 222 10.79 -19.92 -27.85
CA PRO F 222 11.21 -20.26 -26.49
C PRO F 222 12.66 -20.71 -26.44
N ALA F 223 13.38 -20.25 -25.41
CA ALA F 223 14.77 -20.59 -25.23
C ALA F 223 15.12 -20.62 -23.74
N PRO F 224 15.98 -21.53 -23.31
CA PRO F 224 16.45 -21.50 -21.92
C PRO F 224 17.43 -20.34 -21.74
N ILE F 225 17.22 -19.57 -20.68
CA ILE F 225 18.13 -18.49 -20.31
C ILE F 225 18.61 -18.77 -18.90
N ILE F 226 19.90 -18.54 -18.66
CA ILE F 226 20.54 -18.98 -17.43
C ILE F 226 21.46 -17.89 -16.91
N ARG F 227 21.53 -17.75 -15.59
CA ARG F 227 22.46 -16.79 -15.00
C ARG F 227 23.88 -17.23 -15.26
N GLU F 228 24.74 -16.27 -15.61
CA GLU F 228 26.11 -16.60 -16.01
C GLU F 228 26.85 -17.31 -14.89
N GLU F 229 26.63 -16.88 -13.64
CA GLU F 229 27.31 -17.50 -12.52
C GLU F 229 26.93 -18.96 -12.36
N VAL F 230 25.69 -19.32 -12.69
CA VAL F 230 25.25 -20.70 -12.56
C VAL F 230 25.82 -21.55 -13.69
N LEU F 231 25.90 -20.98 -14.89
CA LEU F 231 26.40 -21.77 -16.02
C LEU F 231 27.92 -21.94 -15.95
N LYS F 232 28.62 -20.95 -15.38
CA LYS F 232 30.07 -21.06 -15.25
C LYS F 232 30.47 -22.11 -14.23
N LYS F 233 29.57 -22.50 -13.31
CA LYS F 233 29.81 -23.62 -12.42
C LYS F 233 29.47 -24.97 -13.03
N ASP F 234 28.52 -25.02 -13.96
CA ASP F 234 28.19 -26.24 -14.69
C ASP F 234 28.02 -25.92 -16.17
N PRO F 235 29.11 -25.86 -16.93
CA PRO F 235 29.03 -25.40 -18.32
C PRO F 235 28.36 -26.40 -19.26
N LYS F 236 28.22 -27.66 -18.87
CA LYS F 236 27.60 -28.70 -19.68
C LYS F 236 26.10 -28.47 -19.92
N ILE F 237 25.45 -27.56 -19.19
CA ILE F 237 24.03 -27.31 -19.39
C ILE F 237 23.75 -26.82 -20.82
N GLU F 238 24.67 -26.04 -21.40
CA GLU F 238 24.46 -25.47 -22.73
C GLU F 238 24.39 -26.54 -23.80
N GLU F 239 25.36 -27.45 -23.80
CA GLU F 239 25.45 -28.46 -24.84
C GLU F 239 24.38 -29.55 -24.66
N LEU F 240 23.94 -29.80 -23.42
CA LEU F 240 22.87 -30.76 -23.19
C LEU F 240 21.51 -30.23 -23.63
N LEU F 241 21.25 -28.94 -23.45
CA LEU F 241 19.95 -28.38 -23.81
C LEU F 241 19.90 -27.92 -25.26
N LYS F 242 21.01 -28.00 -25.99
CA LYS F 242 21.00 -27.57 -27.40
C LYS F 242 20.18 -28.50 -28.29
N PRO F 243 20.42 -29.81 -28.34
CA PRO F 243 19.62 -30.66 -29.24
C PRO F 243 18.21 -30.98 -28.75
N VAL F 244 17.94 -30.92 -27.43
CA VAL F 244 16.58 -31.15 -26.95
C VAL F 244 15.66 -30.04 -27.45
N PHE F 245 16.10 -28.78 -27.32
CA PHE F 245 15.26 -27.66 -27.73
C PHE F 245 15.21 -27.52 -29.25
N GLU F 246 16.22 -28.00 -29.98
CA GLU F 246 16.18 -27.94 -31.43
C GLU F 246 15.12 -28.85 -32.05
N LYS F 247 14.72 -29.91 -31.33
CA LYS F 247 13.67 -30.81 -31.79
C LYS F 247 12.28 -30.41 -31.31
N LEU F 248 12.13 -29.24 -30.70
CA LEU F 248 10.82 -28.78 -30.23
C LEU F 248 10.23 -27.82 -31.25
N ASP F 249 9.81 -28.39 -32.38
CA ASP F 249 9.17 -27.61 -33.42
C ASP F 249 7.74 -27.26 -32.99
N LEU F 250 7.02 -26.57 -33.87
CA LEU F 250 5.68 -26.13 -33.52
C LEU F 250 4.76 -27.32 -33.28
N THR F 251 4.88 -28.37 -34.08
CA THR F 251 3.95 -29.51 -34.00
C THR F 251 4.18 -30.32 -32.72
N THR F 252 5.45 -30.58 -32.37
CA THR F 252 5.76 -31.21 -31.08
C THR F 252 5.32 -30.36 -29.91
N LEU F 253 5.61 -29.07 -29.95
CA LEU F 253 5.21 -28.27 -28.79
C LEU F 253 3.68 -28.15 -28.70
N GLN F 254 2.97 -28.13 -29.83
CA GLN F 254 1.50 -28.11 -29.80
C GLN F 254 0.91 -29.34 -29.14
N ASP F 255 1.38 -30.55 -29.50
CA ASP F 255 0.79 -31.77 -28.97
C ASP F 255 1.20 -32.01 -27.52
N LEU F 256 2.41 -31.55 -27.13
CA LEU F 256 2.77 -31.65 -25.72
C LEU F 256 1.89 -30.73 -24.88
N ASN F 257 1.63 -29.52 -25.37
CA ASN F 257 0.71 -28.63 -24.68
C ASN F 257 -0.71 -29.19 -24.69
N GLY F 258 -1.08 -29.89 -25.77
CA GLY F 258 -2.41 -30.46 -25.84
C GLY F 258 -2.63 -31.58 -24.84
N ARG F 259 -1.62 -32.42 -24.63
CA ARG F 259 -1.78 -33.53 -23.71
C ARG F 259 -1.92 -33.06 -22.26
N VAL F 260 -1.40 -31.88 -21.94
CA VAL F 260 -1.55 -31.32 -20.60
C VAL F 260 -2.89 -30.60 -20.47
N GLN F 261 -3.16 -29.68 -21.40
CA GLN F 261 -4.26 -28.73 -21.23
C GLN F 261 -5.61 -29.43 -21.40
N LEU F 262 -5.73 -30.36 -22.35
CA LEU F 262 -6.97 -31.08 -22.56
C LEU F 262 -6.89 -32.58 -22.32
N GLY F 263 -5.70 -33.17 -22.37
CA GLY F 263 -5.55 -34.58 -22.13
C GLY F 263 -5.36 -34.92 -20.66
N GLY F 264 -5.03 -33.91 -19.86
CA GLY F 264 -4.89 -34.11 -18.43
C GLY F 264 -3.58 -34.71 -17.97
N GLU F 265 -2.66 -35.00 -18.88
CA GLU F 265 -1.41 -35.63 -18.47
C GLU F 265 -0.52 -34.61 -17.75
N PRO F 266 0.19 -35.03 -16.70
CA PRO F 266 1.05 -34.11 -15.98
C PRO F 266 2.23 -33.64 -16.81
N ALA F 267 2.64 -32.38 -16.59
CA ALA F 267 3.72 -31.80 -17.36
C ALA F 267 5.01 -32.58 -17.20
N LYS F 268 5.20 -33.22 -16.04
CA LYS F 268 6.39 -34.04 -15.82
C LYS F 268 6.34 -35.30 -16.68
N ALA F 269 5.16 -35.90 -16.81
CA ALA F 269 5.03 -37.13 -17.59
C ALA F 269 5.17 -36.86 -19.08
N VAL F 270 4.70 -35.71 -19.56
CA VAL F 270 4.89 -35.35 -20.96
C VAL F 270 6.35 -35.04 -21.25
N ALA F 271 7.07 -34.46 -20.29
CA ALA F 271 8.49 -34.18 -20.48
C ALA F 271 9.30 -35.46 -20.63
N GLU F 272 9.04 -36.46 -19.77
CA GLU F 272 9.77 -37.72 -19.88
C GLU F 272 9.44 -38.46 -21.17
N ASP F 273 8.20 -38.36 -21.64
CA ASP F 273 7.83 -39.02 -22.89
C ASP F 273 8.55 -38.39 -24.07
N PHE F 274 8.57 -37.05 -24.14
CA PHE F 274 9.24 -36.37 -25.25
C PHE F 274 10.74 -36.66 -25.28
N LEU F 275 11.38 -36.64 -24.11
CA LEU F 275 12.83 -36.85 -24.05
C LEU F 275 13.19 -38.30 -24.29
N LYS F 276 12.38 -39.23 -23.80
CA LYS F 276 12.76 -40.63 -23.98
C LYS F 276 12.61 -41.06 -25.44
N LYS F 277 11.49 -40.69 -26.09
CA LYS F 277 11.30 -41.06 -27.49
C LYS F 277 12.28 -40.35 -28.41
N ASN F 278 12.90 -39.26 -27.97
CA ASN F 278 13.91 -38.57 -28.76
C ASN F 278 15.32 -38.91 -28.32
N GLY F 279 15.49 -39.89 -27.42
CA GLY F 279 16.79 -40.45 -27.10
C GLY F 279 17.65 -39.65 -26.13
N PHE F 280 17.09 -38.70 -25.40
CA PHE F 280 17.85 -37.85 -24.48
C PHE F 280 17.93 -38.39 -23.06
N LEU F 281 17.26 -39.50 -22.74
CA LEU F 281 17.23 -39.94 -21.35
C LEU F 281 17.80 -41.34 -21.11
N SER G 1 36.61 -9.79 -9.93
CA SER G 1 36.58 -10.32 -11.29
C SER G 1 35.23 -10.08 -11.97
N ASN G 2 34.26 -9.61 -11.19
CA ASN G 2 32.93 -9.34 -11.72
C ASN G 2 32.87 -8.10 -12.59
N ALA G 3 31.95 -8.12 -13.53
CA ALA G 3 31.77 -6.99 -14.42
C ALA G 3 31.47 -5.75 -13.60
N VAL G 4 31.99 -4.62 -14.05
CA VAL G 4 31.81 -3.34 -13.40
C VAL G 4 30.46 -2.78 -13.82
N ALA G 5 29.60 -2.50 -12.85
CA ALA G 5 28.24 -2.05 -13.13
C ALA G 5 28.25 -0.54 -13.36
N VAL G 6 28.10 -0.15 -14.62
CA VAL G 6 28.03 1.25 -15.01
C VAL G 6 26.56 1.68 -15.04
N SER G 7 26.25 2.78 -14.36
CA SER G 7 24.89 3.30 -14.35
C SER G 7 24.89 4.80 -14.59
N SER G 8 23.71 5.42 -14.47
CA SER G 8 23.53 6.87 -14.60
C SER G 8 22.09 7.20 -14.28
N LYS G 9 21.81 8.49 -14.19
CA LYS G 9 20.44 8.94 -14.00
C LYS G 9 19.72 9.03 -15.35
N ILE G 10 18.42 9.32 -15.29
CA ILE G 10 17.54 9.20 -16.45
C ILE G 10 17.69 10.32 -17.46
N ASP G 11 18.38 11.41 -17.13
CA ASP G 11 18.41 12.52 -18.06
C ASP G 11 19.32 12.20 -19.25
N THR G 12 19.31 13.10 -20.25
CA THR G 12 20.09 12.89 -21.46
C THR G 12 21.58 12.91 -21.17
N GLU G 13 22.04 13.83 -20.31
CA GLU G 13 23.46 13.89 -19.99
C GLU G 13 23.89 12.64 -19.23
N GLY G 14 23.01 12.09 -18.40
CA GLY G 14 23.31 10.83 -17.74
C GLY G 14 23.59 9.72 -18.73
N GLY G 15 22.78 9.65 -19.80
CA GLY G 15 23.02 8.64 -20.81
C GLY G 15 24.32 8.86 -21.55
N VAL G 16 24.62 10.11 -21.91
CA VAL G 16 25.84 10.40 -22.65
C VAL G 16 27.07 10.10 -21.81
N LEU G 17 27.09 10.63 -20.58
CA LEU G 17 28.23 10.41 -19.71
C LEU G 17 28.33 8.96 -19.30
N GLY G 18 27.18 8.30 -19.07
CA GLY G 18 27.21 6.89 -18.72
C GLY G 18 27.75 6.03 -19.84
N ASN G 19 27.36 6.30 -21.08
CA ASN G 19 27.86 5.53 -22.22
C ASN G 19 29.33 5.82 -22.48
N ILE G 20 29.80 7.01 -22.14
CA ILE G 20 31.22 7.33 -22.26
C ILE G 20 32.03 6.47 -21.29
N ILE G 21 31.56 6.37 -20.04
CA ILE G 21 32.27 5.56 -19.05
C ILE G 21 32.33 4.10 -19.48
N LEU G 22 31.22 3.57 -20.02
CA LEU G 22 31.19 2.14 -20.36
C LEU G 22 32.11 1.80 -21.52
N THR G 23 32.12 2.63 -22.57
CA THR G 23 32.95 2.31 -23.72
C THR G 23 34.44 2.49 -23.41
N VAL G 24 34.77 3.44 -22.54
CA VAL G 24 36.17 3.60 -22.13
C VAL G 24 36.61 2.38 -21.31
N LEU G 25 35.74 1.88 -20.44
CA LEU G 25 36.08 0.69 -19.67
C LEU G 25 36.12 -0.56 -20.54
N ASN G 26 35.22 -0.68 -21.51
CA ASN G 26 35.25 -1.85 -22.38
C ASN G 26 36.50 -1.85 -23.26
N ALA G 27 36.95 -0.67 -23.69
CA ALA G 27 38.11 -0.57 -24.57
C ALA G 27 39.41 -0.89 -23.86
N ASN G 28 39.41 -0.95 -22.53
CA ASN G 28 40.62 -1.23 -21.76
C ASN G 28 40.53 -2.55 -21.01
N GLY G 29 39.72 -3.48 -21.51
CA GLY G 29 39.69 -4.82 -20.95
C GLY G 29 38.93 -4.96 -19.66
N ILE G 30 38.10 -3.99 -19.32
CA ILE G 30 37.33 -4.00 -18.08
C ILE G 30 35.92 -4.50 -18.38
N LYS G 31 35.57 -5.64 -17.79
CA LYS G 31 34.24 -6.20 -17.99
C LYS G 31 33.19 -5.32 -17.33
N THR G 32 32.08 -5.12 -18.03
CA THR G 32 31.06 -4.17 -17.56
C THR G 32 29.69 -4.84 -17.59
N THR G 33 28.78 -4.24 -16.84
CA THR G 33 27.36 -4.54 -16.90
C THR G 33 26.65 -3.22 -17.13
N ASP G 34 25.70 -3.18 -18.06
CA ASP G 34 25.06 -1.94 -18.46
C ASP G 34 23.77 -1.77 -17.67
N ARG G 35 23.72 -0.75 -16.82
CA ARG G 35 22.50 -0.33 -16.14
C ARG G 35 22.34 1.18 -16.29
N ILE G 36 22.62 1.68 -17.49
CA ILE G 36 22.63 3.11 -17.76
C ILE G 36 21.21 3.65 -17.72
N GLN G 37 21.06 4.86 -17.18
CA GLN G 37 19.76 5.52 -17.03
C GLN G 37 18.82 4.65 -16.17
N LEU G 38 19.31 4.36 -14.96
CA LEU G 38 18.56 3.51 -14.04
C LEU G 38 17.35 4.22 -13.45
N GLY G 39 17.50 5.48 -13.07
CA GLY G 39 16.37 6.22 -12.51
C GLY G 39 16.81 7.61 -12.09
N ALA G 40 16.00 8.21 -11.22
CA ALA G 40 16.30 9.55 -10.71
C ALA G 40 17.40 9.47 -9.65
N THR G 41 17.77 10.64 -9.13
CA THR G 41 18.86 10.71 -8.15
C THR G 41 18.62 9.83 -6.92
N PRO G 42 17.46 9.85 -6.26
CA PRO G 42 17.29 8.96 -5.10
C PRO G 42 17.38 7.48 -5.46
N VAL G 43 17.00 7.10 -6.67
CA VAL G 43 17.09 5.70 -7.06
C VAL G 43 18.54 5.30 -7.27
N VAL G 44 19.30 6.15 -7.96
CA VAL G 44 20.70 5.85 -8.22
C VAL G 44 21.53 6.00 -6.96
N ARG G 45 21.15 6.93 -6.07
CA ARG G 45 21.90 7.07 -4.82
C ARG G 45 21.64 5.89 -3.90
N LYS G 46 20.41 5.39 -3.86
CA LYS G 46 20.14 4.20 -3.06
C LYS G 46 20.82 2.98 -3.63
N ALA G 47 21.03 2.94 -4.95
CA ALA G 47 21.64 1.78 -5.57
C ALA G 47 23.14 1.72 -5.29
N ILE G 48 23.83 2.87 -5.34
CA ILE G 48 25.27 2.85 -5.13
C ILE G 48 25.62 2.62 -3.67
N THR G 49 24.82 3.14 -2.74
CA THR G 49 25.12 2.95 -1.32
C THR G 49 24.83 1.53 -0.88
N ALA G 50 24.03 0.76 -1.64
CA ALA G 50 23.72 -0.62 -1.33
C ALA G 50 24.52 -1.62 -2.15
N GLY G 51 25.34 -1.18 -3.10
CA GLY G 51 26.16 -2.11 -3.87
C GLY G 51 25.49 -2.69 -5.10
N GLU G 52 24.38 -2.12 -5.51
CA GLU G 52 23.55 -2.54 -6.63
C GLU G 52 24.24 -2.23 -7.94
N ILE G 53 24.82 -1.03 -8.00
CA ILE G 53 25.59 -0.47 -9.11
C ILE G 53 26.96 -0.05 -8.58
N ASP G 54 27.89 0.17 -9.51
CA ASP G 54 29.27 0.44 -9.10
C ASP G 54 29.78 1.83 -9.45
N ILE G 55 29.49 2.36 -10.65
CA ILE G 55 30.02 3.66 -11.06
C ILE G 55 28.97 4.38 -11.91
N TYR G 56 28.84 5.68 -11.70
CA TYR G 56 27.89 6.52 -12.41
C TYR G 56 28.32 7.98 -12.27
N PRO G 57 27.88 8.85 -13.17
CA PRO G 57 28.26 10.28 -13.08
C PRO G 57 27.34 11.04 -12.13
N GLU G 58 27.94 11.71 -11.15
CA GLU G 58 27.23 12.54 -10.20
C GLU G 58 27.77 13.96 -10.25
N TYR G 59 26.94 14.91 -9.85
CA TYR G 59 27.32 16.32 -9.86
C TYR G 59 27.75 16.75 -8.46
N THR G 60 28.85 17.52 -8.40
CA THR G 60 29.47 17.84 -7.12
C THR G 60 28.52 18.56 -6.18
N GLY G 61 27.77 19.55 -6.67
CA GLY G 61 26.90 20.33 -5.81
C GLY G 61 25.77 19.54 -5.20
N ASN G 62 25.40 18.40 -5.79
CA ASN G 62 24.32 17.58 -5.24
C ASN G 62 24.68 16.97 -3.90
N ALA G 63 25.98 16.96 -3.53
CA ALA G 63 26.38 16.48 -2.21
C ALA G 63 25.85 17.37 -1.10
N ALA G 64 25.46 18.61 -1.42
CA ALA G 64 24.82 19.46 -0.42
C ALA G 64 23.53 18.84 0.11
N PHE G 65 22.79 18.15 -0.76
CA PHE G 65 21.52 17.55 -0.38
C PHE G 65 21.64 16.13 0.10
N PHE G 66 22.70 15.41 -0.27
CA PHE G 66 22.89 14.07 0.27
C PHE G 66 23.25 14.13 1.74
N PHE G 67 23.97 15.17 2.16
CA PHE G 67 24.55 15.25 3.49
C PHE G 67 24.04 16.44 4.29
N ASN G 68 22.89 17.01 3.89
CA ASN G 68 22.22 18.05 4.68
C ASN G 68 23.09 19.29 4.84
N LYS G 69 23.67 19.74 3.73
CA LYS G 69 24.42 21.00 3.71
C LYS G 69 23.90 21.84 2.55
N ALA G 70 22.58 22.06 2.54
CA ALA G 70 21.87 22.45 1.32
C ALA G 70 22.36 23.79 0.77
N ASP G 71 22.30 24.83 1.59
CA ASP G 71 22.56 26.19 1.12
C ASP G 71 23.90 26.73 1.58
N ASP G 72 24.83 25.86 1.95
CA ASP G 72 26.13 26.29 2.42
C ASP G 72 26.86 27.05 1.31
N PRO G 73 27.52 28.17 1.63
CA PRO G 73 28.23 28.95 0.60
C PRO G 73 29.40 28.21 -0.05
N LEU G 74 29.86 27.10 0.53
CA LEU G 74 30.99 26.39 -0.07
C LEU G 74 30.64 25.74 -1.40
N TRP G 75 29.36 25.42 -1.63
CA TRP G 75 28.96 24.77 -2.87
C TRP G 75 29.00 25.70 -4.09
N LYS G 76 29.21 26.99 -3.91
CA LYS G 76 29.37 27.93 -5.03
C LYS G 76 30.81 28.09 -5.49
N ASP G 77 31.76 27.39 -4.86
CA ASP G 77 33.16 27.35 -5.30
C ASP G 77 33.46 25.99 -5.91
N PRO G 78 33.87 25.92 -7.18
CA PRO G 78 34.12 24.60 -7.79
C PRO G 78 35.10 23.75 -6.99
N ALA G 79 36.18 24.34 -6.47
CA ALA G 79 37.18 23.55 -5.74
C ALA G 79 36.62 23.02 -4.43
N LYS G 80 35.95 23.88 -3.64
CA LYS G 80 35.38 23.42 -2.37
C LYS G 80 34.22 22.46 -2.56
N ALA G 81 33.45 22.63 -3.63
CA ALA G 81 32.32 21.72 -3.86
C ALA G 81 32.80 20.31 -4.18
N TYR G 82 33.90 20.18 -4.92
CA TYR G 82 34.40 18.86 -5.28
C TYR G 82 35.06 18.16 -4.10
N GLU G 83 35.94 18.85 -3.36
CA GLU G 83 36.64 18.18 -2.25
C GLU G 83 35.69 17.84 -1.11
N THR G 84 34.69 18.68 -0.85
CA THR G 84 33.74 18.34 0.19
C THR G 84 32.86 17.17 -0.22
N ALA G 85 32.42 17.15 -1.48
CA ALA G 85 31.69 16.01 -1.99
C ALA G 85 32.57 14.76 -1.98
N LYS G 86 33.86 14.93 -2.27
CA LYS G 86 34.76 13.78 -2.30
C LYS G 86 35.00 13.21 -0.91
N LYS G 87 35.23 14.07 0.10
CA LYS G 87 35.52 13.52 1.41
C LYS G 87 34.27 13.02 2.11
N LEU G 88 33.15 13.74 1.99
CA LEU G 88 31.94 13.31 2.66
C LEU G 88 31.48 11.96 2.15
N ASP G 89 31.53 11.75 0.84
CA ASP G 89 31.07 10.48 0.28
C ASP G 89 32.06 9.36 0.58
N TYR G 90 33.35 9.68 0.71
CA TYR G 90 34.32 8.65 1.08
C TYR G 90 34.23 8.28 2.55
N ASP G 91 34.02 9.26 3.43
CA ASP G 91 33.89 8.94 4.84
C ASP G 91 32.58 8.22 5.13
N ALA G 92 31.51 8.60 4.44
CA ALA G 92 30.18 8.08 4.77
C ALA G 92 29.86 6.78 4.05
N ASN G 93 30.32 6.62 2.80
CA ASN G 93 29.98 5.44 2.01
C ASN G 93 31.16 4.81 1.32
N LYS G 94 32.37 5.35 1.48
CA LYS G 94 33.57 4.84 0.82
C LYS G 94 33.37 4.80 -0.69
N ILE G 95 32.66 5.80 -1.21
CA ILE G 95 32.52 6.03 -2.64
C ILE G 95 33.61 7.01 -3.04
N VAL G 96 34.31 6.71 -4.13
CA VAL G 96 35.46 7.49 -4.55
C VAL G 96 35.04 8.40 -5.70
N TRP G 97 35.13 9.71 -5.46
CA TRP G 97 34.83 10.69 -6.50
C TRP G 97 36.08 10.90 -7.34
N LEU G 98 35.99 10.64 -8.65
CA LEU G 98 37.12 10.81 -9.55
C LEU G 98 37.14 12.23 -10.11
N THR G 99 38.01 12.45 -11.09
CA THR G 99 38.24 13.77 -11.64
C THR G 99 36.96 14.32 -12.25
N PRO G 100 36.56 15.54 -11.93
CA PRO G 100 35.33 16.11 -12.47
C PRO G 100 35.57 16.77 -13.82
N SER G 101 34.49 17.04 -14.49
CA SER G 101 34.49 17.80 -15.73
C SER G 101 34.45 19.29 -15.42
N PRO G 102 35.07 20.12 -16.24
CA PRO G 102 35.00 21.57 -16.00
C PRO G 102 33.60 22.14 -16.22
N ALA G 103 32.70 21.38 -16.83
CA ALA G 103 31.37 21.88 -17.15
C ALA G 103 30.55 22.10 -15.89
N ASN G 104 29.96 23.29 -15.77
CA ASN G 104 29.12 23.65 -14.63
C ASN G 104 27.67 23.58 -15.09
N ASN G 105 27.01 22.46 -14.80
CA ASN G 105 25.63 22.24 -15.21
C ASN G 105 24.68 22.75 -14.14
N THR G 106 24.63 24.08 -14.04
CA THR G 106 23.87 24.80 -13.03
C THR G 106 22.87 25.75 -13.67
N TRP G 107 22.06 26.38 -12.82
CA TRP G 107 21.07 27.34 -13.27
C TRP G 107 21.77 28.56 -13.87
N GLY G 108 21.34 28.96 -15.06
CA GLY G 108 21.97 30.10 -15.71
C GLY G 108 21.09 30.71 -16.78
N ILE G 109 21.68 31.65 -17.51
CA ILE G 109 21.00 32.39 -18.57
C ILE G 109 21.76 32.18 -19.88
N ALA G 110 21.04 31.80 -20.92
CA ALA G 110 21.59 31.69 -22.27
C ALA G 110 20.88 32.67 -23.21
N VAL G 111 21.66 33.29 -24.11
CA VAL G 111 21.16 34.22 -25.10
C VAL G 111 21.42 33.65 -26.50
N ARG G 112 20.71 34.15 -27.51
CA ARG G 112 20.97 33.75 -28.89
C ARG G 112 22.30 34.32 -29.39
N LYS G 113 22.92 33.61 -30.36
CA LYS G 113 24.32 33.87 -30.69
C LYS G 113 24.50 35.28 -31.20
N ASP G 114 23.57 35.76 -32.03
CA ASP G 114 23.74 37.06 -32.67
C ASP G 114 23.84 38.18 -31.64
N VAL G 115 22.99 38.15 -30.62
CA VAL G 115 23.04 39.18 -29.59
C VAL G 115 24.34 39.08 -28.81
N ALA G 116 24.81 37.85 -28.57
CA ALA G 116 26.08 37.67 -27.85
C ALA G 116 27.27 38.11 -28.68
N ASN G 117 27.22 37.89 -29.99
CA ASN G 117 28.32 38.25 -30.89
C ASN G 117 28.34 39.75 -31.15
N GLU G 118 27.17 40.35 -31.32
CA GLU G 118 27.10 41.77 -31.65
C GLU G 118 27.55 42.64 -30.50
N ASN G 119 27.35 42.21 -29.26
CA ASN G 119 27.70 43.01 -28.09
C ASN G 119 28.81 42.38 -27.25
N LYS G 120 29.47 41.33 -27.75
CA LYS G 120 30.61 40.69 -27.07
C LYS G 120 30.27 40.32 -25.63
N LEU G 121 29.25 39.47 -25.48
CA LEU G 121 28.80 38.98 -24.20
C LEU G 121 29.25 37.53 -24.00
N ALA G 122 30.09 37.29 -23.00
CA ALA G 122 30.51 35.94 -22.66
C ALA G 122 30.23 35.54 -21.22
N SER G 123 30.02 36.49 -20.32
CA SER G 123 29.77 36.19 -18.91
C SER G 123 28.56 36.99 -18.47
N LEU G 124 28.10 36.71 -17.25
CA LEU G 124 26.97 37.47 -16.72
C LEU G 124 27.37 38.88 -16.31
N SER G 125 28.66 39.15 -16.13
CA SER G 125 29.11 40.51 -15.89
C SER G 125 29.02 41.36 -17.15
N ASP G 126 29.38 40.78 -18.30
CA ASP G 126 29.13 41.44 -19.57
C ASP G 126 27.64 41.64 -19.79
N PHE G 127 26.83 40.64 -19.42
CA PHE G 127 25.39 40.74 -19.53
C PHE G 127 24.82 41.84 -18.65
N GLY G 128 25.36 41.98 -17.43
CA GLY G 128 24.81 42.94 -16.49
C GLY G 128 24.95 44.38 -16.94
N LYS G 129 26.13 44.77 -17.43
CA LYS G 129 26.21 46.15 -17.90
C LYS G 129 25.52 46.36 -19.22
N TYR G 130 25.28 45.30 -19.99
CA TYR G 130 24.59 45.50 -21.25
C TYR G 130 23.15 45.95 -20.99
N ILE G 131 22.54 45.40 -19.94
CA ILE G 131 21.18 45.80 -19.58
C ILE G 131 21.17 47.18 -18.94
N ALA G 132 22.18 47.49 -18.13
CA ALA G 132 22.22 48.79 -17.45
C ALA G 132 22.35 49.96 -18.43
N GLY G 133 22.95 49.72 -19.59
CA GLY G 133 23.09 50.77 -20.59
C GLY G 133 21.99 50.79 -21.63
N GLY G 134 20.82 50.25 -21.30
CA GLY G 134 19.70 50.25 -22.22
C GLY G 134 19.74 49.17 -23.28
N GLY G 135 20.44 48.08 -23.02
CA GLY G 135 20.49 46.99 -23.98
C GLY G 135 19.16 46.28 -24.11
N LYS G 136 18.93 45.74 -25.30
CA LYS G 136 17.69 45.03 -25.63
C LYS G 136 17.76 43.58 -25.16
N VAL G 137 16.91 43.24 -24.20
CA VAL G 137 16.80 41.88 -23.66
C VAL G 137 15.35 41.61 -23.27
N VAL G 138 14.87 40.42 -23.61
CA VAL G 138 13.60 39.87 -23.12
C VAL G 138 13.89 38.45 -22.67
N LEU G 139 13.79 38.21 -21.36
CA LEU G 139 14.22 36.95 -20.77
C LEU G 139 13.01 36.04 -20.53
N ALA G 140 13.09 34.81 -21.04
CA ALA G 140 12.07 33.81 -20.80
C ALA G 140 12.51 32.97 -19.60
N ALA G 141 11.69 32.96 -18.55
CA ALA G 141 12.02 32.25 -17.33
C ALA G 141 10.75 31.84 -16.62
N SER G 142 10.92 31.00 -15.60
CA SER G 142 9.80 30.60 -14.76
C SER G 142 9.52 31.66 -13.69
N SER G 143 8.30 31.63 -13.16
CA SER G 143 7.95 32.55 -12.07
C SER G 143 8.85 32.35 -10.85
N GLU G 144 9.24 31.10 -10.57
CA GLU G 144 10.15 30.84 -9.46
C GLU G 144 11.51 31.51 -9.70
N PHE G 145 12.00 31.47 -10.94
CA PHE G 145 13.29 32.07 -11.24
C PHE G 145 13.26 33.58 -11.03
N VAL G 146 12.13 34.22 -11.33
CA VAL G 146 12.07 35.68 -11.24
C VAL G 146 11.94 36.13 -9.79
N ASN G 147 11.22 35.38 -8.95
CA ASN G 147 10.83 35.84 -7.62
C ASN G 147 11.73 35.34 -6.51
N SER G 148 12.18 34.09 -6.56
CA SER G 148 12.94 33.51 -5.45
C SER G 148 14.27 34.23 -5.27
N ALA G 149 14.62 34.46 -4.00
CA ALA G 149 15.79 35.28 -3.68
C ALA G 149 17.08 34.66 -4.20
N ALA G 150 17.11 33.35 -4.37
CA ALA G 150 18.33 32.67 -4.80
C ALA G 150 18.54 32.71 -6.30
N ALA G 151 17.57 33.17 -7.08
CA ALA G 151 17.70 33.14 -8.54
C ALA G 151 17.90 34.53 -9.12
N LEU G 152 16.90 35.06 -9.84
CA LEU G 152 17.10 36.33 -10.53
C LEU G 152 17.41 37.50 -9.61
N PRO G 153 16.75 37.66 -8.45
CA PRO G 153 17.19 38.74 -7.54
C PRO G 153 18.66 38.64 -7.17
N ALA G 154 19.18 37.42 -6.96
CA ALA G 154 20.60 37.28 -6.66
C ALA G 154 21.46 37.59 -7.88
N PHE G 155 21.02 37.20 -9.08
CA PHE G 155 21.71 37.58 -10.31
C PHE G 155 21.70 39.09 -10.49
N GLN G 156 20.58 39.74 -10.21
CA GLN G 156 20.47 41.17 -10.41
C GLN G 156 21.39 41.93 -9.46
N THR G 157 21.48 41.48 -8.21
CA THR G 157 22.34 42.15 -7.23
C THR G 157 23.82 41.94 -7.57
N ALA G 158 24.20 40.72 -7.99
CA ALA G 158 25.62 40.42 -8.16
C ALA G 158 26.22 41.11 -9.38
N TYR G 159 25.44 41.23 -10.46
CA TYR G 159 25.97 41.77 -11.71
C TYR G 159 25.44 43.15 -12.04
N GLY G 160 24.70 43.78 -11.12
CA GLY G 160 24.29 45.16 -11.27
C GLY G 160 23.38 45.46 -12.44
N PHE G 161 22.22 44.82 -12.47
CA PHE G 161 21.21 45.12 -13.47
C PHE G 161 19.83 44.84 -12.88
N THR G 162 18.81 45.38 -13.54
CA THR G 162 17.42 45.15 -13.15
C THR G 162 16.56 45.08 -14.41
N LEU G 163 15.77 44.02 -14.50
CA LEU G 163 14.90 43.79 -15.64
C LEU G 163 13.51 44.36 -15.38
N LYS G 164 13.02 45.19 -16.30
CA LYS G 164 11.70 45.75 -16.22
C LYS G 164 10.68 44.70 -16.65
N PRO G 165 9.42 44.89 -16.28
CA PRO G 165 8.39 43.88 -16.66
C PRO G 165 8.31 43.66 -18.18
N ASP G 166 8.56 44.71 -18.99
CA ASP G 166 8.73 44.57 -20.44
C ASP G 166 9.92 43.73 -20.86
N GLN G 167 10.85 43.42 -19.95
CA GLN G 167 11.97 42.62 -20.39
C GLN G 167 11.88 41.21 -19.84
N LEU G 168 10.70 40.81 -19.36
CA LEU G 168 10.53 39.49 -18.76
C LEU G 168 9.31 38.78 -19.32
N ILE G 169 9.45 37.48 -19.55
CA ILE G 169 8.36 36.59 -19.94
C ILE G 169 8.35 35.44 -18.94
N THR G 170 7.27 35.30 -18.17
CA THR G 170 7.18 34.27 -17.14
C THR G 170 6.34 33.10 -17.63
N LEU G 171 6.95 31.93 -17.70
CA LEU G 171 6.27 30.69 -18.07
C LEU G 171 5.79 29.97 -16.81
N SER G 172 4.83 29.07 -16.99
CA SER G 172 4.20 28.42 -15.85
C SER G 172 5.14 27.42 -15.19
N GLY G 173 5.78 26.56 -15.98
CA GLY G 173 6.61 25.50 -15.44
C GLY G 173 8.08 25.87 -15.33
N GLY G 174 8.83 25.03 -14.61
CA GLY G 174 10.26 25.15 -14.45
C GLY G 174 11.07 24.42 -15.51
N ASP G 175 10.43 23.96 -16.57
CA ASP G 175 11.08 23.24 -17.66
C ASP G 175 11.88 24.19 -18.55
N THR G 176 13.19 23.94 -18.66
CA THR G 176 14.03 24.81 -19.47
C THR G 176 13.78 24.61 -20.96
N ALA G 177 13.22 23.47 -21.36
CA ALA G 177 12.94 23.26 -22.77
C ALA G 177 11.92 24.28 -23.29
N ALA G 178 10.98 24.69 -22.44
CA ALA G 178 10.00 25.68 -22.85
C ALA G 178 10.62 27.08 -22.90
N THR G 179 11.44 27.42 -21.90
CA THR G 179 12.14 28.70 -21.95
C THR G 179 13.12 28.76 -23.11
N ILE G 180 13.83 27.65 -23.38
CA ILE G 180 14.74 27.62 -24.53
C ILE G 180 13.96 27.79 -25.84
N ALA G 181 12.81 27.13 -25.95
CA ALA G 181 12.01 27.25 -27.16
C ALA G 181 11.48 28.66 -27.34
N ALA G 182 11.23 29.38 -26.25
CA ALA G 182 10.75 30.76 -26.37
C ALA G 182 11.83 31.67 -26.94
N ALA G 183 13.08 31.52 -26.48
CA ALA G 183 14.16 32.34 -27.00
C ALA G 183 14.59 31.89 -28.39
N ALA G 184 14.50 30.59 -28.69
CA ALA G 184 14.89 30.11 -30.01
C ALA G 184 13.93 30.60 -31.09
N ASN G 185 12.63 30.71 -30.76
CA ASN G 185 11.65 31.20 -31.73
C ASN G 185 11.33 32.67 -31.53
N GLN G 186 11.96 33.33 -30.54
CA GLN G 186 11.76 34.75 -30.30
C GLN G 186 10.30 35.07 -30.04
N THR G 187 9.64 34.16 -29.31
CA THR G 187 8.24 34.37 -28.96
C THR G 187 8.12 35.57 -28.02
N ASN G 188 7.23 36.50 -28.36
CA ASN G 188 7.09 37.76 -27.63
C ASN G 188 8.42 38.48 -27.51
N GLY G 189 9.25 38.39 -28.56
CA GLY G 189 10.50 39.10 -28.59
C GLY G 189 11.59 38.54 -27.69
N ALA G 190 11.45 37.30 -27.23
CA ALA G 190 12.44 36.75 -26.31
C ALA G 190 13.75 36.49 -27.01
N ASN G 191 14.85 36.86 -26.36
CA ASN G 191 16.19 36.57 -26.85
C ASN G 191 17.09 35.99 -25.77
N ALA G 192 16.58 35.74 -24.58
CA ALA G 192 17.32 35.09 -23.50
C ALA G 192 16.42 34.08 -22.82
N ALA G 193 17.03 33.04 -22.25
CA ALA G 193 16.26 31.95 -21.68
C ALA G 193 16.95 31.40 -20.43
N VAL G 195 18.19 28.45 -18.29
CA VAL G 195 18.71 27.16 -18.74
C VAL G 195 19.45 26.51 -17.58
N TYR G 196 19.81 25.25 -17.79
CA TYR G 196 20.89 24.60 -17.06
C TYR G 196 22.07 24.49 -18.02
N GLY G 197 23.29 24.54 -17.46
CA GLY G 197 24.47 24.77 -18.29
C GLY G 197 24.55 23.91 -19.54
N THR G 198 24.27 22.62 -19.41
CA THR G 198 24.42 21.67 -20.51
C THR G 198 23.08 21.11 -20.98
N ASP G 199 22.03 21.94 -21.00
CA ASP G 199 20.74 21.50 -21.48
C ASP G 199 20.85 21.05 -22.94
N GLY G 200 20.10 19.99 -23.28
CA GLY G 200 20.21 19.41 -24.60
C GLY G 200 19.75 20.31 -25.74
N GLY G 201 18.88 21.29 -25.45
CA GLY G 201 18.38 22.18 -26.47
C GLY G 201 19.21 23.41 -26.75
N ILE G 202 20.20 23.73 -25.91
CA ILE G 202 20.90 25.02 -26.00
C ILE G 202 21.61 25.16 -27.34
N ALA G 203 22.51 24.21 -27.65
CA ALA G 203 23.31 24.35 -28.86
C ALA G 203 22.48 24.23 -30.14
N PRO G 204 21.62 23.23 -30.31
CA PRO G 204 20.82 23.17 -31.55
C PRO G 204 19.85 24.32 -31.71
N SER G 205 19.52 25.06 -30.65
CA SER G 205 18.65 26.22 -30.77
C SER G 205 19.41 27.50 -31.05
N GLY G 206 20.73 27.45 -31.15
CA GLY G 206 21.53 28.63 -31.42
C GLY G 206 21.62 29.58 -30.24
N LEU G 207 21.82 29.05 -29.04
CA LEU G 207 21.97 29.84 -27.83
C LEU G 207 23.37 29.65 -27.26
N VAL G 208 23.82 30.65 -26.51
CA VAL G 208 25.10 30.61 -25.81
C VAL G 208 24.87 30.94 -24.34
N VAL G 209 25.37 30.08 -23.47
CA VAL G 209 25.23 30.27 -22.02
C VAL G 209 26.30 31.23 -21.53
N LEU G 210 25.90 32.20 -20.71
CA LEU G 210 26.84 33.15 -20.14
C LEU G 210 27.39 32.61 -18.82
N GLU G 211 28.70 32.68 -18.66
CA GLU G 211 29.35 32.06 -17.52
C GLU G 211 28.97 32.80 -16.23
N ASP G 212 28.63 32.03 -15.19
CA ASP G 212 28.31 32.59 -13.88
C ASP G 212 29.63 32.85 -13.17
N ASP G 213 30.29 33.94 -13.56
CA ASP G 213 31.68 34.18 -13.15
C ASP G 213 31.79 34.54 -11.68
N LYS G 214 30.77 35.15 -11.09
CA LYS G 214 30.79 35.44 -9.66
C LYS G 214 30.14 34.36 -8.81
N HIS G 215 29.72 33.25 -9.44
CA HIS G 215 29.25 32.06 -8.73
C HIS G 215 28.09 32.40 -7.79
N VAL G 216 26.98 32.77 -8.42
CA VAL G 216 25.75 33.03 -7.66
C VAL G 216 25.07 31.73 -7.28
N GLN G 217 25.11 30.74 -8.18
CA GLN G 217 24.44 29.46 -8.03
C GLN G 217 25.42 28.39 -7.58
N PRO G 218 24.94 27.33 -6.92
CA PRO G 218 25.84 26.22 -6.59
C PRO G 218 26.44 25.61 -7.85
N VAL G 219 27.64 25.04 -7.70
CA VAL G 219 28.37 24.46 -8.82
C VAL G 219 28.01 22.99 -8.91
N TYR G 220 27.62 22.55 -10.10
CA TYR G 220 27.25 21.16 -10.35
C TYR G 220 28.14 20.63 -11.48
N GLN G 221 29.32 20.13 -11.11
CA GLN G 221 30.23 19.59 -12.11
C GLN G 221 30.15 18.08 -12.13
N PRO G 222 29.96 17.46 -13.31
CA PRO G 222 29.82 16.00 -13.37
C PRO G 222 31.13 15.30 -13.10
N ALA G 223 31.04 14.18 -12.38
CA ALA G 223 32.24 13.41 -12.06
C ALA G 223 31.91 11.94 -11.96
N PRO G 224 32.79 11.06 -12.41
CA PRO G 224 32.59 9.63 -12.16
C PRO G 224 32.86 9.32 -10.70
N ILE G 225 31.94 8.61 -10.06
CA ILE G 225 32.11 8.18 -8.68
C ILE G 225 31.97 6.65 -8.64
N ILE G 226 32.82 6.02 -7.86
CA ILE G 226 32.95 4.56 -7.86
C ILE G 226 33.06 4.07 -6.42
N ARG G 227 32.47 2.90 -6.16
CA ARG G 227 32.62 2.25 -4.87
C ARG G 227 34.07 1.81 -4.68
N GLU G 228 34.59 2.00 -3.48
CA GLU G 228 36.01 1.73 -3.24
C GLU G 228 36.31 0.25 -3.46
N GLU G 229 35.35 -0.65 -3.19
CA GLU G 229 35.59 -2.08 -3.40
C GLU G 229 35.93 -2.35 -4.87
N VAL G 230 35.24 -1.66 -5.79
CA VAL G 230 35.42 -1.93 -7.21
C VAL G 230 36.70 -1.28 -7.72
N LEU G 231 37.05 -0.10 -7.20
CA LEU G 231 38.19 0.63 -7.73
C LEU G 231 39.51 -0.01 -7.33
N LYS G 232 39.57 -0.64 -6.15
CA LYS G 232 40.82 -1.26 -5.74
C LYS G 232 41.17 -2.50 -6.57
N LYS G 233 40.19 -3.11 -7.23
CA LYS G 233 40.51 -4.23 -8.11
C LYS G 233 40.98 -3.76 -9.49
N ASP G 234 40.50 -2.62 -9.97
CA ASP G 234 40.98 -2.04 -11.23
C ASP G 234 41.23 -0.55 -11.03
N PRO G 235 42.38 -0.20 -10.46
CA PRO G 235 42.65 1.22 -10.19
C PRO G 235 42.86 2.03 -11.45
N LYS G 236 43.01 1.36 -12.60
CA LYS G 236 43.20 2.07 -13.86
C LYS G 236 41.98 2.89 -14.26
N ILE G 237 40.82 2.65 -13.64
CA ILE G 237 39.63 3.41 -13.98
C ILE G 237 39.86 4.89 -13.68
N GLU G 238 40.55 5.18 -12.59
CA GLU G 238 40.79 6.58 -12.25
C GLU G 238 41.66 7.27 -13.28
N GLU G 239 42.76 6.62 -13.65
CA GLU G 239 43.71 7.22 -14.59
C GLU G 239 43.14 7.26 -16.00
N LEU G 240 42.29 6.29 -16.35
CA LEU G 240 41.72 6.26 -17.69
C LEU G 240 40.67 7.35 -17.88
N LEU G 241 39.83 7.60 -16.89
CA LEU G 241 38.74 8.56 -17.04
C LEU G 241 39.14 9.99 -16.70
N LYS G 242 40.36 10.20 -16.24
CA LYS G 242 40.77 11.55 -15.85
C LYS G 242 40.86 12.48 -17.06
N PRO G 243 41.62 12.18 -18.12
CA PRO G 243 41.68 13.13 -19.26
C PRO G 243 40.42 13.13 -20.11
N VAL G 244 39.61 12.06 -20.06
CA VAL G 244 38.35 12.04 -20.79
C VAL G 244 37.42 13.12 -20.27
N PHE G 245 37.28 13.19 -18.94
CA PHE G 245 36.40 14.17 -18.33
C PHE G 245 37.00 15.57 -18.32
N GLU G 246 38.33 15.70 -18.38
CA GLU G 246 38.95 17.00 -18.46
C GLU G 246 38.67 17.70 -19.79
N LYS G 247 38.33 16.93 -20.83
CA LYS G 247 37.99 17.48 -22.13
C LYS G 247 36.50 17.73 -22.30
N LEU G 248 35.71 17.60 -21.24
CA LEU G 248 34.27 17.83 -21.32
C LEU G 248 33.92 19.22 -20.77
N ASP G 249 34.30 20.24 -21.54
CA ASP G 249 33.89 21.58 -21.18
C ASP G 249 32.41 21.77 -21.51
N LEU G 250 31.90 22.97 -21.23
CA LEU G 250 30.47 23.21 -21.35
C LEU G 250 29.99 23.03 -22.78
N THR G 251 30.74 23.56 -23.75
CA THR G 251 30.25 23.56 -25.13
C THR G 251 30.25 22.16 -25.72
N THR G 252 31.29 21.37 -25.42
CA THR G 252 31.34 20.00 -25.95
C THR G 252 30.18 19.17 -25.41
N LEU G 253 29.91 19.27 -24.11
CA LEU G 253 28.81 18.53 -23.51
C LEU G 253 27.45 18.99 -24.01
N GLN G 254 27.31 20.30 -24.30
CA GLN G 254 26.08 20.80 -24.90
C GLN G 254 25.83 20.14 -26.25
N ASP G 255 26.88 19.99 -27.07
CA ASP G 255 26.69 19.45 -28.41
C ASP G 255 26.40 17.95 -28.37
N LEU G 256 26.98 17.23 -27.41
CA LEU G 256 26.70 15.81 -27.31
C LEU G 256 25.27 15.55 -26.87
N ASN G 257 24.80 16.29 -25.85
CA ASN G 257 23.42 16.14 -25.42
C ASN G 257 22.45 16.57 -26.52
N GLY G 258 22.82 17.57 -27.30
CA GLY G 258 21.94 18.01 -28.37
C GLY G 258 21.77 16.96 -29.46
N ARG G 259 22.85 16.28 -29.83
CA ARG G 259 22.73 15.25 -30.87
C ARG G 259 21.90 14.07 -30.41
N VAL G 260 21.80 13.85 -29.10
CA VAL G 260 20.95 12.77 -28.61
C VAL G 260 19.51 13.25 -28.47
N GLN G 261 19.32 14.37 -27.77
CA GLN G 261 17.99 14.81 -27.38
C GLN G 261 17.19 15.35 -28.57
N LEU G 262 17.86 16.07 -29.48
CA LEU G 262 17.19 16.63 -30.65
C LEU G 262 17.70 16.06 -31.97
N GLY G 263 18.89 15.48 -32.00
CA GLY G 263 19.41 14.91 -33.24
C GLY G 263 18.99 13.47 -33.48
N GLY G 264 18.48 12.81 -32.44
CA GLY G 264 18.03 11.44 -32.55
C GLY G 264 19.13 10.39 -32.50
N GLU G 265 20.38 10.81 -32.38
CA GLU G 265 21.48 9.88 -32.37
C GLU G 265 21.52 9.13 -31.04
N PRO G 266 21.79 7.84 -31.04
CA PRO G 266 21.84 7.10 -29.76
C PRO G 266 23.01 7.55 -28.91
N ALA G 267 22.80 7.54 -27.59
CA ALA G 267 23.84 8.00 -26.67
C ALA G 267 25.10 7.17 -26.80
N LYS G 268 24.96 5.89 -27.18
CA LYS G 268 26.12 5.04 -27.36
C LYS G 268 26.94 5.48 -28.58
N ALA G 269 26.26 5.87 -29.66
CA ALA G 269 26.98 6.31 -30.86
C ALA G 269 27.60 7.69 -30.67
N VAL G 270 26.94 8.58 -29.92
CA VAL G 270 27.45 9.93 -29.68
C VAL G 270 28.64 9.91 -28.74
N ALA G 271 28.58 9.06 -27.73
CA ALA G 271 29.70 8.90 -26.82
C ALA G 271 30.94 8.30 -27.49
N GLU G 272 30.73 7.29 -28.31
CA GLU G 272 31.83 6.63 -29.01
C GLU G 272 32.53 7.59 -29.93
N ASP G 273 31.75 8.41 -30.61
CA ASP G 273 32.30 9.39 -31.52
C ASP G 273 33.15 10.42 -30.78
N PHE G 274 32.70 10.86 -29.61
CA PHE G 274 33.45 11.85 -28.83
C PHE G 274 34.82 11.32 -28.46
N LEU G 275 34.92 10.03 -28.15
CA LEU G 275 36.18 9.44 -27.74
C LEU G 275 37.10 9.26 -28.94
N LYS G 276 36.54 8.91 -30.10
CA LYS G 276 37.34 8.69 -31.30
C LYS G 276 37.94 10.00 -31.82
N LYS G 277 37.17 11.09 -31.82
CA LYS G 277 37.70 12.35 -32.33
C LYS G 277 38.81 12.90 -31.46
N ASN G 278 38.79 12.58 -30.17
CA ASN G 278 39.75 13.12 -29.22
C ASN G 278 40.88 12.15 -28.93
N GLY G 279 41.01 11.08 -29.71
CA GLY G 279 42.15 10.20 -29.60
C GLY G 279 42.09 9.18 -28.49
N PHE G 280 40.92 8.95 -27.89
CA PHE G 280 40.81 7.97 -26.81
C PHE G 280 40.45 6.57 -27.29
N LEU G 281 40.15 6.39 -28.57
CA LEU G 281 39.81 5.06 -29.08
C LEU G 281 40.73 4.69 -30.24
N SER H 1 -38.89 7.02 5.82
CA SER H 1 -37.97 6.84 6.93
C SER H 1 -36.91 5.81 6.61
N ASN H 2 -35.68 6.28 6.48
CA ASN H 2 -34.57 5.42 6.15
C ASN H 2 -34.43 4.42 7.28
N ALA H 3 -34.13 3.19 6.92
CA ALA H 3 -33.96 2.15 7.91
C ALA H 3 -32.76 2.49 8.77
N VAL H 4 -32.89 2.36 10.08
CA VAL H 4 -31.79 2.64 10.96
C VAL H 4 -30.78 1.51 10.87
N ALA H 5 -29.50 1.86 10.82
CA ALA H 5 -28.46 0.87 10.72
C ALA H 5 -27.92 0.49 12.08
N VAL H 6 -28.19 -0.74 12.49
CA VAL H 6 -27.74 -1.27 13.76
C VAL H 6 -26.45 -2.05 13.54
N SER H 7 -25.42 -1.73 14.32
CA SER H 7 -24.13 -2.39 14.18
C SER H 7 -23.65 -2.83 15.55
N SER H 8 -22.44 -3.36 15.59
CA SER H 8 -21.78 -3.79 16.82
C SER H 8 -20.36 -4.23 16.45
N LYS H 9 -19.57 -4.47 17.48
CA LYS H 9 -18.22 -4.99 17.28
C LYS H 9 -18.25 -6.50 17.16
N ILE H 10 -17.08 -7.06 16.84
CA ILE H 10 -16.95 -8.46 16.45
C ILE H 10 -17.05 -9.42 17.64
N ASP H 11 -17.03 -8.92 18.85
CA ASP H 11 -17.06 -9.80 20.00
C ASP H 11 -18.42 -10.45 20.27
N THR H 12 -18.44 -11.43 21.15
CA THR H 12 -19.70 -12.11 21.46
C THR H 12 -20.75 -11.14 22.02
N GLU H 13 -20.34 -10.23 22.90
CA GLU H 13 -21.27 -9.29 23.52
C GLU H 13 -21.85 -8.32 22.50
N GLY H 14 -21.05 -7.95 21.49
CA GLY H 14 -21.57 -7.13 20.40
C GLY H 14 -22.74 -7.78 19.70
N GLY H 15 -22.65 -9.08 19.44
CA GLY H 15 -23.76 -9.77 18.83
C GLY H 15 -25.00 -9.80 19.70
N VAL H 16 -24.81 -10.01 21.01
CA VAL H 16 -25.96 -10.03 21.88
C VAL H 16 -26.61 -8.65 21.96
N LEU H 17 -25.79 -7.63 22.24
CA LEU H 17 -26.33 -6.28 22.41
C LEU H 17 -26.85 -5.72 21.10
N GLY H 18 -26.17 -6.03 19.99
CA GLY H 18 -26.64 -5.55 18.69
C GLY H 18 -27.98 -6.12 18.30
N ASN H 19 -28.19 -7.43 18.54
CA ASN H 19 -29.48 -8.03 18.25
C ASN H 19 -30.56 -7.57 19.23
N ILE H 20 -30.16 -7.20 20.44
CA ILE H 20 -31.11 -6.63 21.39
C ILE H 20 -31.59 -5.27 20.89
N ILE H 21 -30.67 -4.42 20.47
CA ILE H 21 -31.05 -3.12 19.91
C ILE H 21 -31.86 -3.31 18.64
N LEU H 22 -31.46 -4.29 17.83
CA LEU H 22 -32.12 -4.51 16.54
C LEU H 22 -33.54 -5.03 16.72
N THR H 23 -33.74 -5.98 17.64
CA THR H 23 -35.06 -6.57 17.83
C THR H 23 -36.04 -5.60 18.49
N VAL H 24 -35.54 -4.74 19.39
CA VAL H 24 -36.42 -3.77 20.04
C VAL H 24 -36.94 -2.74 19.06
N LEU H 25 -36.08 -2.24 18.16
CA LEU H 25 -36.53 -1.24 17.19
C LEU H 25 -37.50 -1.84 16.19
N ASN H 26 -37.28 -3.09 15.80
CA ASN H 26 -38.20 -3.72 14.86
C ASN H 26 -39.56 -3.94 15.50
N ALA H 27 -39.61 -4.23 16.80
CA ALA H 27 -40.86 -4.47 17.50
C ALA H 27 -41.70 -3.21 17.67
N ASN H 28 -41.13 -2.03 17.45
CA ASN H 28 -41.85 -0.78 17.59
C ASN H 28 -41.98 -0.06 16.25
N GLY H 29 -41.96 -0.80 15.16
CA GLY H 29 -42.24 -0.23 13.87
C GLY H 29 -41.14 0.58 13.25
N ILE H 30 -39.90 0.46 13.74
CA ILE H 30 -38.77 1.18 13.19
C ILE H 30 -37.99 0.26 12.26
N LYS H 31 -37.95 0.62 10.98
CA LYS H 31 -37.23 -0.19 9.98
C LYS H 31 -35.72 -0.08 10.17
N THR H 32 -35.04 -1.22 10.01
CA THR H 32 -33.62 -1.32 10.32
C THR H 32 -32.87 -2.01 9.19
N THR H 33 -31.55 -1.82 9.19
CA THR H 33 -30.62 -2.58 8.37
C THR H 33 -29.56 -3.20 9.27
N ASP H 34 -29.18 -4.44 8.95
CA ASP H 34 -28.31 -5.25 9.81
C ASP H 34 -26.85 -5.07 9.42
N ARG H 35 -26.05 -4.54 10.33
CA ARG H 35 -24.60 -4.45 10.17
C ARG H 35 -23.91 -4.98 11.43
N ILE H 36 -24.48 -6.02 12.04
CA ILE H 36 -23.99 -6.47 13.34
C ILE H 36 -22.65 -7.18 13.20
N GLN H 37 -21.77 -6.96 14.18
CA GLN H 37 -20.43 -7.55 14.22
C GLN H 37 -19.64 -7.15 12.97
N LEU H 38 -19.53 -5.83 12.80
CA LEU H 38 -18.87 -5.28 11.62
C LEU H 38 -17.36 -5.47 11.69
N GLY H 39 -16.75 -5.20 12.83
CA GLY H 39 -15.32 -5.34 12.96
C GLY H 39 -14.85 -4.90 14.32
N ALA H 40 -13.57 -4.52 14.38
CA ALA H 40 -12.98 -4.07 15.62
C ALA H 40 -13.44 -2.64 15.93
N THR H 41 -12.98 -2.12 17.06
CA THR H 41 -13.38 -0.78 17.47
C THR H 41 -13.00 0.29 16.45
N PRO H 42 -11.77 0.34 15.91
CA PRO H 42 -11.48 1.39 14.92
C PRO H 42 -12.34 1.31 13.67
N VAL H 43 -12.79 0.11 13.30
CA VAL H 43 -13.63 -0.02 12.11
C VAL H 43 -15.02 0.53 12.40
N VAL H 44 -15.57 0.19 13.57
CA VAL H 44 -16.89 0.68 13.92
C VAL H 44 -16.85 2.18 14.20
N ARG H 45 -15.72 2.69 14.71
CA ARG H 45 -15.59 4.12 14.99
C ARG H 45 -15.59 4.96 13.73
N LYS H 46 -14.81 4.56 12.72
CA LYS H 46 -14.81 5.31 11.46
C LYS H 46 -16.10 5.11 10.67
N ALA H 47 -16.80 4.00 10.87
CA ALA H 47 -18.04 3.79 10.14
C ALA H 47 -19.16 4.69 10.66
N ILE H 48 -19.25 4.88 11.98
CA ILE H 48 -20.32 5.71 12.52
C ILE H 48 -20.05 7.19 12.27
N THR H 49 -18.79 7.61 12.27
CA THR H 49 -18.49 9.01 12.01
C THR H 49 -18.67 9.38 10.54
N ALA H 50 -18.73 8.38 9.66
CA ALA H 50 -18.93 8.59 8.23
C ALA H 50 -20.37 8.36 7.79
N GLY H 51 -21.24 7.91 8.68
CA GLY H 51 -22.63 7.68 8.34
C GLY H 51 -22.95 6.32 7.75
N GLU H 52 -22.02 5.37 7.80
CA GLU H 52 -22.30 4.04 7.26
C GLU H 52 -23.09 3.17 8.22
N ILE H 53 -22.96 3.42 9.53
CA ILE H 53 -23.78 2.77 10.54
C ILE H 53 -24.43 3.88 11.37
N ASP H 54 -25.50 3.53 12.08
CA ASP H 54 -26.25 4.54 12.81
C ASP H 54 -26.24 4.35 14.32
N ILE H 55 -26.36 3.12 14.82
CA ILE H 55 -26.40 2.86 16.25
C ILE H 55 -25.70 1.54 16.53
N TYR H 56 -24.93 1.50 17.63
CA TYR H 56 -24.17 0.32 18.01
C TYR H 56 -23.78 0.46 19.49
N PRO H 57 -23.46 -0.64 20.16
CA PRO H 57 -23.08 -0.54 21.58
C PRO H 57 -21.59 -0.24 21.74
N GLU H 58 -21.30 0.84 22.45
CA GLU H 58 -19.95 1.27 22.77
C GLU H 58 -19.80 1.31 24.29
N TYR H 59 -18.56 1.17 24.76
CA TYR H 59 -18.25 1.15 26.19
C TYR H 59 -17.75 2.51 26.65
N THR H 60 -18.21 2.94 27.83
CA THR H 60 -17.93 4.29 28.29
C THR H 60 -16.44 4.54 28.40
N GLY H 61 -15.69 3.59 28.95
CA GLY H 61 -14.26 3.78 29.12
C GLY H 61 -13.47 3.86 27.82
N ASN H 62 -14.04 3.36 26.72
CA ASN H 62 -13.33 3.42 25.45
C ASN H 62 -13.19 4.85 24.93
N ALA H 63 -13.97 5.80 25.45
CA ALA H 63 -13.79 7.19 25.07
C ALA H 63 -12.46 7.75 25.53
N ALA H 64 -11.82 7.10 26.51
CA ALA H 64 -10.47 7.50 26.90
C ALA H 64 -9.51 7.38 25.73
N PHE H 65 -9.71 6.38 24.86
CA PHE H 65 -8.81 6.17 23.74
C PHE H 65 -9.24 6.93 22.49
N PHE H 66 -10.52 7.28 22.36
CA PHE H 66 -10.95 8.08 21.21
C PHE H 66 -10.48 9.52 21.31
N PHE H 67 -10.38 10.06 22.52
CA PHE H 67 -10.20 11.49 22.74
C PHE H 67 -8.91 11.83 23.49
N ASN H 68 -7.94 10.92 23.50
CA ASN H 68 -6.60 11.18 24.02
C ASN H 68 -6.61 11.57 25.51
N LYS H 69 -7.36 10.82 26.32
CA LYS H 69 -7.32 10.94 27.78
C LYS H 69 -7.24 9.53 28.39
N ALA H 70 -6.20 8.79 28.00
CA ALA H 70 -6.15 7.36 28.23
C ALA H 70 -6.16 7.02 29.71
N ASP H 71 -5.27 7.65 30.48
CA ASP H 71 -5.01 7.25 31.85
C ASP H 71 -5.65 8.17 32.88
N ASP H 72 -6.64 8.97 32.46
CA ASP H 72 -7.27 9.90 33.39
C ASP H 72 -8.00 9.15 34.49
N PRO H 73 -7.88 9.59 35.75
CA PRO H 73 -8.60 8.93 36.84
C PRO H 73 -10.13 9.03 36.73
N LEU H 74 -10.64 9.92 35.86
CA LEU H 74 -12.08 10.09 35.73
C LEU H 74 -12.75 8.84 35.16
N TRP H 75 -12.02 8.04 34.37
CA TRP H 75 -12.61 6.83 33.81
C TRP H 75 -12.79 5.72 34.84
N LYS H 76 -12.28 5.93 36.04
CA LYS H 76 -12.46 4.98 37.12
C LYS H 76 -13.76 5.25 37.87
N ASP H 77 -14.46 6.33 37.53
CA ASP H 77 -15.73 6.66 38.15
C ASP H 77 -16.84 6.31 37.17
N PRO H 78 -17.70 5.34 37.49
CA PRO H 78 -18.71 4.91 36.49
C PRO H 78 -19.58 6.05 35.98
N ALA H 79 -20.04 6.93 36.87
CA ALA H 79 -20.89 8.03 36.44
C ALA H 79 -20.09 9.05 35.62
N LYS H 80 -18.90 9.40 36.09
CA LYS H 80 -18.07 10.37 35.39
C LYS H 80 -17.57 9.82 34.07
N ALA H 81 -17.41 8.50 33.97
CA ALA H 81 -17.03 7.90 32.70
C ALA H 81 -18.14 8.02 31.67
N TYR H 82 -19.40 7.97 32.11
CA TYR H 82 -20.52 8.06 31.16
C TYR H 82 -20.72 9.48 30.62
N GLU H 83 -20.74 10.49 31.49
CA GLU H 83 -21.03 11.85 31.01
C GLU H 83 -19.89 12.39 30.16
N THR H 84 -18.65 12.06 30.51
CA THR H 84 -17.52 12.55 29.71
C THR H 84 -17.53 11.90 28.33
N ALA H 85 -17.82 10.60 28.26
CA ALA H 85 -17.98 9.97 26.95
C ALA H 85 -19.17 10.58 26.21
N LYS H 86 -20.23 10.88 26.95
CA LYS H 86 -21.45 11.43 26.35
C LYS H 86 -21.21 12.85 25.86
N LYS H 87 -20.46 13.63 26.62
CA LYS H 87 -20.23 15.01 26.24
C LYS H 87 -19.22 15.11 25.11
N LEU H 88 -18.12 14.35 25.18
CA LEU H 88 -17.09 14.41 24.16
C LEU H 88 -17.59 13.90 22.81
N ASP H 89 -18.34 12.80 22.80
CA ASP H 89 -18.79 12.23 21.53
C ASP H 89 -19.88 13.08 20.89
N TYR H 90 -20.66 13.81 21.69
CA TYR H 90 -21.65 14.71 21.12
C TYR H 90 -21.00 15.94 20.50
N ASP H 91 -19.98 16.48 21.16
CA ASP H 91 -19.33 17.69 20.66
C ASP H 91 -18.47 17.39 19.43
N ALA H 92 -17.80 16.24 19.40
CA ALA H 92 -16.86 15.94 18.33
C ALA H 92 -17.50 15.26 17.14
N ASN H 93 -18.53 14.44 17.35
CA ASN H 93 -19.13 13.69 16.26
C ASN H 93 -20.65 13.76 16.23
N LYS H 94 -21.29 14.53 17.13
CA LYS H 94 -22.75 14.60 17.23
C LYS H 94 -23.38 13.22 17.41
N ILE H 95 -22.68 12.36 18.16
CA ILE H 95 -23.19 11.06 18.57
C ILE H 95 -23.79 11.18 19.97
N VAL H 96 -24.99 10.63 20.15
CA VAL H 96 -25.73 10.74 21.40
C VAL H 96 -25.62 9.41 22.15
N TRP H 97 -25.03 9.45 23.34
CA TRP H 97 -24.96 8.27 24.19
C TRP H 97 -26.25 8.12 24.97
N LEU H 98 -26.91 6.98 24.82
CA LEU H 98 -28.16 6.72 25.52
C LEU H 98 -27.85 6.10 26.88
N THR H 99 -28.88 5.62 27.57
CA THR H 99 -28.72 5.13 28.93
C THR H 99 -27.76 3.94 28.95
N PRO H 100 -26.75 3.93 29.81
CA PRO H 100 -25.79 2.83 29.81
C PRO H 100 -26.30 1.64 30.62
N SER H 101 -25.66 0.54 30.41
CA SER H 101 -25.90 -0.68 31.16
C SER H 101 -25.07 -0.68 32.44
N PRO H 102 -25.58 -1.27 33.53
CA PRO H 102 -24.80 -1.29 34.78
C PRO H 102 -23.57 -2.18 34.74
N ALA H 103 -23.44 -3.07 33.75
CA ALA H 103 -22.34 -4.03 33.72
C ALA H 103 -21.01 -3.33 33.49
N ASN H 104 -20.01 -3.67 34.31
CA ASN H 104 -18.67 -3.12 34.19
C ASN H 104 -17.82 -4.21 33.55
N ASN H 105 -17.65 -4.12 32.24
CA ASN H 105 -16.88 -5.12 31.49
C ASN H 105 -15.43 -4.69 31.40
N THR H 106 -14.74 -4.79 32.53
CA THR H 106 -13.34 -4.39 32.63
C THR H 106 -12.51 -5.55 33.17
N TRP H 107 -11.22 -5.31 33.30
CA TRP H 107 -10.33 -6.31 33.82
C TRP H 107 -10.68 -6.59 35.27
N GLY H 108 -10.71 -7.85 35.65
CA GLY H 108 -11.01 -8.23 37.00
C GLY H 108 -10.59 -9.65 37.28
N ILE H 109 -10.97 -10.13 38.46
CA ILE H 109 -10.64 -11.47 38.90
C ILE H 109 -11.95 -12.21 39.18
N ALA H 110 -12.06 -13.43 38.66
CA ALA H 110 -13.18 -14.30 38.95
C ALA H 110 -12.68 -15.51 39.73
N VAL H 111 -13.45 -15.91 40.74
CA VAL H 111 -13.12 -17.07 41.56
C VAL H 111 -14.23 -18.10 41.38
N ARG H 112 -13.92 -19.35 41.73
CA ARG H 112 -14.92 -20.40 41.68
C ARG H 112 -16.00 -20.17 42.72
N LYS H 113 -17.22 -20.65 42.41
CA LYS H 113 -18.37 -20.38 43.28
C LYS H 113 -18.13 -20.89 44.68
N ASP H 114 -17.49 -22.06 44.80
CA ASP H 114 -17.22 -22.63 46.11
C ASP H 114 -16.31 -21.73 46.94
N VAL H 115 -15.27 -21.17 46.31
CA VAL H 115 -14.33 -20.33 47.04
C VAL H 115 -15.01 -19.04 47.50
N ALA H 116 -15.84 -18.45 46.64
CA ALA H 116 -16.53 -17.21 47.00
C ALA H 116 -17.66 -17.45 48.00
N ASN H 117 -18.38 -18.55 47.86
CA ASN H 117 -19.54 -18.80 48.71
C ASN H 117 -19.13 -19.26 50.11
N GLU H 118 -18.15 -20.15 50.18
CA GLU H 118 -17.72 -20.70 51.45
C GLU H 118 -17.00 -19.66 52.31
N ASN H 119 -16.36 -18.69 51.67
CA ASN H 119 -15.60 -17.65 52.36
C ASN H 119 -16.26 -16.28 52.23
N LYS H 120 -17.48 -16.23 51.70
CA LYS H 120 -18.30 -15.02 51.59
C LYS H 120 -17.52 -13.89 50.92
N LEU H 121 -17.11 -14.18 49.68
CA LEU H 121 -16.39 -13.24 48.85
C LEU H 121 -17.34 -12.65 47.82
N ALA H 122 -17.56 -11.34 47.90
CA ALA H 122 -18.33 -10.62 46.92
C ALA H 122 -17.58 -9.46 46.30
N SER H 123 -16.51 -8.99 46.92
CA SER H 123 -15.74 -7.86 46.45
C SER H 123 -14.25 -8.20 46.48
N LEU H 124 -13.45 -7.34 45.86
CA LEU H 124 -12.00 -7.48 45.91
C LEU H 124 -11.43 -7.07 47.25
N SER H 125 -12.21 -6.34 48.05
CA SER H 125 -11.79 -6.04 49.42
C SER H 125 -11.82 -7.29 50.27
N ASP H 126 -12.86 -8.11 50.10
CA ASP H 126 -12.88 -9.42 50.75
C ASP H 126 -11.74 -10.30 50.26
N PHE H 127 -11.41 -10.20 48.96
CA PHE H 127 -10.33 -10.99 48.40
C PHE H 127 -9.01 -10.67 49.07
N GLY H 128 -8.75 -9.38 49.33
CA GLY H 128 -7.49 -8.99 49.94
C GLY H 128 -7.36 -9.47 51.37
N LYS H 129 -8.45 -9.37 52.14
CA LYS H 129 -8.43 -9.83 53.52
C LYS H 129 -8.46 -11.35 53.63
N TYR H 130 -8.97 -12.04 52.60
CA TYR H 130 -9.01 -13.50 52.65
C TYR H 130 -7.63 -14.12 52.46
N ILE H 131 -6.87 -13.62 51.48
CA ILE H 131 -5.55 -14.18 51.24
C ILE H 131 -4.53 -13.64 52.24
N ALA H 132 -4.66 -12.39 52.66
CA ALA H 132 -3.74 -11.86 53.66
C ALA H 132 -3.84 -12.65 54.97
N GLY H 133 -4.98 -13.30 55.21
CA GLY H 133 -5.15 -14.15 56.38
C GLY H 133 -4.84 -15.60 56.07
N GLY H 134 -4.03 -15.83 55.05
CA GLY H 134 -3.56 -17.16 54.69
C GLY H 134 -4.51 -18.04 53.89
N GLY H 135 -5.50 -17.46 53.21
CA GLY H 135 -6.38 -18.27 52.40
C GLY H 135 -5.67 -18.80 51.17
N LYS H 136 -6.08 -19.99 50.73
CA LYS H 136 -5.47 -20.59 49.56
C LYS H 136 -6.17 -20.12 48.30
N VAL H 137 -5.40 -19.47 47.42
CA VAL H 137 -5.83 -19.00 46.11
C VAL H 137 -4.68 -19.26 45.15
N VAL H 138 -5.01 -19.75 43.96
CA VAL H 138 -4.05 -19.82 42.88
C VAL H 138 -4.71 -19.14 41.69
N LEU H 139 -4.16 -18.01 41.29
CA LEU H 139 -4.76 -17.16 40.28
C LEU H 139 -4.11 -17.45 38.94
N ALA H 140 -4.92 -17.79 37.94
CA ALA H 140 -4.46 -17.98 36.57
C ALA H 140 -4.62 -16.67 35.82
N ALA H 141 -3.51 -16.14 35.33
CA ALA H 141 -3.53 -14.84 34.65
C ALA H 141 -2.39 -14.79 33.65
N SER H 142 -2.40 -13.78 32.81
CA SER H 142 -1.29 -13.62 31.88
C SER H 142 -0.14 -12.93 32.59
N SER H 143 1.07 -13.12 32.03
CA SER H 143 2.23 -12.40 32.55
C SER H 143 2.00 -10.90 32.46
N GLU H 144 1.27 -10.45 31.44
CA GLU H 144 0.93 -9.03 31.33
C GLU H 144 0.11 -8.58 32.53
N PHE H 145 -0.86 -9.40 32.96
CA PHE H 145 -1.69 -9.04 34.12
C PHE H 145 -0.85 -9.01 35.39
N VAL H 146 0.07 -9.94 35.54
CA VAL H 146 0.82 -10.06 36.79
C VAL H 146 1.87 -8.96 36.90
N ASN H 147 2.47 -8.56 35.78
CA ASN H 147 3.64 -7.69 35.78
C ASN H 147 3.30 -6.22 35.56
N SER H 148 2.35 -5.91 34.68
CA SER H 148 2.08 -4.52 34.36
C SER H 148 1.55 -3.78 35.59
N ALA H 149 2.04 -2.56 35.80
CA ALA H 149 1.75 -1.83 37.02
C ALA H 149 0.26 -1.54 37.18
N ALA H 150 -0.48 -1.47 36.08
CA ALA H 150 -1.89 -1.11 36.11
C ALA H 150 -2.81 -2.26 36.44
N ALA H 151 -2.29 -3.49 36.52
CA ALA H 151 -3.15 -4.65 36.75
C ALA H 151 -2.97 -5.22 38.15
N LEU H 152 -2.36 -6.40 38.27
CA LEU H 152 -2.28 -7.05 39.56
C LEU H 152 -1.50 -6.26 40.60
N PRO H 153 -0.34 -5.65 40.29
CA PRO H 153 0.29 -4.76 41.29
C PRO H 153 -0.63 -3.65 41.77
N ALA H 154 -1.44 -3.09 40.86
CA ALA H 154 -2.38 -2.06 41.27
C ALA H 154 -3.50 -2.64 42.13
N PHE H 155 -3.96 -3.85 41.80
CA PHE H 155 -4.92 -4.53 42.66
C PHE H 155 -4.32 -4.85 44.03
N GLN H 156 -3.06 -5.27 44.06
CA GLN H 156 -2.47 -5.71 45.32
C GLN H 156 -2.32 -4.58 46.33
N THR H 157 -1.86 -3.41 45.89
CA THR H 157 -1.69 -2.30 46.83
C THR H 157 -3.04 -1.75 47.29
N ALA H 158 -4.02 -1.69 46.41
CA ALA H 158 -5.29 -1.05 46.77
C ALA H 158 -6.08 -1.93 47.74
N TYR H 159 -5.99 -3.24 47.60
CA TYR H 159 -6.76 -4.17 48.41
C TYR H 159 -5.91 -4.90 49.44
N GLY H 160 -4.65 -4.50 49.60
CA GLY H 160 -3.81 -4.99 50.69
C GLY H 160 -3.56 -6.48 50.68
N PHE H 161 -2.97 -6.99 49.60
CA PHE H 161 -2.59 -8.39 49.54
C PHE H 161 -1.40 -8.53 48.59
N THR H 162 -0.72 -9.67 48.69
CA THR H 162 0.36 -10.00 47.78
C THR H 162 0.38 -11.50 47.54
N LEU H 163 0.38 -11.89 46.28
CA LEU H 163 0.39 -13.30 45.90
C LEU H 163 1.83 -13.77 45.73
N LYS H 164 2.18 -14.86 46.42
CA LYS H 164 3.49 -15.43 46.30
C LYS H 164 3.57 -16.19 44.99
N PRO H 165 4.79 -16.48 44.53
CA PRO H 165 4.92 -17.23 43.25
C PRO H 165 4.18 -18.56 43.23
N ASP H 166 4.08 -19.22 44.40
CA ASP H 166 3.30 -20.46 44.57
C ASP H 166 1.82 -20.30 44.26
N GLN H 167 1.31 -19.07 44.25
CA GLN H 167 -0.11 -18.87 44.04
C GLN H 167 -0.41 -18.23 42.69
N LEU H 168 0.53 -18.33 41.76
CA LEU H 168 0.38 -17.71 40.44
C LEU H 168 0.65 -18.72 39.34
N ILE H 169 -0.16 -18.63 38.29
CA ILE H 169 0.02 -19.35 37.04
C ILE H 169 0.02 -18.26 35.97
N THR H 170 1.16 -18.05 35.32
CA THR H 170 1.28 -17.02 34.29
C THR H 170 1.21 -17.71 32.93
N LEU H 171 0.19 -17.35 32.14
CA LEU H 171 0.02 -17.89 30.80
C LEU H 171 0.70 -16.97 29.79
N SER H 172 0.97 -17.51 28.59
CA SER H 172 1.73 -16.75 27.60
C SER H 172 0.89 -15.63 27.01
N GLY H 173 -0.34 -15.93 26.58
CA GLY H 173 -1.17 -14.94 25.92
C GLY H 173 -2.10 -14.22 26.88
N GLY H 174 -2.68 -13.13 26.38
CA GLY H 174 -3.66 -12.34 27.07
C GLY H 174 -5.10 -12.75 26.87
N ASP H 175 -5.35 -13.93 26.31
CA ASP H 175 -6.71 -14.41 26.09
C ASP H 175 -7.30 -14.87 27.42
N THR H 176 -8.41 -14.24 27.84
CA THR H 176 -9.00 -14.57 29.13
C THR H 176 -9.68 -15.93 29.13
N ALA H 177 -10.00 -16.48 27.96
CA ALA H 177 -10.65 -17.79 27.90
C ALA H 177 -9.74 -18.87 28.47
N ALA H 178 -8.43 -18.74 28.29
CA ALA H 178 -7.51 -19.75 28.81
C ALA H 178 -7.42 -19.70 30.33
N THR H 179 -7.36 -18.50 30.90
CA THR H 179 -7.35 -18.38 32.36
C THR H 179 -8.65 -18.93 32.94
N ILE H 180 -9.78 -18.66 32.30
CA ILE H 180 -11.07 -19.15 32.78
C ILE H 180 -11.09 -20.67 32.75
N ALA H 181 -10.56 -21.26 31.67
CA ALA H 181 -10.51 -22.71 31.56
C ALA H 181 -9.56 -23.32 32.59
N ALA H 182 -8.52 -22.59 32.99
CA ALA H 182 -7.60 -23.11 33.98
C ALA H 182 -8.26 -23.19 35.35
N ALA H 183 -9.02 -22.17 35.73
CA ALA H 183 -9.69 -22.21 37.03
C ALA H 183 -10.91 -23.13 37.00
N ALA H 184 -11.57 -23.26 35.85
CA ALA H 184 -12.73 -24.13 35.75
C ALA H 184 -12.33 -25.59 35.89
N ASN H 185 -11.17 -25.96 35.35
CA ASN H 185 -10.65 -27.33 35.47
C ASN H 185 -9.60 -27.46 36.56
N GLN H 186 -9.27 -26.37 37.26
CA GLN H 186 -8.34 -26.35 38.38
C GLN H 186 -6.96 -26.87 37.97
N THR H 187 -6.52 -26.46 36.78
CA THR H 187 -5.19 -26.84 36.33
C THR H 187 -4.14 -26.21 37.23
N ASN H 188 -3.20 -27.03 37.72
CA ASN H 188 -2.19 -26.62 38.68
C ASN H 188 -2.81 -25.96 39.91
N GLY H 189 -3.97 -26.46 40.33
CA GLY H 189 -4.60 -25.98 41.55
C GLY H 189 -5.22 -24.61 41.47
N ALA H 190 -5.45 -24.09 40.26
CA ALA H 190 -5.99 -22.74 40.13
C ALA H 190 -7.44 -22.67 40.58
N ASN H 191 -7.78 -21.62 41.31
CA ASN H 191 -9.16 -21.37 41.71
C ASN H 191 -9.61 -19.95 41.41
N ALA H 192 -8.76 -19.15 40.78
CA ALA H 192 -9.10 -17.79 40.37
C ALA H 192 -8.55 -17.58 38.97
N ALA H 193 -9.17 -16.65 38.24
CA ALA H 193 -8.83 -16.43 36.84
C ALA H 193 -8.93 -14.94 36.52
N VAL H 195 -10.16 -12.20 34.10
CA VAL H 195 -11.34 -12.21 33.24
C VAL H 195 -11.64 -10.78 32.80
N TYR H 196 -12.59 -10.68 31.88
CA TYR H 196 -13.34 -9.46 31.67
C TYR H 196 -14.75 -9.68 32.21
N GLY H 197 -15.37 -8.58 32.68
CA GLY H 197 -16.53 -8.69 33.55
C GLY H 197 -17.61 -9.64 33.05
N THR H 198 -17.94 -9.55 31.77
CA THR H 198 -19.02 -10.35 31.20
C THR H 198 -18.54 -11.41 30.22
N ASP H 199 -17.36 -11.96 30.44
CA ASP H 199 -16.84 -12.96 29.52
C ASP H 199 -17.80 -14.15 29.45
N GLY H 200 -17.95 -14.70 28.24
CA GLY H 200 -18.94 -15.74 28.01
C GLY H 200 -18.69 -17.01 28.79
N GLY H 201 -17.46 -17.26 29.21
CA GLY H 201 -17.17 -18.49 29.92
C GLY H 201 -17.41 -18.47 31.42
N ILE H 202 -17.60 -17.29 32.01
CA ILE H 202 -17.62 -17.18 33.47
C ILE H 202 -18.78 -17.98 34.06
N ALA H 203 -20.01 -17.71 33.61
CA ALA H 203 -21.16 -18.40 34.19
C ALA H 203 -21.16 -19.89 33.88
N PRO H 204 -20.96 -20.34 32.63
CA PRO H 204 -20.93 -21.80 32.39
C PRO H 204 -19.77 -22.53 33.05
N SER H 205 -18.72 -21.81 33.46
CA SER H 205 -17.60 -22.42 34.17
C SER H 205 -17.74 -22.39 35.68
N GLY H 206 -18.82 -21.81 36.21
CA GLY H 206 -19.01 -21.75 37.65
C GLY H 206 -18.09 -20.77 38.34
N LEU H 207 -17.92 -19.57 37.78
CA LEU H 207 -17.06 -18.54 38.33
C LEU H 207 -17.89 -17.32 38.71
N VAL H 208 -17.39 -16.56 39.68
CA VAL H 208 -18.02 -15.32 40.13
C VAL H 208 -16.98 -14.22 40.11
N VAL H 209 -17.35 -13.09 39.49
CA VAL H 209 -16.46 -11.93 39.41
C VAL H 209 -16.55 -11.15 40.72
N LEU H 210 -15.40 -10.80 41.28
CA LEU H 210 -15.38 -10.01 42.51
C LEU H 210 -15.32 -8.53 42.16
N GLU H 211 -16.20 -7.74 42.79
CA GLU H 211 -16.37 -6.35 42.41
C GLU H 211 -15.15 -5.52 42.81
N ASP H 212 -14.69 -4.68 41.89
CA ASP H 212 -13.58 -3.75 42.12
C ASP H 212 -14.16 -2.52 42.79
N ASP H 213 -14.42 -2.67 44.10
CA ASP H 213 -15.22 -1.68 44.82
C ASP H 213 -14.49 -0.37 45.02
N LYS H 214 -13.15 -0.39 45.07
CA LYS H 214 -12.37 0.83 45.16
C LYS H 214 -11.94 1.34 43.80
N HIS H 215 -12.43 0.72 42.72
CA HIS H 215 -12.30 1.22 41.36
C HIS H 215 -10.84 1.44 40.96
N VAL H 216 -10.11 0.33 40.90
CA VAL H 216 -8.72 0.39 40.45
C VAL H 216 -8.65 0.46 38.93
N GLN H 217 -9.53 -0.28 38.27
CA GLN H 217 -9.57 -0.33 36.82
C GLN H 217 -10.56 0.64 36.19
N PRO H 218 -10.30 1.06 34.97
CA PRO H 218 -11.23 1.95 34.29
C PRO H 218 -12.56 1.24 34.03
N VAL H 219 -13.66 1.97 34.12
CA VAL H 219 -14.97 1.40 33.90
C VAL H 219 -15.37 1.29 32.43
N TYR H 220 -15.89 0.15 32.04
CA TYR H 220 -16.34 -0.07 30.67
C TYR H 220 -17.79 -0.54 30.71
N GLN H 221 -18.70 0.43 30.72
CA GLN H 221 -20.10 0.09 30.71
C GLN H 221 -20.64 0.21 29.29
N PRO H 222 -21.30 -0.82 28.76
CA PRO H 222 -21.82 -0.74 27.40
C PRO H 222 -23.03 0.18 27.33
N ALA H 223 -23.10 0.97 26.27
CA ALA H 223 -24.23 1.87 26.08
C ALA H 223 -24.48 1.98 24.60
N PRO H 224 -25.74 2.01 24.18
CA PRO H 224 -26.04 2.26 22.76
C PRO H 224 -25.79 3.72 22.45
N ILE H 225 -25.05 3.96 21.37
CA ILE H 225 -24.80 5.32 20.90
C ILE H 225 -25.32 5.44 19.48
N ILE H 226 -25.96 6.58 19.20
CA ILE H 226 -26.70 6.77 17.96
C ILE H 226 -26.37 8.15 17.42
N ARG H 227 -26.29 8.24 16.10
CA ARG H 227 -26.04 9.52 15.45
C ARG H 227 -27.25 10.43 15.66
N GLU H 228 -26.97 11.70 15.92
CA GLU H 228 -28.07 12.61 16.19
C GLU H 228 -28.97 12.74 14.96
N GLU H 229 -28.43 12.59 13.76
CA GLU H 229 -29.30 12.71 12.57
C GLU H 229 -30.39 11.66 12.62
N VAL H 230 -30.03 10.44 13.05
CA VAL H 230 -30.96 9.34 13.06
C VAL H 230 -31.90 9.41 14.24
N LEU H 231 -31.43 9.90 15.39
CA LEU H 231 -32.26 9.81 16.58
C LEU H 231 -33.42 10.79 16.54
N LYS H 232 -33.22 12.01 16.05
CA LYS H 232 -34.35 12.93 16.03
C LYS H 232 -35.32 12.68 14.88
N LYS H 233 -34.96 11.88 13.88
CA LYS H 233 -35.99 11.60 12.90
C LYS H 233 -36.98 10.56 13.44
N ASP H 234 -36.55 9.68 14.34
CA ASP H 234 -37.45 8.81 15.11
C ASP H 234 -36.99 8.80 16.55
N PRO H 235 -37.44 9.78 17.35
CA PRO H 235 -36.88 9.99 18.70
C PRO H 235 -37.24 8.96 19.77
N LYS H 236 -38.21 8.08 19.53
CA LYS H 236 -38.60 7.12 20.57
C LYS H 236 -37.50 6.12 20.92
N ILE H 237 -36.42 6.05 20.13
CA ILE H 237 -35.35 5.08 20.37
C ILE H 237 -34.72 5.26 21.74
N GLU H 238 -34.62 6.51 22.20
CA GLU H 238 -33.99 6.76 23.49
C GLU H 238 -34.76 6.14 24.63
N GLU H 239 -36.08 6.30 24.65
CA GLU H 239 -36.85 5.89 25.82
C GLU H 239 -37.10 4.38 25.79
N LEU H 240 -37.16 3.81 24.58
CA LEU H 240 -37.40 2.39 24.37
C LEU H 240 -36.23 1.53 24.82
N LEU H 241 -35.01 2.02 24.61
CA LEU H 241 -33.80 1.32 25.00
C LEU H 241 -33.37 1.65 26.42
N LYS H 242 -34.11 2.56 27.09
CA LYS H 242 -33.71 2.98 28.45
C LYS H 242 -33.86 1.86 29.47
N PRO H 243 -35.04 1.26 29.69
CA PRO H 243 -35.12 0.18 30.68
C PRO H 243 -34.53 -1.12 30.18
N VAL H 244 -34.41 -1.30 28.86
CA VAL H 244 -33.83 -2.53 28.31
C VAL H 244 -32.39 -2.67 28.77
N PHE H 245 -31.60 -1.62 28.63
CA PHE H 245 -30.21 -1.64 29.05
C PHE H 245 -30.06 -1.48 30.56
N GLU H 246 -31.07 -0.92 31.23
CA GLU H 246 -31.00 -0.85 32.68
C GLU H 246 -31.10 -2.23 33.33
N LYS H 247 -31.71 -3.24 32.69
CA LYS H 247 -31.73 -4.56 33.33
C LYS H 247 -30.64 -5.46 32.82
N LEU H 248 -29.65 -4.93 32.12
CA LEU H 248 -28.55 -5.77 31.66
C LEU H 248 -27.39 -5.63 32.64
N ASP H 249 -27.61 -6.17 33.84
CA ASP H 249 -26.58 -6.15 34.86
C ASP H 249 -25.49 -7.17 34.51
N LEU H 250 -24.48 -7.26 35.38
CA LEU H 250 -23.33 -8.11 35.11
C LEU H 250 -23.76 -9.56 34.97
N THR H 251 -24.70 -10.00 35.80
CA THR H 251 -25.09 -11.42 35.77
C THR H 251 -25.89 -11.74 34.51
N THR H 252 -26.82 -10.86 34.13
CA THR H 252 -27.66 -11.14 32.96
C THR H 252 -26.82 -11.21 31.69
N LEU H 253 -25.94 -10.23 31.50
CA LEU H 253 -25.10 -10.22 30.31
C LEU H 253 -24.10 -11.37 30.32
N GLN H 254 -23.64 -11.79 31.50
CA GLN H 254 -22.79 -12.97 31.59
C GLN H 254 -23.50 -14.21 31.06
N ASP H 255 -24.77 -14.39 31.43
CA ASP H 255 -25.49 -15.59 31.01
C ASP H 255 -25.88 -15.54 29.54
N LEU H 256 -26.19 -14.35 29.02
CA LEU H 256 -26.51 -14.24 27.59
C LEU H 256 -25.31 -14.52 26.71
N ASN H 257 -24.14 -13.98 27.07
CA ASN H 257 -22.93 -14.26 26.30
C ASN H 257 -22.56 -15.74 26.40
N GLY H 258 -22.77 -16.34 27.57
CA GLY H 258 -22.46 -17.75 27.73
C GLY H 258 -23.37 -18.65 26.92
N ARG H 259 -24.66 -18.29 26.81
CA ARG H 259 -25.57 -19.10 26.02
C ARG H 259 -25.21 -19.02 24.54
N VAL H 260 -24.57 -17.94 24.11
CA VAL H 260 -24.13 -17.80 22.72
C VAL H 260 -22.76 -18.45 22.52
N GLN H 261 -21.80 -18.08 23.35
CA GLN H 261 -20.41 -18.47 23.11
C GLN H 261 -20.19 -19.96 23.33
N LEU H 262 -20.84 -20.54 24.34
CA LEU H 262 -20.67 -21.95 24.65
C LEU H 262 -21.94 -22.78 24.49
N GLY H 263 -23.11 -22.16 24.49
CA GLY H 263 -24.34 -22.90 24.31
C GLY H 263 -24.72 -23.07 22.86
N GLY H 264 -24.10 -22.30 21.98
CA GLY H 264 -24.36 -22.39 20.56
C GLY H 264 -25.62 -21.71 20.07
N GLU H 265 -26.39 -21.08 20.96
CA GLU H 265 -27.63 -20.46 20.53
C GLU H 265 -27.33 -19.20 19.72
N PRO H 266 -28.08 -18.91 18.67
CA PRO H 266 -27.84 -17.69 17.90
C PRO H 266 -28.15 -16.45 18.74
N ALA H 267 -27.35 -15.40 18.53
CA ALA H 267 -27.51 -14.19 19.32
C ALA H 267 -28.90 -13.58 19.15
N LYS H 268 -29.51 -13.77 17.98
CA LYS H 268 -30.85 -13.25 17.76
C LYS H 268 -31.87 -13.97 18.63
N ALA H 269 -31.73 -15.28 18.78
CA ALA H 269 -32.66 -16.03 19.60
C ALA H 269 -32.43 -15.76 21.08
N VAL H 270 -31.17 -15.56 21.48
CA VAL H 270 -30.87 -15.25 22.87
C VAL H 270 -31.37 -13.85 23.22
N ALA H 271 -31.28 -12.92 22.27
CA ALA H 271 -31.79 -11.57 22.50
C ALA H 271 -33.29 -11.57 22.66
N GLU H 272 -34.00 -12.32 21.80
CA GLU H 272 -35.46 -12.34 21.90
C GLU H 272 -35.94 -13.02 23.17
N ASP H 273 -35.19 -13.99 23.70
CA ASP H 273 -35.57 -14.59 24.97
C ASP H 273 -35.47 -13.59 26.11
N PHE H 274 -34.37 -12.83 26.17
CA PHE H 274 -34.20 -11.85 27.24
C PHE H 274 -35.29 -10.79 27.21
N LEU H 275 -35.69 -10.34 26.01
CA LEU H 275 -36.67 -9.27 25.95
C LEU H 275 -38.08 -9.75 26.29
N LYS H 276 -38.46 -10.95 25.83
CA LYS H 276 -39.80 -11.44 26.14
C LYS H 276 -39.92 -11.77 27.63
N LYS H 277 -38.89 -12.36 28.24
CA LYS H 277 -38.94 -12.69 29.66
C LYS H 277 -38.98 -11.46 30.54
N ASN H 278 -38.44 -10.33 30.07
CA ASN H 278 -38.45 -9.08 30.83
C ASN H 278 -39.54 -8.15 30.35
N GLY H 279 -40.45 -8.62 29.50
CA GLY H 279 -41.62 -7.86 29.15
C GLY H 279 -41.41 -6.76 28.13
N PHE H 280 -40.29 -6.73 27.44
CA PHE H 280 -40.06 -5.68 26.46
C PHE H 280 -40.55 -6.08 25.08
N LEU H 281 -40.87 -7.36 24.87
CA LEU H 281 -41.33 -7.82 23.60
C LEU H 281 -42.62 -8.61 23.85
#